data_7NN6
#
_entry.id   7NN6
#
_entity_poly.entity_id   1
_entity_poly.type   'polypeptide(L)'
_entity_poly.pdbx_seq_one_letter_code
;MRGSHHHHHHGSPSQTSFKPLTVVDGVAVNMPNNHPDLSNWLPSIELCVKKYNEKHTGGLKPIEVIATGGQNNQLTLNYI
HSPEVSGENITLRIVANPNDAIKVCE
;
_entity_poly.pdbx_strand_id   A
#
# COMPACT_ATOMS: atom_id res chain seq x y z
N PRO A 13 16.40 -5.11 -1.69
CA PRO A 13 15.73 -4.24 -2.67
C PRO A 13 16.13 -4.58 -4.11
N SER A 14 15.20 -4.41 -5.03
CA SER A 14 15.46 -4.70 -6.44
C SER A 14 14.48 -3.93 -7.34
N GLN A 15 14.89 -3.73 -8.59
CA GLN A 15 14.04 -3.02 -9.55
C GLN A 15 12.71 -3.70 -9.72
N THR A 16 11.66 -2.91 -9.93
CA THR A 16 10.31 -3.44 -10.11
C THR A 16 9.43 -2.46 -10.88
N SER A 17 8.48 -3.00 -11.64
CA SER A 17 7.58 -2.17 -12.43
C SER A 17 6.38 -1.72 -11.60
N PHE A 18 6.66 -0.98 -10.53
CA PHE A 18 5.61 -0.49 -9.65
C PHE A 18 5.79 1.00 -9.36
N LYS A 19 4.68 1.70 -9.18
CA LYS A 19 4.71 3.13 -8.89
C LYS A 19 3.97 3.45 -7.60
N PRO A 20 4.36 4.55 -6.94
CA PRO A 20 3.75 4.99 -5.69
C PRO A 20 2.32 5.49 -5.88
N LEU A 21 1.47 5.28 -4.88
CA LEU A 21 0.09 5.71 -4.95
C LEU A 21 -0.25 6.61 -3.76
N THR A 22 -0.03 6.10 -2.55
CA THR A 22 -0.32 6.85 -1.34
C THR A 22 0.45 6.30 -0.15
N VAL A 23 0.69 7.15 0.84
CA VAL A 23 1.42 6.74 2.03
C VAL A 23 0.56 6.88 3.28
N VAL A 24 0.52 5.83 4.10
CA VAL A 24 -0.27 5.85 5.33
C VAL A 24 0.61 5.56 6.55
N ASP A 25 0.72 6.54 7.43
CA ASP A 25 1.53 6.39 8.64
C ASP A 25 3.01 6.47 8.31
N GLY A 26 3.33 6.58 7.03
CA GLY A 26 4.72 6.66 6.61
C GLY A 26 5.14 5.47 5.77
N VAL A 27 4.17 4.79 5.17
CA VAL A 27 4.44 3.63 4.34
C VAL A 27 4.00 3.86 2.90
N ALA A 28 4.96 4.13 2.02
CA ALA A 28 4.67 4.37 0.61
C ALA A 28 4.02 3.14 -0.03
N VAL A 29 2.74 3.27 -0.37
CA VAL A 29 2.00 2.17 -0.99
C VAL A 29 2.05 2.27 -2.51
N ASN A 30 2.74 1.33 -3.15
CA ASN A 30 2.86 1.31 -4.60
C ASN A 30 1.85 0.35 -5.21
N MET A 31 1.60 0.51 -6.51
CA MET A 31 0.66 -0.35 -7.22
C MET A 31 1.25 -0.82 -8.55
N PRO A 32 0.73 -1.94 -9.06
CA PRO A 32 1.19 -2.52 -10.33
C PRO A 32 0.80 -1.68 -11.53
N ASN A 33 1.79 -1.30 -12.33
CA ASN A 33 1.55 -0.48 -13.51
C ASN A 33 0.57 -1.17 -14.45
N ASN A 34 0.60 -2.50 -14.47
CA ASN A 34 -0.28 -3.29 -15.32
C ASN A 34 -1.65 -3.47 -14.67
N HIS A 35 -2.27 -2.36 -14.26
CA HIS A 35 -3.58 -2.40 -13.63
C HIS A 35 -4.24 -1.03 -13.68
N PRO A 36 -5.58 -1.01 -13.51
CA PRO A 36 -6.36 0.22 -13.53
C PRO A 36 -6.10 1.10 -12.31
N ASP A 37 -6.87 2.16 -12.18
CA ASP A 37 -6.72 3.08 -11.06
C ASP A 37 -7.37 2.51 -9.80
N LEU A 38 -6.80 2.84 -8.64
CA LEU A 38 -7.31 2.36 -7.37
C LEU A 38 -7.89 3.51 -6.54
N SER A 39 -8.78 4.28 -7.17
CA SER A 39 -9.40 5.41 -6.49
C SER A 39 -10.33 4.94 -5.37
N ASN A 40 -11.08 3.88 -5.65
CA ASN A 40 -12.00 3.32 -4.66
C ASN A 40 -11.25 2.51 -3.61
N TRP A 41 -10.14 1.91 -4.01
CA TRP A 41 -9.33 1.10 -3.10
C TRP A 41 -8.43 1.99 -2.25
N LEU A 42 -8.28 3.25 -2.67
CA LEU A 42 -7.44 4.20 -1.96
C LEU A 42 -7.81 4.24 -0.47
N PRO A 43 -9.08 4.56 -0.18
CA PRO A 43 -9.58 4.64 1.19
C PRO A 43 -9.67 3.26 1.85
N SER A 44 -9.90 2.23 1.04
CA SER A 44 -10.01 0.87 1.55
C SER A 44 -8.66 0.36 2.04
N ILE A 45 -7.61 0.68 1.29
CA ILE A 45 -6.25 0.25 1.65
C ILE A 45 -5.67 1.15 2.73
N GLU A 46 -5.76 2.46 2.53
CA GLU A 46 -5.23 3.42 3.49
C GLU A 46 -5.74 3.11 4.90
N LEU A 47 -6.95 2.57 4.98
CA LEU A 47 -7.54 2.22 6.27
C LEU A 47 -7.04 0.86 6.76
N CYS A 48 -6.93 -0.08 5.84
CA CYS A 48 -6.45 -1.42 6.17
C CYS A 48 -5.00 -1.37 6.65
N VAL A 49 -4.14 -0.75 5.87
CA VAL A 49 -2.73 -0.63 6.21
C VAL A 49 -2.55 0.04 7.57
N LYS A 50 -3.42 1.00 7.87
CA LYS A 50 -3.36 1.73 9.13
C LYS A 50 -3.29 0.76 10.30
N LYS A 51 -3.98 -0.37 10.18
CA LYS A 51 -4.00 -1.38 11.23
C LYS A 51 -2.60 -1.94 11.48
N TYR A 52 -1.96 -2.39 10.40
CA TYR A 52 -0.61 -2.95 10.49
C TYR A 52 0.37 -1.92 11.03
N ASN A 53 0.24 -0.68 10.56
CA ASN A 53 1.12 0.39 10.99
C ASN A 53 0.92 0.70 12.48
N GLU A 54 -0.32 0.55 12.94
CA GLU A 54 -0.65 0.80 14.34
C GLU A 54 0.15 -0.11 15.26
N LYS A 55 0.16 -1.40 14.94
CA LYS A 55 0.88 -2.38 15.75
C LYS A 55 2.39 -2.21 15.59
N HIS A 56 2.82 -1.83 14.39
CA HIS A 56 4.24 -1.62 14.11
C HIS A 56 4.53 -0.15 13.88
N THR A 57 5.02 0.53 14.92
CA THR A 57 5.35 1.94 14.83
C THR A 57 6.82 2.15 14.49
N GLY A 58 7.13 3.31 13.91
CA GLY A 58 8.50 3.61 13.54
C GLY A 58 9.08 2.59 12.59
N GLY A 59 10.36 2.28 12.75
CA GLY A 59 11.01 1.32 11.88
C GLY A 59 10.24 0.02 11.78
N LEU A 60 9.52 -0.33 12.84
CA LEU A 60 8.73 -1.55 12.87
C LEU A 60 7.86 -1.67 11.63
N LYS A 61 7.19 -0.58 11.28
CA LYS A 61 6.32 -0.55 10.12
C LYS A 61 7.08 -0.95 8.85
N PRO A 62 6.34 -1.46 7.86
CA PRO A 62 6.93 -1.89 6.58
C PRO A 62 7.43 -0.72 5.75
N ILE A 63 8.43 -0.97 4.91
CA ILE A 63 8.99 0.06 4.06
C ILE A 63 8.01 0.49 2.98
N GLU A 64 7.53 -0.47 2.20
CA GLU A 64 6.57 -0.19 1.13
C GLU A 64 5.45 -1.22 1.13
N VAL A 65 4.35 -0.88 0.46
CA VAL A 65 3.20 -1.78 0.37
C VAL A 65 2.70 -1.88 -1.05
N ILE A 66 2.76 -3.09 -1.61
CA ILE A 66 2.31 -3.32 -2.98
C ILE A 66 0.83 -3.70 -3.01
N ALA A 67 -0.02 -2.73 -3.34
CA ALA A 67 -1.45 -2.96 -3.41
C ALA A 67 -1.89 -3.31 -4.82
N THR A 68 -2.65 -4.39 -4.95
CA THR A 68 -3.13 -4.85 -6.25
C THR A 68 -4.64 -5.04 -6.24
N GLY A 69 -5.19 -5.46 -7.38
CA GLY A 69 -6.62 -5.69 -7.48
C GLY A 69 -7.34 -4.53 -8.15
N GLY A 70 -7.64 -4.70 -9.43
CA GLY A 70 -8.34 -3.65 -10.17
C GLY A 70 -9.85 -3.85 -10.17
N GLN A 71 -10.31 -4.85 -10.91
CA GLN A 71 -11.74 -5.13 -10.99
C GLN A 71 -12.03 -6.56 -10.54
N ASN A 72 -13.28 -6.99 -10.72
CA ASN A 72 -13.69 -8.33 -10.33
C ASN A 72 -13.54 -8.54 -8.83
N ASN A 73 -13.82 -7.48 -8.06
CA ASN A 73 -13.71 -7.54 -6.61
C ASN A 73 -12.37 -8.10 -6.18
N GLN A 74 -11.32 -7.75 -6.93
CA GLN A 74 -9.98 -8.21 -6.63
C GLN A 74 -9.34 -7.36 -5.53
N LEU A 75 -8.91 -8.01 -4.46
CA LEU A 75 -8.29 -7.31 -3.34
C LEU A 75 -7.12 -8.12 -2.77
N THR A 76 -5.90 -7.72 -3.13
CA THR A 76 -4.71 -8.39 -2.67
C THR A 76 -3.60 -7.40 -2.33
N LEU A 77 -3.02 -7.55 -1.15
CA LEU A 77 -1.95 -6.67 -0.70
C LEU A 77 -0.65 -7.44 -0.49
N ASN A 78 0.43 -6.71 -0.29
CA ASN A 78 1.74 -7.32 -0.08
C ASN A 78 2.64 -6.42 0.76
N TYR A 79 3.19 -6.97 1.84
CA TYR A 79 4.07 -6.22 2.71
C TYR A 79 5.53 -6.37 2.30
N ILE A 80 6.09 -5.31 1.74
CA ILE A 80 7.49 -5.32 1.30
C ILE A 80 8.33 -4.34 2.11
N HIS A 81 9.49 -4.81 2.55
CA HIS A 81 10.39 -3.97 3.34
C HIS A 81 11.74 -3.83 2.64
N SER A 82 11.82 -2.90 1.69
CA SER A 82 13.05 -2.66 0.95
C SER A 82 13.04 -1.28 0.31
N PRO A 83 13.66 -0.31 0.98
CA PRO A 83 13.74 1.07 0.49
C PRO A 83 14.65 1.21 -0.72
N GLU A 84 14.16 1.89 -1.75
CA GLU A 84 14.94 2.09 -2.97
C GLU A 84 14.56 3.40 -3.63
N VAL A 85 15.39 3.85 -4.57
CA VAL A 85 15.16 5.09 -5.29
C VAL A 85 13.74 5.13 -5.87
N SER A 86 13.11 6.29 -5.79
CA SER A 86 11.76 6.46 -6.30
C SER A 86 11.31 7.91 -6.20
N GLY A 87 10.08 8.18 -6.63
CA GLY A 87 9.56 9.54 -6.58
C GLY A 87 8.12 9.61 -7.05
N GLU A 88 7.48 10.75 -6.82
CA GLU A 88 6.10 10.96 -7.20
C GLU A 88 5.94 12.20 -8.07
N ASN A 89 4.70 12.60 -8.31
CA ASN A 89 4.42 13.77 -9.14
C ASN A 89 3.74 14.86 -8.32
N ILE A 90 2.45 14.65 -8.02
CA ILE A 90 1.68 15.61 -7.25
C ILE A 90 0.28 15.08 -6.96
N THR A 91 -0.27 15.45 -5.81
CA THR A 91 -1.60 15.02 -5.41
C THR A 91 -2.30 16.08 -4.56
N LEU A 92 -3.61 16.19 -4.73
CA LEU A 92 -4.39 17.17 -3.97
C LEU A 92 -5.23 16.48 -2.90
N ARG A 93 -6.30 15.82 -3.32
CA ARG A 93 -7.18 15.11 -2.40
C ARG A 93 -8.15 14.21 -3.15
N ILE A 94 -8.87 13.37 -2.42
CA ILE A 94 -9.84 12.46 -3.01
C ILE A 94 -11.22 12.67 -2.42
N VAL A 95 -11.27 12.95 -1.13
CA VAL A 95 -12.54 13.18 -0.44
C VAL A 95 -13.51 12.03 -0.67
N ALA A 96 -13.20 10.87 -0.07
CA ALA A 96 -14.04 9.69 -0.21
C ALA A 96 -13.92 8.78 0.99
N ASN A 97 -14.98 8.03 1.29
CA ASN A 97 -14.98 7.11 2.42
C ASN A 97 -16.20 6.19 2.37
N PRO A 98 -16.17 5.22 1.44
CA PRO A 98 -17.26 4.26 1.27
C PRO A 98 -17.35 3.28 2.43
N ASN A 99 -18.57 2.94 2.82
CA ASN A 99 -18.80 2.01 3.92
C ASN A 99 -19.09 0.61 3.39
N ASP A 100 -18.77 -0.40 4.21
CA ASP A 100 -19.00 -1.79 3.83
C ASP A 100 -18.92 -2.70 5.04
N ALA A 101 -19.97 -3.49 5.25
CA ALA A 101 -20.02 -4.42 6.38
C ALA A 101 -18.99 -5.52 6.22
N ILE A 102 -19.12 -6.29 5.14
CA ILE A 102 -18.20 -7.40 4.87
C ILE A 102 -16.94 -6.90 4.18
N LYS A 103 -15.93 -6.55 4.97
CA LYS A 103 -14.66 -6.07 4.43
C LYS A 103 -13.68 -7.21 4.23
N VAL A 104 -13.63 -7.74 3.01
CA VAL A 104 -12.73 -8.84 2.68
C VAL A 104 -11.29 -8.50 3.05
N CYS A 105 -10.92 -7.23 2.89
CA CYS A 105 -9.58 -6.77 3.21
C CYS A 105 -9.22 -7.13 4.65
N GLU A 106 -9.94 -6.53 5.60
CA GLU A 106 -9.69 -6.78 7.02
C GLU A 106 -10.60 -7.87 7.55
N PRO A 13 15.12 -3.73 -3.17
CA PRO A 13 14.55 -2.40 -3.38
C PRO A 13 14.51 -2.01 -4.86
N SER A 14 15.54 -2.41 -5.60
CA SER A 14 15.62 -2.10 -7.02
C SER A 14 15.11 -3.26 -7.86
N GLN A 15 15.07 -3.07 -9.17
CA GLN A 15 14.60 -4.10 -10.09
C GLN A 15 13.13 -4.43 -9.83
N THR A 16 12.26 -3.46 -10.10
CA THR A 16 10.83 -3.65 -9.90
C THR A 16 10.02 -2.87 -10.93
N SER A 17 8.71 -3.10 -10.95
CA SER A 17 7.83 -2.43 -11.90
C SER A 17 6.59 -1.90 -11.20
N PHE A 18 6.79 -1.19 -10.09
CA PHE A 18 5.68 -0.64 -9.32
C PHE A 18 5.88 0.85 -9.09
N LYS A 19 4.77 1.59 -9.03
CA LYS A 19 4.82 3.04 -8.81
C LYS A 19 4.09 3.42 -7.53
N PRO A 20 4.49 4.55 -6.93
CA PRO A 20 3.89 5.05 -5.69
C PRO A 20 2.47 5.56 -5.91
N LEU A 21 1.59 5.30 -4.94
CA LEU A 21 0.20 5.73 -5.04
C LEU A 21 -0.15 6.66 -3.89
N THR A 22 0.08 6.21 -2.66
CA THR A 22 -0.21 7.00 -1.47
C THR A 22 0.52 6.46 -0.25
N VAL A 23 0.76 7.33 0.72
CA VAL A 23 1.46 6.94 1.94
C VAL A 23 0.55 7.08 3.16
N VAL A 24 0.50 6.04 3.98
CA VAL A 24 -0.33 6.06 5.19
C VAL A 24 0.52 5.81 6.43
N ASP A 25 0.63 6.83 7.28
CA ASP A 25 1.41 6.73 8.50
C ASP A 25 2.90 6.79 8.21
N GLY A 26 3.25 6.78 6.93
CA GLY A 26 4.64 6.84 6.54
C GLY A 26 5.07 5.64 5.72
N VAL A 27 4.10 4.96 5.12
CA VAL A 27 4.36 3.78 4.30
C VAL A 27 3.95 4.01 2.84
N ALA A 28 4.91 4.32 1.99
CA ALA A 28 4.65 4.56 0.59
C ALA A 28 4.01 3.34 -0.07
N VAL A 29 2.69 3.35 -0.19
CA VAL A 29 1.97 2.24 -0.80
C VAL A 29 2.02 2.32 -2.32
N ASN A 30 2.77 1.41 -2.92
CA ASN A 30 2.91 1.37 -4.38
C ASN A 30 1.87 0.44 -4.99
N MET A 31 1.57 0.66 -6.27
CA MET A 31 0.60 -0.15 -6.99
C MET A 31 1.19 -0.71 -8.27
N PRO A 32 0.64 -1.85 -8.73
CA PRO A 32 1.10 -2.51 -9.95
C PRO A 32 0.75 -1.72 -11.21
N ASN A 33 1.76 -1.48 -12.05
CA ASN A 33 1.55 -0.73 -13.28
C ASN A 33 0.56 -1.45 -14.20
N ASN A 34 0.56 -2.78 -14.14
CA ASN A 34 -0.33 -3.58 -14.96
C ASN A 34 -1.71 -3.69 -14.31
N HIS A 35 -2.30 -2.55 -14.00
CA HIS A 35 -3.63 -2.51 -13.38
C HIS A 35 -4.27 -1.14 -13.54
N PRO A 36 -5.60 -1.08 -13.39
CA PRO A 36 -6.36 0.17 -13.51
C PRO A 36 -6.10 1.11 -12.35
N ASP A 37 -6.96 2.12 -12.22
CA ASP A 37 -6.82 3.10 -11.14
C ASP A 37 -7.37 2.55 -9.83
N LEU A 38 -6.79 2.98 -8.72
CA LEU A 38 -7.23 2.53 -7.40
C LEU A 38 -7.83 3.68 -6.60
N SER A 39 -8.67 4.47 -7.26
CA SER A 39 -9.34 5.60 -6.62
C SER A 39 -10.29 5.12 -5.53
N ASN A 40 -11.10 4.13 -5.86
CA ASN A 40 -12.06 3.58 -4.91
C ASN A 40 -11.37 2.72 -3.86
N TRP A 41 -10.28 2.07 -4.26
CA TRP A 41 -9.52 1.22 -3.35
C TRP A 41 -8.58 2.05 -2.48
N LEU A 42 -8.37 3.30 -2.88
CA LEU A 42 -7.49 4.20 -2.13
C LEU A 42 -7.86 4.22 -0.66
N PRO A 43 -9.13 4.58 -0.37
CA PRO A 43 -9.64 4.65 1.00
C PRO A 43 -9.78 3.27 1.63
N SER A 44 -10.02 2.26 0.81
CA SER A 44 -10.18 0.90 1.30
C SER A 44 -8.85 0.34 1.79
N ILE A 45 -7.79 0.64 1.04
CA ILE A 45 -6.45 0.16 1.41
C ILE A 45 -5.85 1.02 2.51
N GLU A 46 -5.89 2.34 2.33
CA GLU A 46 -5.35 3.26 3.31
C GLU A 46 -5.88 2.95 4.70
N LEU A 47 -7.11 2.46 4.76
CA LEU A 47 -7.74 2.12 6.03
C LEU A 47 -7.23 0.78 6.55
N CYS A 48 -6.95 -0.14 5.64
CA CYS A 48 -6.45 -1.46 6.00
C CYS A 48 -5.01 -1.39 6.45
N VAL A 49 -4.16 -0.78 5.64
CA VAL A 49 -2.74 -0.64 5.95
C VAL A 49 -2.55 0.09 7.29
N LYS A 50 -3.46 1.01 7.59
CA LYS A 50 -3.38 1.77 8.83
C LYS A 50 -3.28 0.84 10.04
N LYS A 51 -3.96 -0.30 9.96
CA LYS A 51 -3.94 -1.28 11.04
C LYS A 51 -2.57 -1.95 11.14
N TYR A 52 -2.01 -2.33 9.99
CA TYR A 52 -0.71 -2.98 9.95
C TYR A 52 0.35 -2.10 10.62
N ASN A 53 0.23 -0.79 10.45
CA ASN A 53 1.18 0.15 11.03
C ASN A 53 0.99 0.24 12.55
N GLU A 54 -0.26 0.14 12.99
CA GLU A 54 -0.57 0.22 14.41
C GLU A 54 0.15 -0.87 15.19
N LYS A 55 0.29 -2.04 14.57
CA LYS A 55 0.96 -3.16 15.20
C LYS A 55 2.47 -3.10 14.98
N HIS A 56 2.87 -2.62 13.80
CA HIS A 56 4.29 -2.50 13.47
C HIS A 56 4.73 -1.04 13.56
N THR A 57 5.31 -0.67 14.69
CA THR A 57 5.79 0.70 14.90
C THR A 57 7.29 0.71 15.22
N GLY A 58 7.94 1.82 14.87
CA GLY A 58 9.37 1.94 15.12
C GLY A 58 10.16 0.81 14.52
N GLY A 59 10.59 0.97 13.27
CA GLY A 59 11.37 -0.05 12.60
C GLY A 59 10.49 -1.14 12.02
N LEU A 60 9.66 -1.75 12.86
CA LEU A 60 8.76 -2.81 12.41
C LEU A 60 7.97 -2.38 11.18
N LYS A 61 7.62 -1.10 11.13
CA LYS A 61 6.86 -0.56 10.00
C LYS A 61 7.51 -0.93 8.68
N PRO A 62 6.69 -1.39 7.73
CA PRO A 62 7.16 -1.79 6.39
C PRO A 62 7.63 -0.59 5.56
N ILE A 63 8.60 -0.83 4.69
CA ILE A 63 9.13 0.23 3.84
C ILE A 63 8.11 0.64 2.79
N GLU A 64 7.65 -0.32 1.99
CA GLU A 64 6.67 -0.06 0.95
C GLU A 64 5.59 -1.13 0.92
N VAL A 65 4.36 -0.72 0.65
CA VAL A 65 3.23 -1.65 0.60
C VAL A 65 2.68 -1.76 -0.81
N ILE A 66 2.75 -2.96 -1.37
CA ILE A 66 2.25 -3.20 -2.72
C ILE A 66 0.77 -3.54 -2.71
N ALA A 67 -0.06 -2.55 -3.03
CA ALA A 67 -1.51 -2.74 -3.06
C ALA A 67 -1.99 -3.08 -4.46
N THR A 68 -2.84 -4.10 -4.56
CA THR A 68 -3.36 -4.53 -5.85
C THR A 68 -4.88 -4.75 -5.77
N GLY A 69 -5.53 -4.77 -6.94
CA GLY A 69 -6.95 -4.97 -6.98
C GLY A 69 -7.65 -3.98 -7.90
N GLY A 70 -7.75 -4.32 -9.17
CA GLY A 70 -8.39 -3.44 -10.13
C GLY A 70 -9.90 -3.42 -9.97
N GLN A 71 -10.61 -3.28 -11.08
CA GLN A 71 -12.07 -3.24 -11.07
C GLN A 71 -12.65 -4.61 -11.37
N ASN A 72 -12.30 -5.60 -10.56
CA ASN A 72 -12.79 -6.96 -10.74
C ASN A 72 -13.05 -7.64 -9.41
N ASN A 73 -13.49 -6.85 -8.43
CA ASN A 73 -13.78 -7.37 -7.10
C ASN A 73 -12.60 -8.17 -6.56
N GLN A 74 -11.42 -7.54 -6.54
CA GLN A 74 -10.22 -8.19 -6.04
C GLN A 74 -9.62 -7.41 -4.88
N LEU A 75 -9.02 -8.13 -3.94
CA LEU A 75 -8.40 -7.51 -2.77
C LEU A 75 -7.17 -8.29 -2.32
N THR A 76 -5.99 -7.79 -2.69
CA THR A 76 -4.74 -8.44 -2.33
C THR A 76 -3.67 -7.41 -1.96
N LEU A 77 -2.99 -7.65 -0.84
CA LEU A 77 -1.95 -6.75 -0.38
C LEU A 77 -0.63 -7.49 -0.16
N ASN A 78 0.46 -6.74 -0.05
CA ASN A 78 1.78 -7.33 0.16
C ASN A 78 2.68 -6.38 0.93
N TYR A 79 3.44 -6.93 1.88
CA TYR A 79 4.35 -6.13 2.69
C TYR A 79 5.79 -6.29 2.20
N ILE A 80 6.41 -5.17 1.85
CA ILE A 80 7.78 -5.18 1.36
C ILE A 80 8.66 -4.22 2.18
N HIS A 81 9.89 -4.66 2.45
CA HIS A 81 10.83 -3.84 3.22
C HIS A 81 12.17 -3.72 2.50
N SER A 82 12.31 -2.69 1.68
CA SER A 82 13.55 -2.48 0.94
C SER A 82 13.69 -1.00 0.55
N PRO A 83 14.34 -0.23 1.43
CA PRO A 83 14.56 1.20 1.20
C PRO A 83 15.57 1.47 0.09
N GLU A 84 15.15 2.22 -0.92
CA GLU A 84 16.03 2.54 -2.05
C GLU A 84 16.64 3.93 -1.88
N VAL A 85 17.59 4.26 -2.75
CA VAL A 85 18.26 5.55 -2.71
C VAL A 85 17.92 6.38 -3.94
N SER A 86 16.64 6.50 -4.24
CA SER A 86 16.18 7.26 -5.39
C SER A 86 15.24 8.39 -4.97
N GLY A 87 15.66 9.63 -5.20
CA GLY A 87 14.85 10.77 -4.84
C GLY A 87 14.59 10.84 -3.34
N GLU A 88 15.57 10.41 -2.56
CA GLU A 88 15.44 10.42 -1.10
C GLU A 88 16.66 11.08 -0.46
N ASN A 89 16.58 12.40 -0.26
CA ASN A 89 17.68 13.13 0.35
C ASN A 89 17.31 13.60 1.75
N ILE A 90 16.07 14.04 1.92
CA ILE A 90 15.59 14.50 3.21
C ILE A 90 15.87 13.48 4.31
N THR A 91 15.76 12.20 3.95
CA THR A 91 16.01 11.12 4.90
C THR A 91 17.35 11.30 5.60
N LEU A 92 17.52 10.59 6.72
CA LEU A 92 18.76 10.68 7.49
C LEU A 92 19.69 9.53 7.13
N ARG A 93 19.21 8.30 7.28
CA ARG A 93 20.01 7.12 6.97
C ARG A 93 19.12 5.94 6.60
N ILE A 94 19.70 4.95 5.94
CA ILE A 94 18.95 3.77 5.52
C ILE A 94 19.65 2.49 5.98
N VAL A 95 18.86 1.51 6.42
CA VAL A 95 19.42 0.24 6.88
C VAL A 95 18.52 -0.92 6.46
N ALA A 96 19.13 -2.03 6.07
CA ALA A 96 18.39 -3.21 5.66
C ALA A 96 17.62 -3.82 6.82
N ASN A 97 16.52 -4.50 6.52
CA ASN A 97 15.70 -5.12 7.55
C ASN A 97 15.83 -6.64 7.51
N PRO A 98 15.47 -7.29 8.62
CA PRO A 98 15.54 -8.75 8.74
C PRO A 98 14.52 -9.46 7.86
N ASN A 99 14.52 -10.80 7.91
CA ASN A 99 13.59 -11.58 7.13
C ASN A 99 12.17 -11.49 7.69
N ASP A 100 11.19 -11.38 6.81
CA ASP A 100 9.79 -11.29 7.23
C ASP A 100 8.87 -11.90 6.17
N ALA A 101 7.88 -12.67 6.64
CA ALA A 101 6.93 -13.31 5.74
C ALA A 101 5.80 -12.36 5.38
N ILE A 102 4.86 -12.85 4.58
CA ILE A 102 3.71 -12.06 4.16
C ILE A 102 2.41 -12.62 4.72
N LYS A 103 1.53 -11.73 5.17
CA LYS A 103 0.24 -12.13 5.72
C LYS A 103 -0.88 -11.27 5.18
N VAL A 104 -2.09 -11.81 5.17
CA VAL A 104 -3.25 -11.09 4.67
C VAL A 104 -3.67 -9.99 5.64
N CYS A 105 -4.18 -8.89 5.09
CA CYS A 105 -4.63 -7.76 5.90
C CYS A 105 -5.64 -8.20 6.94
N GLU A 106 -5.18 -8.35 8.19
CA GLU A 106 -6.05 -8.77 9.28
C GLU A 106 -5.91 -7.84 10.48
N PRO A 13 16.01 -5.55 -1.09
CA PRO A 13 15.76 -4.59 -2.15
C PRO A 13 16.27 -5.07 -3.51
N SER A 14 15.54 -4.73 -4.56
CA SER A 14 15.91 -5.14 -5.92
C SER A 14 14.97 -4.51 -6.94
N GLN A 15 15.25 -4.77 -8.22
CA GLN A 15 14.44 -4.23 -9.30
C GLN A 15 12.96 -4.53 -9.07
N THR A 16 12.10 -3.69 -9.65
CA THR A 16 10.65 -3.87 -9.51
C THR A 16 9.90 -3.06 -10.56
N SER A 17 8.60 -3.33 -10.68
CA SER A 17 7.76 -2.64 -11.65
C SER A 17 6.51 -2.09 -10.99
N PHE A 18 6.68 -1.32 -9.93
CA PHE A 18 5.56 -0.75 -9.20
C PHE A 18 5.80 0.74 -8.94
N LYS A 19 4.72 1.52 -8.97
CA LYS A 19 4.80 2.96 -8.73
C LYS A 19 4.06 3.34 -7.45
N PRO A 20 4.48 4.46 -6.84
CA PRO A 20 3.86 4.96 -5.59
C PRO A 20 2.46 5.50 -5.84
N LEU A 21 1.57 5.29 -4.87
CA LEU A 21 0.20 5.77 -4.97
C LEU A 21 -0.15 6.70 -3.81
N THR A 22 0.04 6.20 -2.59
CA THR A 22 -0.24 7.00 -1.40
C THR A 22 0.50 6.45 -0.18
N VAL A 23 0.77 7.32 0.79
CA VAL A 23 1.48 6.93 2.00
C VAL A 23 0.60 7.11 3.22
N VAL A 24 0.43 6.04 3.99
CA VAL A 24 -0.38 6.08 5.20
C VAL A 24 0.42 5.64 6.41
N ASP A 25 0.55 6.54 7.38
CA ASP A 25 1.30 6.25 8.61
C ASP A 25 2.81 6.32 8.35
N GLY A 26 3.18 6.54 7.10
CA GLY A 26 4.58 6.62 6.74
C GLY A 26 5.03 5.45 5.89
N VAL A 27 4.09 4.86 5.16
CA VAL A 27 4.40 3.72 4.30
C VAL A 27 3.97 3.99 2.86
N ALA A 28 4.94 4.25 2.00
CA ALA A 28 4.66 4.52 0.59
C ALA A 28 4.01 3.31 -0.09
N VAL A 29 2.69 3.34 -0.20
CA VAL A 29 1.96 2.25 -0.83
C VAL A 29 2.01 2.35 -2.35
N ASN A 30 2.65 1.38 -2.98
CA ASN A 30 2.77 1.35 -4.44
C ASN A 30 1.74 0.41 -5.06
N MET A 31 1.46 0.62 -6.34
CA MET A 31 0.49 -0.22 -7.05
C MET A 31 1.11 -0.78 -8.32
N PRO A 32 0.55 -1.91 -8.80
CA PRO A 32 1.02 -2.58 -10.01
C PRO A 32 0.70 -1.78 -11.27
N ASN A 33 1.74 -1.49 -12.06
CA ASN A 33 1.57 -0.74 -13.30
C ASN A 33 0.59 -1.43 -14.24
N ASN A 34 0.55 -2.76 -14.17
CA ASN A 34 -0.34 -3.55 -15.01
C ASN A 34 -1.73 -3.64 -14.39
N HIS A 35 -2.31 -2.49 -14.04
CA HIS A 35 -3.63 -2.44 -13.44
C HIS A 35 -4.24 -1.06 -13.56
N PRO A 36 -5.57 -0.98 -13.45
CA PRO A 36 -6.30 0.30 -13.54
C PRO A 36 -6.05 1.19 -12.34
N ASP A 37 -6.89 2.21 -12.19
CA ASP A 37 -6.75 3.15 -11.08
C ASP A 37 -7.32 2.55 -9.79
N LEU A 38 -6.79 2.99 -8.66
CA LEU A 38 -7.25 2.50 -7.36
C LEU A 38 -7.88 3.63 -6.54
N SER A 39 -8.74 4.40 -7.18
CA SER A 39 -9.42 5.51 -6.51
C SER A 39 -10.32 5.00 -5.39
N ASN A 40 -11.09 3.96 -5.68
CA ASN A 40 -12.00 3.38 -4.71
C ASN A 40 -11.23 2.55 -3.68
N TRP A 41 -10.14 1.94 -4.11
CA TRP A 41 -9.31 1.13 -3.23
C TRP A 41 -8.40 1.99 -2.37
N LEU A 42 -8.26 3.26 -2.76
CA LEU A 42 -7.42 4.20 -2.02
C LEU A 42 -7.81 4.24 -0.54
N PRO A 43 -9.08 4.57 -0.28
CA PRO A 43 -9.61 4.65 1.08
C PRO A 43 -9.73 3.28 1.74
N SER A 44 -9.96 2.25 0.93
CA SER A 44 -10.10 0.89 1.42
C SER A 44 -8.76 0.35 1.91
N ILE A 45 -7.70 0.67 1.18
CA ILE A 45 -6.36 0.21 1.53
C ILE A 45 -5.76 1.07 2.64
N GLU A 46 -5.84 2.39 2.46
CA GLU A 46 -5.31 3.33 3.45
C GLU A 46 -5.83 3.00 4.84
N LEU A 47 -7.04 2.46 4.90
CA LEU A 47 -7.66 2.11 6.17
C LEU A 47 -7.16 0.75 6.67
N CYS A 48 -6.91 -0.16 5.72
CA CYS A 48 -6.43 -1.49 6.05
C CYS A 48 -4.98 -1.44 6.53
N VAL A 49 -4.13 -0.79 5.74
CA VAL A 49 -2.71 -0.67 6.08
C VAL A 49 -2.53 0.03 7.42
N LYS A 50 -3.42 0.98 7.71
CA LYS A 50 -3.36 1.73 8.95
C LYS A 50 -3.27 0.79 10.15
N LYS A 51 -3.96 -0.34 10.07
CA LYS A 51 -3.95 -1.33 11.14
C LYS A 51 -2.59 -2.00 11.24
N TYR A 52 -1.99 -2.29 10.10
CA TYR A 52 -0.69 -2.94 10.06
C TYR A 52 0.41 -2.02 10.58
N ASN A 53 0.34 -0.75 10.17
CA ASN A 53 1.33 0.25 10.61
C ASN A 53 1.20 0.53 12.10
N GLU A 54 -0.04 0.49 12.60
CA GLU A 54 -0.29 0.74 14.01
C GLU A 54 0.42 -0.30 14.89
N LYS A 55 0.23 -1.57 14.55
CA LYS A 55 0.85 -2.65 15.30
C LYS A 55 2.36 -2.67 15.10
N HIS A 56 2.79 -2.42 13.86
CA HIS A 56 4.22 -2.39 13.54
C HIS A 56 4.76 -0.98 13.63
N THR A 57 5.34 -0.64 14.78
CA THR A 57 5.91 0.69 14.99
C THR A 57 7.36 0.59 15.43
N GLY A 58 8.08 1.71 15.33
CA GLY A 58 9.48 1.74 15.72
C GLY A 58 10.31 0.72 14.97
N GLY A 59 10.43 0.92 13.65
CA GLY A 59 11.20 0.00 12.84
C GLY A 59 10.35 -1.11 12.25
N LEU A 60 9.50 -1.70 13.08
CA LEU A 60 8.63 -2.79 12.63
C LEU A 60 7.86 -2.38 11.38
N LYS A 61 7.45 -1.12 11.32
CA LYS A 61 6.71 -0.60 10.18
C LYS A 61 7.43 -0.92 8.88
N PRO A 62 6.68 -1.45 7.89
CA PRO A 62 7.23 -1.81 6.58
C PRO A 62 7.61 -0.56 5.76
N ILE A 63 8.59 -0.73 4.89
CA ILE A 63 9.06 0.36 4.04
C ILE A 63 7.98 0.77 3.04
N GLU A 64 7.53 -0.19 2.24
CA GLU A 64 6.51 0.07 1.24
C GLU A 64 5.41 -0.99 1.29
N VAL A 65 4.32 -0.74 0.57
CA VAL A 65 3.20 -1.68 0.54
C VAL A 65 2.63 -1.81 -0.88
N ILE A 66 2.72 -3.01 -1.43
CA ILE A 66 2.22 -3.26 -2.77
C ILE A 66 0.73 -3.64 -2.75
N ALA A 67 -0.12 -2.67 -3.06
CA ALA A 67 -1.55 -2.89 -3.08
C ALA A 67 -2.05 -3.21 -4.49
N THR A 68 -2.78 -4.31 -4.62
CA THR A 68 -3.31 -4.72 -5.92
C THR A 68 -4.82 -4.89 -5.86
N GLY A 69 -5.44 -4.94 -7.04
CA GLY A 69 -6.89 -5.09 -7.10
C GLY A 69 -7.56 -4.00 -7.92
N GLY A 70 -7.79 -4.29 -9.21
CA GLY A 70 -8.41 -3.31 -10.08
C GLY A 70 -9.79 -3.75 -10.53
N GLN A 71 -9.83 -4.60 -11.55
CA GLN A 71 -11.09 -5.08 -12.08
C GLN A 71 -11.77 -6.05 -11.10
N ASN A 72 -11.01 -7.03 -10.63
CA ASN A 72 -11.53 -8.02 -9.69
C ASN A 72 -12.09 -7.33 -8.45
N ASN A 73 -12.78 -8.10 -7.62
CA ASN A 73 -13.36 -7.56 -6.39
C ASN A 73 -12.50 -7.91 -5.17
N GLN A 74 -11.94 -9.11 -5.18
CA GLN A 74 -11.09 -9.56 -4.08
C GLN A 74 -9.97 -8.56 -3.82
N LEU A 75 -9.50 -8.52 -2.57
CA LEU A 75 -8.43 -7.62 -2.19
C LEU A 75 -7.15 -8.38 -1.88
N THR A 76 -6.04 -7.92 -2.46
CA THR A 76 -4.75 -8.56 -2.24
C THR A 76 -3.65 -7.53 -1.99
N LEU A 77 -2.95 -7.68 -0.88
CA LEU A 77 -1.88 -6.76 -0.52
C LEU A 77 -0.56 -7.50 -0.35
N ASN A 78 0.54 -6.75 -0.28
CA ASN A 78 1.87 -7.33 -0.12
C ASN A 78 2.78 -6.41 0.67
N TYR A 79 3.39 -6.94 1.72
CA TYR A 79 4.29 -6.16 2.57
C TYR A 79 5.72 -6.26 2.07
N ILE A 80 6.32 -5.12 1.78
CA ILE A 80 7.69 -5.07 1.29
C ILE A 80 8.51 -4.05 2.08
N HIS A 81 9.76 -4.41 2.38
CA HIS A 81 10.65 -3.54 3.12
C HIS A 81 11.94 -3.27 2.34
N SER A 82 11.86 -2.34 1.40
CA SER A 82 13.02 -1.99 0.57
C SER A 82 12.89 -0.57 0.03
N PRO A 83 13.50 0.39 0.72
CA PRO A 83 13.48 1.80 0.33
C PRO A 83 14.28 2.06 -0.94
N GLU A 84 13.63 2.64 -1.94
CA GLU A 84 14.28 2.95 -3.21
C GLU A 84 13.88 4.34 -3.71
N VAL A 85 12.59 4.65 -3.60
CA VAL A 85 12.08 5.95 -4.04
C VAL A 85 11.16 6.56 -2.99
N SER A 86 11.17 7.89 -2.89
CA SER A 86 10.34 8.59 -1.92
C SER A 86 8.99 8.96 -2.54
N GLY A 87 8.99 9.96 -3.41
CA GLY A 87 7.76 10.39 -4.05
C GLY A 87 7.08 11.51 -3.30
N GLU A 88 5.88 11.89 -3.75
CA GLU A 88 5.12 12.95 -3.12
C GLU A 88 3.68 12.95 -3.59
N ASN A 89 2.77 13.41 -2.73
CA ASN A 89 1.35 13.46 -3.06
C ASN A 89 0.56 14.13 -1.95
N ILE A 90 -0.19 15.16 -2.30
CA ILE A 90 -1.00 15.89 -1.33
C ILE A 90 -2.07 14.99 -0.72
N THR A 91 -2.48 15.30 0.50
CA THR A 91 -3.49 14.51 1.20
C THR A 91 -4.56 15.42 1.81
N LEU A 92 -5.43 15.96 0.96
CA LEU A 92 -6.49 16.84 1.42
C LEU A 92 -7.86 16.21 1.16
N ARG A 93 -8.41 15.57 2.19
CA ARG A 93 -9.72 14.93 2.07
C ARG A 93 -10.70 15.51 3.08
N ILE A 94 -11.98 15.55 2.72
CA ILE A 94 -13.01 16.07 3.60
C ILE A 94 -14.07 15.01 3.90
N VAL A 95 -14.33 14.15 2.93
CA VAL A 95 -15.32 13.09 3.10
C VAL A 95 -14.72 11.90 3.86
N ALA A 96 -14.92 11.90 5.17
CA ALA A 96 -14.41 10.82 6.02
C ALA A 96 -15.44 9.71 6.17
N ASN A 97 -16.51 10.00 6.90
CA ASN A 97 -17.56 9.02 7.13
C ASN A 97 -16.99 7.72 7.69
N PRO A 98 -16.51 7.78 8.94
CA PRO A 98 -15.93 6.61 9.61
C PRO A 98 -16.97 5.56 9.96
N ASN A 99 -18.16 6.03 10.35
CA ASN A 99 -19.25 5.12 10.71
C ASN A 99 -19.88 4.51 9.47
N ASP A 100 -19.44 3.30 9.13
CA ASP A 100 -19.97 2.60 7.96
C ASP A 100 -19.98 1.10 8.19
N ALA A 101 -20.62 0.36 7.28
CA ALA A 101 -20.70 -1.08 7.37
C ALA A 101 -19.88 -1.76 6.29
N ILE A 102 -18.61 -2.04 6.60
CA ILE A 102 -17.71 -2.69 5.67
C ILE A 102 -17.01 -3.88 6.29
N LYS A 103 -16.66 -4.86 5.47
CA LYS A 103 -15.98 -6.06 5.94
C LYS A 103 -14.57 -5.74 6.40
N VAL A 104 -14.21 -6.23 7.59
CA VAL A 104 -12.88 -5.99 8.14
C VAL A 104 -11.79 -6.58 7.24
N CYS A 105 -10.75 -5.79 7.00
CA CYS A 105 -9.64 -6.23 6.16
C CYS A 105 -8.96 -7.45 6.76
N GLU A 106 -8.45 -8.32 5.88
CA GLU A 106 -7.77 -9.53 6.33
C GLU A 106 -6.76 -10.00 5.28
N PRO A 13 15.78 -2.71 -2.99
CA PRO A 13 14.83 -1.65 -3.35
C PRO A 13 15.10 -1.07 -4.73
N SER A 14 14.10 -0.43 -5.31
CA SER A 14 14.24 0.18 -6.62
C SER A 14 14.49 -0.90 -7.69
N GLN A 15 13.78 -2.00 -7.58
CA GLN A 15 13.93 -3.10 -8.54
C GLN A 15 12.59 -3.78 -8.82
N THR A 16 11.62 -2.97 -9.24
CA THR A 16 10.28 -3.49 -9.55
C THR A 16 9.52 -2.56 -10.48
N SER A 17 8.52 -3.09 -11.17
CA SER A 17 7.73 -2.30 -12.10
C SER A 17 6.45 -1.81 -11.44
N PHE A 18 6.60 -0.99 -10.40
CA PHE A 18 5.46 -0.46 -9.67
C PHE A 18 5.61 1.05 -9.48
N LYS A 19 4.48 1.74 -9.37
CA LYS A 19 4.47 3.18 -9.17
C LYS A 19 3.77 3.56 -7.87
N PRO A 20 4.15 4.71 -7.30
CA PRO A 20 3.56 5.21 -6.06
C PRO A 20 2.11 5.65 -6.23
N LEU A 21 1.34 5.59 -5.16
CA LEU A 21 -0.06 5.99 -5.19
C LEU A 21 -0.42 6.82 -3.97
N THR A 22 -0.16 6.28 -2.79
CA THR A 22 -0.46 6.97 -1.54
C THR A 22 0.44 6.47 -0.41
N VAL A 23 0.58 7.30 0.63
CA VAL A 23 1.41 6.94 1.78
C VAL A 23 0.73 7.32 3.07
N VAL A 24 0.48 6.33 3.93
CA VAL A 24 -0.16 6.57 5.22
C VAL A 24 0.72 6.10 6.37
N ASP A 25 0.92 6.98 7.35
CA ASP A 25 1.75 6.65 8.51
C ASP A 25 3.19 6.41 8.10
N GLY A 26 3.53 6.82 6.87
CA GLY A 26 4.89 6.63 6.38
C GLY A 26 5.05 5.34 5.62
N VAL A 27 3.98 4.89 4.97
CA VAL A 27 4.01 3.65 4.20
C VAL A 27 3.74 3.92 2.73
N ALA A 28 4.82 4.11 1.96
CA ALA A 28 4.71 4.38 0.54
C ALA A 28 4.03 3.21 -0.18
N VAL A 29 2.73 3.34 -0.41
CA VAL A 29 1.96 2.30 -1.08
C VAL A 29 2.08 2.43 -2.59
N ASN A 30 2.57 1.37 -3.24
CA ASN A 30 2.74 1.37 -4.69
C ASN A 30 1.77 0.39 -5.34
N MET A 31 1.48 0.62 -6.62
CA MET A 31 0.57 -0.25 -7.36
C MET A 31 1.20 -0.70 -8.68
N PRO A 32 0.71 -1.82 -9.21
CA PRO A 32 1.21 -2.38 -10.48
C PRO A 32 0.82 -1.53 -11.68
N ASN A 33 1.81 -1.20 -12.50
CA ASN A 33 1.58 -0.38 -13.69
C ASN A 33 0.59 -1.07 -14.64
N ASN A 34 0.64 -2.39 -14.66
CA ASN A 34 -0.25 -3.17 -15.52
C ASN A 34 -1.61 -3.38 -14.86
N HIS A 35 -2.22 -2.27 -14.44
CA HIS A 35 -3.53 -2.34 -13.79
C HIS A 35 -4.22 -0.97 -13.83
N PRO A 36 -5.55 -0.97 -13.67
CA PRO A 36 -6.35 0.25 -13.68
C PRO A 36 -6.11 1.11 -12.45
N ASP A 37 -6.99 2.09 -12.23
CA ASP A 37 -6.87 2.97 -11.09
C ASP A 37 -7.37 2.30 -9.81
N LEU A 38 -6.84 2.73 -8.67
CA LEU A 38 -7.23 2.16 -7.39
C LEU A 38 -7.83 3.23 -6.47
N SER A 39 -8.77 4.00 -7.00
CA SER A 39 -9.41 5.07 -6.24
C SER A 39 -10.24 4.49 -5.10
N ASN A 40 -10.84 3.33 -5.35
CA ASN A 40 -11.67 2.67 -4.34
C ASN A 40 -10.81 1.98 -3.29
N TRP A 41 -9.66 1.46 -3.73
CA TRP A 41 -8.75 0.76 -2.83
C TRP A 41 -7.89 1.75 -2.05
N LEU A 42 -7.87 3.00 -2.52
CA LEU A 42 -7.10 4.05 -1.87
C LEU A 42 -7.35 4.05 -0.36
N PRO A 43 -8.62 4.25 0.03
CA PRO A 43 -9.01 4.28 1.44
C PRO A 43 -8.93 2.90 2.09
N SER A 44 -9.37 1.88 1.38
CA SER A 44 -9.34 0.52 1.89
C SER A 44 -7.91 0.11 2.27
N ILE A 45 -6.95 0.56 1.48
CA ILE A 45 -5.55 0.25 1.73
C ILE A 45 -4.97 1.13 2.82
N GLU A 46 -5.05 2.45 2.62
CA GLU A 46 -4.54 3.40 3.59
C GLU A 46 -5.06 3.09 4.99
N LEU A 47 -6.30 2.61 5.06
CA LEU A 47 -6.92 2.27 6.33
C LEU A 47 -6.47 0.89 6.80
N CYS A 48 -6.27 -0.02 5.86
CA CYS A 48 -5.85 -1.37 6.17
C CYS A 48 -4.45 -1.38 6.79
N VAL A 49 -3.51 -0.73 6.12
CA VAL A 49 -2.14 -0.65 6.61
C VAL A 49 -2.06 0.11 7.93
N LYS A 50 -2.92 1.11 8.08
CA LYS A 50 -2.95 1.92 9.30
C LYS A 50 -3.03 1.02 10.53
N LYS A 51 -3.97 0.09 10.52
CA LYS A 51 -4.17 -0.83 11.64
C LYS A 51 -2.89 -1.63 11.90
N TYR A 52 -2.16 -1.95 10.83
CA TYR A 52 -0.93 -2.71 10.94
C TYR A 52 0.17 -1.88 11.60
N ASN A 53 0.20 -0.60 11.27
CA ASN A 53 1.20 0.32 11.83
C ASN A 53 1.13 0.33 13.35
N GLU A 54 -0.08 0.24 13.88
CA GLU A 54 -0.29 0.25 15.32
C GLU A 54 0.30 -1.01 15.96
N LYS A 55 -0.23 -2.17 15.57
CA LYS A 55 0.25 -3.44 16.11
C LYS A 55 1.74 -3.61 15.87
N HIS A 56 2.21 -3.14 14.72
CA HIS A 56 3.62 -3.23 14.36
C HIS A 56 4.28 -1.86 14.41
N THR A 57 4.95 -1.56 15.53
CA THR A 57 5.63 -0.28 15.70
C THR A 57 7.10 -0.48 16.03
N GLY A 58 7.87 0.61 16.00
CA GLY A 58 9.29 0.52 16.30
C GLY A 58 10.06 -0.26 15.27
N GLY A 59 9.91 0.12 14.00
CA GLY A 59 10.60 -0.56 12.92
C GLY A 59 9.75 -1.64 12.28
N LEU A 60 8.89 -2.27 13.08
CA LEU A 60 8.02 -3.34 12.58
C LEU A 60 7.25 -2.87 11.36
N LYS A 61 6.86 -1.60 11.35
CA LYS A 61 6.11 -1.03 10.23
C LYS A 61 6.83 -1.30 8.91
N PRO A 62 6.06 -1.71 7.89
CA PRO A 62 6.61 -2.00 6.56
C PRO A 62 7.07 -0.75 5.83
N ILE A 63 8.03 -0.92 4.93
CA ILE A 63 8.56 0.21 4.17
C ILE A 63 7.56 0.67 3.12
N GLU A 64 7.08 -0.25 2.30
CA GLU A 64 6.11 0.07 1.25
C GLU A 64 5.11 -1.06 1.07
N VAL A 65 3.89 -0.71 0.71
CA VAL A 65 2.83 -1.70 0.51
C VAL A 65 2.44 -1.78 -0.96
N ILE A 66 2.47 -3.00 -1.50
CA ILE A 66 2.12 -3.22 -2.90
C ILE A 66 0.68 -3.72 -3.03
N ALA A 67 -0.22 -2.81 -3.39
CA ALA A 67 -1.63 -3.15 -3.56
C ALA A 67 -1.92 -3.58 -5.00
N THR A 68 -2.74 -4.62 -5.14
CA THR A 68 -3.10 -5.13 -6.46
C THR A 68 -4.57 -5.53 -6.51
N GLY A 69 -5.13 -5.52 -7.72
CA GLY A 69 -6.53 -5.89 -7.89
C GLY A 69 -7.33 -4.78 -8.53
N GLY A 70 -7.39 -4.79 -9.86
CA GLY A 70 -8.13 -3.78 -10.58
C GLY A 70 -9.64 -3.99 -10.49
N GLN A 71 -10.17 -4.77 -11.43
CA GLN A 71 -11.60 -5.04 -11.46
C GLN A 71 -11.91 -6.36 -10.76
N ASN A 72 -11.79 -6.37 -9.44
CA ASN A 72 -12.05 -7.57 -8.65
C ASN A 72 -12.49 -7.21 -7.23
N ASN A 73 -13.72 -7.56 -6.89
CA ASN A 73 -14.26 -7.26 -5.56
C ASN A 73 -13.31 -7.75 -4.47
N GLN A 74 -12.65 -8.88 -4.73
CA GLN A 74 -11.71 -9.45 -3.77
C GLN A 74 -10.58 -8.48 -3.47
N LEU A 75 -10.22 -8.39 -2.19
CA LEU A 75 -9.15 -7.49 -1.77
C LEU A 75 -7.80 -8.21 -1.74
N THR A 76 -6.78 -7.55 -2.27
CA THR A 76 -5.44 -8.13 -2.31
C THR A 76 -4.38 -7.09 -1.97
N LEU A 77 -3.39 -7.50 -1.18
CA LEU A 77 -2.31 -6.62 -0.78
C LEU A 77 -1.01 -7.38 -0.59
N ASN A 78 0.09 -6.65 -0.46
CA ASN A 78 1.40 -7.26 -0.27
C ASN A 78 2.30 -6.36 0.58
N TYR A 79 2.98 -6.96 1.55
CA TYR A 79 3.87 -6.22 2.43
C TYR A 79 5.32 -6.32 1.95
N ILE A 80 5.94 -5.16 1.76
CA ILE A 80 7.32 -5.10 1.30
C ILE A 80 8.15 -4.14 2.15
N HIS A 81 9.39 -4.51 2.42
CA HIS A 81 10.28 -3.67 3.22
C HIS A 81 11.54 -3.32 2.43
N SER A 82 11.39 -2.38 1.49
CA SER A 82 12.52 -1.95 0.66
C SER A 82 12.30 -0.53 0.15
N PRO A 83 12.98 0.43 0.78
CA PRO A 83 12.87 1.85 0.40
C PRO A 83 13.53 2.14 -0.94
N GLU A 84 12.71 2.37 -1.96
CA GLU A 84 13.21 2.67 -3.30
C GLU A 84 13.87 4.04 -3.34
N VAL A 85 14.26 4.46 -4.54
CA VAL A 85 14.92 5.75 -4.71
C VAL A 85 13.91 6.89 -4.53
N SER A 86 13.04 7.08 -5.52
CA SER A 86 12.04 8.13 -5.46
C SER A 86 11.00 7.95 -6.57
N GLY A 87 9.94 8.74 -6.52
CA GLY A 87 8.88 8.65 -7.52
C GLY A 87 7.87 9.76 -7.38
N GLU A 88 6.70 9.57 -7.98
CA GLU A 88 5.64 10.56 -7.94
C GLU A 88 4.72 10.33 -6.73
N ASN A 89 3.60 11.05 -6.70
CA ASN A 89 2.65 10.92 -5.62
C ASN A 89 1.38 11.70 -5.90
N ILE A 90 0.23 11.10 -5.62
CA ILE A 90 -1.05 11.74 -5.85
C ILE A 90 -1.95 11.66 -4.62
N THR A 91 -2.75 12.70 -4.40
CA THR A 91 -3.64 12.75 -3.25
C THR A 91 -5.02 13.27 -3.65
N LEU A 92 -5.99 13.12 -2.75
CA LEU A 92 -7.34 13.59 -3.02
C LEU A 92 -8.23 13.37 -1.79
N ARG A 93 -9.41 14.00 -1.80
CA ARG A 93 -10.35 13.88 -0.70
C ARG A 93 -11.71 13.42 -1.20
N ILE A 94 -12.29 12.43 -0.51
CA ILE A 94 -13.59 11.90 -0.88
C ILE A 94 -14.41 11.53 0.35
N VAL A 95 -15.64 11.08 0.13
CA VAL A 95 -16.52 10.70 1.22
C VAL A 95 -16.25 9.26 1.67
N ALA A 96 -16.42 9.01 2.97
CA ALA A 96 -16.19 7.69 3.52
C ALA A 96 -17.45 7.15 4.19
N ASN A 97 -17.52 5.84 4.34
CA ASN A 97 -18.67 5.20 4.96
C ASN A 97 -18.27 3.91 5.68
N PRO A 98 -17.56 4.06 6.81
CA PRO A 98 -17.10 2.92 7.61
C PRO A 98 -18.25 2.19 8.30
N ASN A 99 -18.07 0.89 8.54
CA ASN A 99 -19.09 0.09 9.20
C ASN A 99 -18.78 -0.08 10.68
N ASP A 100 -19.74 -0.60 11.42
CA ASP A 100 -19.57 -0.82 12.86
C ASP A 100 -19.74 -2.29 13.22
N ALA A 101 -20.81 -2.90 12.70
CA ALA A 101 -21.08 -4.30 12.96
C ALA A 101 -19.99 -5.19 12.38
N ILE A 102 -20.00 -5.37 11.07
CA ILE A 102 -19.01 -6.20 10.39
C ILE A 102 -17.61 -5.62 10.56
N LYS A 103 -16.68 -6.45 11.02
CA LYS A 103 -15.30 -6.02 11.23
C LYS A 103 -14.40 -6.55 10.11
N VAL A 104 -14.26 -5.76 9.06
CA VAL A 104 -13.42 -6.15 7.91
C VAL A 104 -12.36 -5.10 7.64
N CYS A 105 -11.38 -5.45 6.81
CA CYS A 105 -10.30 -4.54 6.46
C CYS A 105 -10.69 -3.68 5.26
N GLU A 106 -11.28 -2.52 5.53
CA GLU A 106 -11.71 -1.61 4.49
C GLU A 106 -11.53 -0.16 4.92
N PRO A 13 16.41 -3.62 -0.69
CA PRO A 13 15.69 -2.88 -1.73
C PRO A 13 16.17 -3.24 -3.14
N SER A 14 15.34 -2.95 -4.14
CA SER A 14 15.68 -3.24 -5.52
C SER A 14 14.62 -2.69 -6.47
N GLN A 15 14.89 -2.80 -7.77
CA GLN A 15 13.96 -2.32 -8.78
C GLN A 15 12.60 -2.99 -8.64
N THR A 16 11.62 -2.50 -9.40
CA THR A 16 10.28 -3.06 -9.35
C THR A 16 9.38 -2.41 -10.41
N SER A 17 8.41 -3.17 -10.90
CA SER A 17 7.49 -2.66 -11.92
C SER A 17 6.22 -2.12 -11.26
N PHE A 18 6.39 -1.22 -10.30
CA PHE A 18 5.27 -0.62 -9.60
C PHE A 18 5.44 0.90 -9.49
N LYS A 19 4.32 1.60 -9.32
CA LYS A 19 4.35 3.05 -9.19
C LYS A 19 3.70 3.49 -7.89
N PRO A 20 4.12 4.67 -7.39
CA PRO A 20 3.60 5.23 -6.14
C PRO A 20 2.15 5.70 -6.28
N LEU A 21 1.37 5.54 -5.22
CA LEU A 21 -0.03 5.94 -5.22
C LEU A 21 -0.35 6.81 -4.01
N THR A 22 -0.01 6.31 -2.83
CA THR A 22 -0.26 7.05 -1.59
C THR A 22 0.66 6.57 -0.47
N VAL A 23 0.60 7.25 0.67
CA VAL A 23 1.43 6.89 1.82
C VAL A 23 0.67 7.08 3.13
N VAL A 24 0.75 6.07 3.99
CA VAL A 24 0.06 6.13 5.27
C VAL A 24 1.06 5.94 6.43
N ASP A 25 1.11 6.94 7.31
CA ASP A 25 2.00 6.90 8.46
C ASP A 25 3.43 6.61 8.02
N GLY A 26 3.76 6.97 6.78
CA GLY A 26 5.09 6.74 6.26
C GLY A 26 5.20 5.42 5.51
N VAL A 27 4.07 4.95 4.97
CA VAL A 27 4.05 3.70 4.24
C VAL A 27 3.79 3.94 2.75
N ALA A 28 4.86 4.16 2.00
CA ALA A 28 4.75 4.40 0.57
C ALA A 28 4.08 3.23 -0.14
N VAL A 29 2.78 3.35 -0.37
CA VAL A 29 2.02 2.30 -1.03
C VAL A 29 2.16 2.38 -2.54
N ASN A 30 2.65 1.32 -3.15
CA ASN A 30 2.84 1.26 -4.59
C ASN A 30 1.85 0.29 -5.25
N MET A 31 1.59 0.51 -6.52
CA MET A 31 0.66 -0.34 -7.26
C MET A 31 1.26 -0.75 -8.61
N PRO A 32 0.77 -1.87 -9.15
CA PRO A 32 1.24 -2.41 -10.44
C PRO A 32 0.80 -1.54 -11.61
N ASN A 33 1.76 -1.13 -12.43
CA ASN A 33 1.48 -0.29 -13.59
C ASN A 33 0.52 -0.99 -14.55
N ASN A 34 0.61 -2.32 -14.60
CA ASN A 34 -0.26 -3.11 -15.47
C ASN A 34 -1.61 -3.35 -14.81
N HIS A 35 -2.26 -2.28 -14.38
CA HIS A 35 -3.57 -2.39 -13.73
C HIS A 35 -4.29 -1.04 -13.73
N PRO A 36 -5.62 -1.09 -13.56
CA PRO A 36 -6.46 0.12 -13.55
C PRO A 36 -6.22 0.97 -12.31
N ASP A 37 -6.97 2.06 -12.19
CA ASP A 37 -6.84 2.96 -11.05
C ASP A 37 -7.41 2.32 -9.78
N LEU A 38 -6.84 2.66 -8.64
CA LEU A 38 -7.28 2.12 -7.37
C LEU A 38 -7.86 3.22 -6.47
N SER A 39 -8.76 4.02 -7.03
CA SER A 39 -9.38 5.11 -6.31
C SER A 39 -10.26 4.57 -5.17
N ASN A 40 -10.92 3.44 -5.43
CA ASN A 40 -11.79 2.82 -4.44
C ASN A 40 -10.97 2.11 -3.36
N TRP A 41 -9.84 1.54 -3.77
CA TRP A 41 -8.97 0.84 -2.84
C TRP A 41 -8.09 1.81 -2.08
N LEU A 42 -8.02 3.04 -2.55
CA LEU A 42 -7.20 4.07 -1.90
C LEU A 42 -7.51 4.14 -0.41
N PRO A 43 -8.77 4.39 -0.07
CA PRO A 43 -9.23 4.49 1.32
C PRO A 43 -9.21 3.13 2.03
N SER A 44 -9.66 2.10 1.33
CA SER A 44 -9.69 0.75 1.89
C SER A 44 -8.31 0.30 2.32
N ILE A 45 -7.31 0.67 1.52
CA ILE A 45 -5.92 0.30 1.81
C ILE A 45 -5.31 1.23 2.86
N GLU A 46 -5.38 2.54 2.60
CA GLU A 46 -4.84 3.53 3.52
C GLU A 46 -5.36 3.30 4.93
N LEU A 47 -6.61 2.86 5.04
CA LEU A 47 -7.23 2.60 6.32
C LEU A 47 -6.85 1.21 6.84
N CYS A 48 -6.72 0.26 5.92
CA CYS A 48 -6.36 -1.11 6.28
C CYS A 48 -4.95 -1.17 6.84
N VAL A 49 -4.00 -0.60 6.11
CA VAL A 49 -2.60 -0.59 6.54
C VAL A 49 -2.44 0.17 7.85
N LYS A 50 -3.22 1.23 8.01
CA LYS A 50 -3.16 2.05 9.22
C LYS A 50 -3.26 1.18 10.46
N LYS A 51 -4.06 0.12 10.38
CA LYS A 51 -4.24 -0.80 11.50
C LYS A 51 -3.01 -1.69 11.68
N TYR A 52 -2.43 -2.13 10.56
CA TYR A 52 -1.26 -2.99 10.59
C TYR A 52 -0.09 -2.29 11.28
N ASN A 53 0.01 -0.98 11.07
CA ASN A 53 1.07 -0.18 11.67
C ASN A 53 0.97 -0.18 13.19
N GLU A 54 -0.27 -0.23 13.70
CA GLU A 54 -0.50 -0.22 15.13
C GLU A 54 -0.05 -1.54 15.76
N LYS A 55 -0.50 -2.65 15.17
CA LYS A 55 -0.14 -3.97 15.67
C LYS A 55 1.33 -4.26 15.44
N HIS A 56 1.84 -3.83 14.29
CA HIS A 56 3.24 -4.04 13.94
C HIS A 56 4.01 -2.72 13.94
N THR A 57 4.85 -2.53 14.94
CA THR A 57 5.64 -1.31 15.05
C THR A 57 7.12 -1.63 15.26
N GLY A 58 7.96 -0.60 15.14
CA GLY A 58 9.38 -0.80 15.32
C GLY A 58 9.94 -1.89 14.42
N GLY A 59 10.37 -1.51 13.22
CA GLY A 59 10.91 -2.48 12.29
C GLY A 59 9.84 -3.21 11.52
N LEU A 60 8.90 -3.83 12.25
CA LEU A 60 7.81 -4.57 11.62
C LEU A 60 7.10 -3.72 10.57
N LYS A 61 7.01 -2.42 10.85
CA LYS A 61 6.36 -1.50 9.92
C LYS A 61 6.92 -1.65 8.50
N PRO A 62 6.03 -1.95 7.55
CA PRO A 62 6.40 -2.15 6.15
C PRO A 62 6.81 -0.83 5.48
N ILE A 63 8.04 -0.78 4.98
CA ILE A 63 8.55 0.41 4.32
C ILE A 63 7.66 0.81 3.15
N GLU A 64 7.09 -0.18 2.46
CA GLU A 64 6.22 0.08 1.33
C GLU A 64 5.20 -1.05 1.16
N VAL A 65 3.97 -0.69 0.82
CA VAL A 65 2.91 -1.68 0.62
C VAL A 65 2.51 -1.76 -0.84
N ILE A 66 2.62 -2.96 -1.40
CA ILE A 66 2.27 -3.17 -2.81
C ILE A 66 0.80 -3.58 -2.95
N ALA A 67 -0.03 -2.63 -3.32
CA ALA A 67 -1.46 -2.88 -3.49
C ALA A 67 -1.78 -3.23 -4.93
N THR A 68 -2.55 -4.31 -5.13
CA THR A 68 -2.93 -4.74 -6.46
C THR A 68 -4.43 -5.00 -6.55
N GLY A 69 -4.87 -5.51 -7.70
CA GLY A 69 -6.28 -5.79 -7.90
C GLY A 69 -7.11 -4.53 -8.00
N GLY A 70 -7.25 -4.01 -9.22
CA GLY A 70 -8.03 -2.81 -9.43
C GLY A 70 -9.24 -3.04 -10.29
N GLN A 71 -9.12 -3.96 -11.25
CA GLN A 71 -10.24 -4.28 -12.15
C GLN A 71 -11.23 -5.21 -11.47
N ASN A 72 -10.79 -6.45 -11.22
CA ASN A 72 -11.65 -7.44 -10.57
C ASN A 72 -11.93 -7.05 -9.12
N ASN A 73 -12.99 -7.63 -8.56
CA ASN A 73 -13.37 -7.35 -7.18
C ASN A 73 -12.32 -7.86 -6.21
N GLN A 74 -11.77 -9.04 -6.52
CA GLN A 74 -10.75 -9.64 -5.66
C GLN A 74 -9.54 -8.71 -5.52
N LEU A 75 -9.22 -8.36 -4.28
CA LEU A 75 -8.10 -7.48 -4.00
C LEU A 75 -6.94 -8.25 -3.36
N THR A 76 -5.72 -7.82 -3.66
CA THR A 76 -4.53 -8.47 -3.11
C THR A 76 -3.50 -7.44 -2.64
N LEU A 77 -3.10 -7.55 -1.38
CA LEU A 77 -2.13 -6.63 -0.81
C LEU A 77 -0.83 -7.36 -0.47
N ASN A 78 0.26 -6.60 -0.37
CA ASN A 78 1.57 -7.17 -0.05
C ASN A 78 2.32 -6.29 0.93
N TYR A 79 3.13 -6.91 1.78
CA TYR A 79 3.91 -6.18 2.78
C TYR A 79 5.40 -6.25 2.46
N ILE A 80 5.94 -5.16 1.93
CA ILE A 80 7.36 -5.09 1.60
C ILE A 80 8.10 -4.09 2.47
N HIS A 81 9.24 -4.51 3.02
CA HIS A 81 10.04 -3.64 3.88
C HIS A 81 11.49 -3.62 3.42
N SER A 82 11.82 -2.69 2.53
CA SER A 82 13.18 -2.56 2.02
C SER A 82 13.30 -1.33 1.12
N PRO A 83 12.55 -1.31 0.02
CA PRO A 83 12.56 -0.20 -0.93
C PRO A 83 11.93 1.06 -0.35
N GLU A 84 12.43 2.22 -0.78
CA GLU A 84 11.92 3.50 -0.31
C GLU A 84 11.95 4.54 -1.43
N VAL A 85 10.94 5.41 -1.44
CA VAL A 85 10.85 6.45 -2.46
C VAL A 85 11.13 7.82 -1.86
N SER A 86 11.69 8.71 -2.66
CA SER A 86 12.01 10.06 -2.21
C SER A 86 10.75 10.82 -1.81
N GLY A 87 9.70 10.69 -2.61
CA GLY A 87 8.45 11.37 -2.34
C GLY A 87 7.95 11.09 -0.94
N GLU A 88 8.04 12.10 -0.07
CA GLU A 88 7.61 11.96 1.32
C GLU A 88 6.44 12.91 1.61
N ASN A 89 5.23 12.46 1.30
CA ASN A 89 4.03 13.26 1.53
C ASN A 89 3.54 13.10 2.97
N ILE A 90 2.66 14.00 3.38
CA ILE A 90 2.10 13.95 4.73
C ILE A 90 0.74 14.63 4.79
N THR A 91 -0.14 14.12 5.65
CA THR A 91 -1.48 14.69 5.80
C THR A 91 -1.78 14.99 7.26
N LEU A 92 -2.78 15.82 7.49
CA LEU A 92 -3.18 16.19 8.86
C LEU A 92 -4.49 15.49 9.25
N ARG A 93 -5.56 15.82 8.53
CA ARG A 93 -6.86 15.23 8.81
C ARG A 93 -6.77 13.70 8.82
N ILE A 94 -7.39 13.09 9.82
CA ILE A 94 -7.39 11.63 9.95
C ILE A 94 -8.78 11.10 10.23
N VAL A 95 -8.93 9.78 10.17
CA VAL A 95 -10.22 9.14 10.42
C VAL A 95 -10.05 7.64 10.66
N ALA A 96 -10.80 7.12 11.62
CA ALA A 96 -10.74 5.70 11.95
C ALA A 96 -12.08 5.20 12.50
N ASN A 97 -12.47 4.01 12.08
CA ASN A 97 -13.73 3.43 12.53
C ASN A 97 -13.94 2.04 11.90
N PRO A 98 -13.11 1.08 12.31
CA PRO A 98 -13.18 -0.30 11.82
C PRO A 98 -14.44 -1.02 12.31
N ASN A 99 -14.80 -0.79 13.56
CA ASN A 99 -15.97 -1.43 14.15
C ASN A 99 -15.86 -2.94 14.08
N ASP A 100 -14.65 -3.46 14.28
CA ASP A 100 -14.42 -4.89 14.23
C ASP A 100 -14.84 -5.48 12.90
N ALA A 101 -14.45 -4.82 11.81
CA ALA A 101 -14.80 -5.28 10.47
C ALA A 101 -13.54 -5.60 9.66
N ILE A 102 -12.62 -6.34 10.27
CA ILE A 102 -11.38 -6.71 9.61
C ILE A 102 -11.44 -8.16 9.12
N LYS A 103 -12.12 -8.38 8.00
CA LYS A 103 -12.25 -9.71 7.42
C LYS A 103 -11.36 -9.85 6.18
N VAL A 104 -11.41 -8.85 5.31
CA VAL A 104 -10.61 -8.87 4.09
C VAL A 104 -9.12 -8.85 4.41
N CYS A 105 -8.67 -7.81 5.10
CA CYS A 105 -7.28 -7.67 5.46
C CYS A 105 -6.81 -8.87 6.28
N GLU A 106 -7.64 -9.30 7.22
CA GLU A 106 -7.31 -10.44 8.06
C GLU A 106 -8.29 -11.60 7.83
N PRO A 13 17.22 -3.50 -1.39
CA PRO A 13 16.12 -3.56 -2.36
C PRO A 13 16.56 -4.16 -3.69
N SER A 14 15.67 -4.10 -4.68
CA SER A 14 15.96 -4.63 -6.01
C SER A 14 15.12 -3.93 -7.07
N GLN A 15 15.15 -4.47 -8.28
CA GLN A 15 14.40 -3.90 -9.39
C GLN A 15 12.97 -4.43 -9.41
N THR A 16 12.01 -3.54 -9.60
CA THR A 16 10.60 -3.93 -9.64
C THR A 16 9.81 -3.00 -10.56
N SER A 17 8.63 -3.46 -10.96
CA SER A 17 7.77 -2.68 -11.85
C SER A 17 6.55 -2.16 -11.11
N PHE A 18 6.78 -1.30 -10.12
CA PHE A 18 5.69 -0.73 -9.33
C PHE A 18 5.92 0.76 -9.07
N LYS A 19 4.83 1.50 -8.91
CA LYS A 19 4.92 2.93 -8.66
C LYS A 19 4.08 3.32 -7.44
N PRO A 20 4.48 4.42 -6.78
CA PRO A 20 3.79 4.92 -5.59
C PRO A 20 2.40 5.48 -5.92
N LEU A 21 1.47 5.33 -4.99
CA LEU A 21 0.12 5.82 -5.18
C LEU A 21 -0.29 6.76 -4.03
N THR A 22 -0.04 6.32 -2.81
CA THR A 22 -0.37 7.11 -1.63
C THR A 22 0.36 6.61 -0.40
N VAL A 23 0.62 7.51 0.55
CA VAL A 23 1.31 7.16 1.78
C VAL A 23 0.44 7.41 3.00
N VAL A 24 -0.05 6.32 3.60
CA VAL A 24 -0.90 6.41 4.79
C VAL A 24 -0.26 7.30 5.85
N ASP A 25 0.67 6.75 6.61
CA ASP A 25 1.35 7.49 7.66
C ASP A 25 2.86 7.28 7.58
N GLY A 26 3.36 7.01 6.38
CA GLY A 26 4.79 6.78 6.20
C GLY A 26 5.07 5.58 5.34
N VAL A 27 4.02 4.85 4.96
CA VAL A 27 4.17 3.66 4.13
C VAL A 27 3.74 3.93 2.69
N ALA A 28 4.69 4.31 1.86
CA ALA A 28 4.41 4.59 0.45
C ALA A 28 3.77 3.40 -0.24
N VAL A 29 2.44 3.41 -0.34
CA VAL A 29 1.72 2.31 -0.98
C VAL A 29 1.89 2.35 -2.49
N ASN A 30 2.56 1.33 -3.03
CA ASN A 30 2.79 1.24 -4.46
C ASN A 30 1.82 0.27 -5.12
N MET A 31 1.55 0.49 -6.40
CA MET A 31 0.64 -0.37 -7.15
C MET A 31 1.26 -0.82 -8.46
N PRO A 32 0.74 -1.93 -9.02
CA PRO A 32 1.24 -2.49 -10.28
C PRO A 32 0.89 -1.61 -11.47
N ASN A 33 1.92 -1.15 -12.18
CA ASN A 33 1.72 -0.30 -13.36
C ASN A 33 0.75 -0.94 -14.34
N ASN A 34 0.75 -2.27 -14.38
CA ASN A 34 -0.12 -3.01 -15.28
C ASN A 34 -1.51 -3.19 -14.67
N HIS A 35 -2.10 -2.09 -14.22
CA HIS A 35 -3.43 -2.12 -13.62
C HIS A 35 -4.06 -0.73 -13.62
N PRO A 36 -5.39 -0.68 -13.48
CA PRO A 36 -6.14 0.58 -13.46
C PRO A 36 -5.89 1.37 -12.19
N ASP A 37 -6.67 2.44 -11.99
CA ASP A 37 -6.54 3.28 -10.82
C ASP A 37 -7.26 2.68 -9.62
N LEU A 38 -6.64 2.80 -8.45
CA LEU A 38 -7.23 2.26 -7.22
C LEU A 38 -7.71 3.38 -6.31
N SER A 39 -8.59 4.23 -6.84
CA SER A 39 -9.13 5.35 -6.08
C SER A 39 -10.11 4.86 -5.02
N ASN A 40 -10.90 3.85 -5.38
CA ASN A 40 -11.89 3.28 -4.46
C ASN A 40 -11.22 2.42 -3.41
N TRP A 41 -10.17 1.69 -3.83
CA TRP A 41 -9.44 0.82 -2.92
C TRP A 41 -8.44 1.62 -2.09
N LEU A 42 -8.17 2.84 -2.52
CA LEU A 42 -7.21 3.70 -1.80
C LEU A 42 -7.61 3.84 -0.34
N PRO A 43 -8.84 4.29 -0.08
CA PRO A 43 -9.36 4.47 1.27
C PRO A 43 -9.60 3.15 1.98
N SER A 44 -9.76 2.09 1.20
CA SER A 44 -10.00 0.76 1.76
C SER A 44 -8.70 0.14 2.25
N ILE A 45 -7.64 0.31 1.48
CA ILE A 45 -6.33 -0.24 1.85
C ILE A 45 -5.64 0.64 2.88
N GLU A 46 -5.57 1.93 2.58
CA GLU A 46 -4.92 2.89 3.48
C GLU A 46 -5.45 2.73 4.90
N LEU A 47 -6.72 2.34 5.02
CA LEU A 47 -7.36 2.16 6.32
C LEU A 47 -6.93 0.84 6.95
N CYS A 48 -6.77 -0.18 6.11
CA CYS A 48 -6.36 -1.50 6.60
C CYS A 48 -4.92 -1.47 7.09
N VAL A 49 -4.02 -0.96 6.26
CA VAL A 49 -2.61 -0.88 6.61
C VAL A 49 -2.41 -0.03 7.85
N LYS A 50 -3.23 1.00 8.00
CA LYS A 50 -3.14 1.90 9.15
C LYS A 50 -3.10 1.11 10.45
N LYS A 51 -3.84 0.00 10.49
CA LYS A 51 -3.90 -0.84 11.68
C LYS A 51 -2.60 -1.63 11.85
N TYR A 52 -2.01 -2.02 10.72
CA TYR A 52 -0.76 -2.78 10.75
C TYR A 52 0.37 -1.97 11.37
N ASN A 53 0.65 -0.81 10.78
CA ASN A 53 1.70 0.07 11.27
C ASN A 53 1.49 0.39 12.75
N GLU A 54 0.23 0.51 13.15
CA GLU A 54 -0.11 0.83 14.54
C GLU A 54 0.42 -0.26 15.48
N LYS A 55 0.33 -1.51 15.04
CA LYS A 55 0.80 -2.64 15.84
C LYS A 55 2.30 -2.86 15.63
N HIS A 56 2.77 -2.63 14.41
CA HIS A 56 4.18 -2.80 14.09
C HIS A 56 4.88 -1.45 13.99
N THR A 57 5.50 -1.02 15.07
CA THR A 57 6.21 0.26 15.10
C THR A 57 7.69 0.06 15.42
N GLY A 58 8.45 1.14 15.31
CA GLY A 58 9.87 1.07 15.60
C GLY A 58 10.64 0.25 14.57
N GLY A 59 10.47 0.60 13.29
CA GLY A 59 11.15 -0.12 12.23
C GLY A 59 10.29 -1.22 11.65
N LEU A 60 9.47 -1.85 12.48
CA LEU A 60 8.60 -2.93 12.04
C LEU A 60 7.73 -2.49 10.88
N LYS A 61 7.31 -1.23 10.91
CA LYS A 61 6.47 -0.67 9.85
C LYS A 61 7.08 -0.92 8.48
N PRO A 62 6.26 -1.39 7.54
CA PRO A 62 6.69 -1.68 6.16
C PRO A 62 7.03 -0.42 5.38
N ILE A 63 8.06 -0.51 4.56
CA ILE A 63 8.48 0.63 3.75
C ILE A 63 7.43 0.98 2.70
N GLU A 64 7.05 -0.01 1.90
CA GLU A 64 6.06 0.19 0.85
C GLU A 64 5.04 -0.95 0.85
N VAL A 65 3.83 -0.65 0.38
CA VAL A 65 2.77 -1.65 0.31
C VAL A 65 2.31 -1.86 -1.12
N ILE A 66 2.54 -3.07 -1.63
CA ILE A 66 2.15 -3.41 -2.99
C ILE A 66 0.69 -3.87 -3.05
N ALA A 67 -0.19 -2.96 -3.46
CA ALA A 67 -1.61 -3.27 -3.57
C ALA A 67 -1.99 -3.68 -4.98
N THR A 68 -2.56 -4.87 -5.13
CA THR A 68 -2.97 -5.37 -6.43
C THR A 68 -4.45 -5.72 -6.45
N GLY A 69 -5.09 -5.49 -7.59
CA GLY A 69 -6.50 -5.79 -7.72
C GLY A 69 -7.29 -4.62 -8.27
N GLY A 70 -7.31 -4.49 -9.60
CA GLY A 70 -8.04 -3.40 -10.23
C GLY A 70 -9.41 -3.82 -10.72
N GLN A 71 -9.44 -4.65 -11.75
CA GLN A 71 -10.70 -5.13 -12.31
C GLN A 71 -11.09 -6.47 -11.69
N ASN A 72 -11.43 -6.44 -10.41
CA ASN A 72 -11.83 -7.65 -9.70
C ASN A 72 -12.50 -7.31 -8.38
N ASN A 73 -13.41 -8.17 -7.93
CA ASN A 73 -14.13 -7.96 -6.68
C ASN A 73 -13.44 -8.69 -5.53
N GLN A 74 -12.12 -8.73 -5.56
CA GLN A 74 -11.34 -9.39 -4.52
C GLN A 74 -10.41 -8.41 -3.82
N LEU A 75 -9.60 -8.93 -2.90
CA LEU A 75 -8.66 -8.10 -2.16
C LEU A 75 -7.28 -8.76 -2.10
N THR A 76 -6.26 -8.02 -2.54
CA THR A 76 -4.90 -8.54 -2.54
C THR A 76 -3.91 -7.46 -2.11
N LEU A 77 -2.96 -7.84 -1.26
CA LEU A 77 -1.95 -6.90 -0.78
C LEU A 77 -0.62 -7.61 -0.55
N ASN A 78 0.44 -6.82 -0.42
CA ASN A 78 1.78 -7.39 -0.19
C ASN A 78 2.65 -6.40 0.58
N TYR A 79 3.15 -6.82 1.74
CA TYR A 79 4.00 -5.97 2.56
C TYR A 79 5.46 -6.08 2.13
N ILE A 80 6.04 -4.93 1.77
CA ILE A 80 7.43 -4.90 1.34
C ILE A 80 8.21 -3.83 2.10
N HIS A 81 9.45 -4.16 2.45
CA HIS A 81 10.30 -3.23 3.18
C HIS A 81 11.70 -3.17 2.57
N SER A 82 11.91 -2.21 1.68
CA SER A 82 13.20 -2.04 1.01
C SER A 82 13.17 -0.88 0.02
N PRO A 83 13.46 0.33 0.53
CA PRO A 83 13.46 1.54 -0.29
C PRO A 83 14.62 1.57 -1.28
N GLU A 84 14.29 1.58 -2.57
CA GLU A 84 15.30 1.60 -3.62
C GLU A 84 15.59 3.03 -4.07
N VAL A 85 16.35 3.17 -5.14
CA VAL A 85 16.70 4.48 -5.67
C VAL A 85 15.49 5.15 -6.30
N SER A 86 14.76 4.41 -7.13
CA SER A 86 13.58 4.94 -7.81
C SER A 86 12.61 5.55 -6.80
N GLY A 87 11.97 6.64 -7.18
CA GLY A 87 11.02 7.30 -6.30
C GLY A 87 9.70 7.60 -6.99
N GLU A 88 9.69 8.65 -7.80
CA GLU A 88 8.48 9.05 -8.53
C GLU A 88 7.32 9.29 -7.55
N ASN A 89 7.63 9.90 -6.41
CA ASN A 89 6.62 10.19 -5.40
C ASN A 89 6.00 11.56 -5.63
N ILE A 90 4.68 11.60 -5.74
CA ILE A 90 3.96 12.85 -5.95
C ILE A 90 3.07 13.18 -4.76
N THR A 91 3.11 14.44 -4.34
CA THR A 91 2.29 14.89 -3.22
C THR A 91 0.90 15.31 -3.67
N LEU A 92 -0.12 14.72 -3.04
CA LEU A 92 -1.51 15.04 -3.38
C LEU A 92 -2.00 16.25 -2.58
N ARG A 93 -1.94 16.13 -1.26
CA ARG A 93 -2.38 17.21 -0.38
C ARG A 93 -3.82 17.61 -0.70
N ILE A 94 -4.67 16.62 -0.94
CA ILE A 94 -6.07 16.87 -1.24
C ILE A 94 -6.97 15.83 -0.61
N VAL A 95 -8.10 16.28 -0.06
CA VAL A 95 -9.05 15.38 0.59
C VAL A 95 -10.49 15.82 0.32
N ALA A 96 -11.38 14.86 0.19
CA ALA A 96 -12.78 15.14 -0.07
C ALA A 96 -13.69 14.21 0.74
N ASN A 97 -14.95 14.61 0.90
CA ASN A 97 -15.91 13.81 1.65
C ASN A 97 -17.21 13.64 0.86
N PRO A 98 -17.13 12.87 -0.23
CA PRO A 98 -18.29 12.61 -1.09
C PRO A 98 -19.33 11.72 -0.42
N ASN A 99 -18.86 10.71 0.31
CA ASN A 99 -19.75 9.80 1.02
C ASN A 99 -19.66 10.01 2.52
N ASP A 100 -20.73 9.60 3.23
CA ASP A 100 -20.77 9.74 4.68
C ASP A 100 -20.50 8.41 5.36
N ALA A 101 -21.10 7.35 4.84
CA ALA A 101 -20.92 6.01 5.39
C ALA A 101 -19.46 5.59 5.34
N ILE A 102 -18.88 5.34 6.51
CA ILE A 102 -17.49 4.92 6.58
C ILE A 102 -17.38 3.42 6.84
N LYS A 103 -16.72 2.70 5.92
CA LYS A 103 -16.54 1.27 6.05
C LYS A 103 -15.32 0.94 6.90
N VAL A 104 -15.16 -0.34 7.24
CA VAL A 104 -14.03 -0.77 8.04
C VAL A 104 -13.35 -1.99 7.43
N CYS A 105 -12.11 -2.24 7.84
CA CYS A 105 -11.35 -3.37 7.31
C CYS A 105 -11.91 -4.69 7.83
N GLU A 106 -11.86 -4.87 9.15
CA GLU A 106 -12.36 -6.10 9.77
C GLU A 106 -13.80 -6.38 9.33
N PRO A 13 17.56 -1.99 -0.71
CA PRO A 13 16.44 -2.31 -1.60
C PRO A 13 16.92 -2.98 -2.90
N SER A 14 15.97 -3.26 -3.79
CA SER A 14 16.29 -3.90 -5.06
C SER A 14 15.46 -3.29 -6.20
N GLN A 15 15.51 -3.93 -7.37
CA GLN A 15 14.76 -3.46 -8.52
C GLN A 15 13.35 -4.05 -8.55
N THR A 16 12.40 -3.26 -9.02
CA THR A 16 11.01 -3.70 -9.09
C THR A 16 10.26 -3.01 -10.23
N SER A 17 9.01 -3.38 -10.42
CA SER A 17 8.18 -2.79 -11.47
C SER A 17 6.88 -2.26 -10.91
N PHE A 18 6.97 -1.41 -9.89
CA PHE A 18 5.79 -0.83 -9.26
C PHE A 18 5.97 0.68 -9.08
N LYS A 19 4.85 1.38 -8.93
CA LYS A 19 4.87 2.83 -8.75
C LYS A 19 4.12 3.22 -7.47
N PRO A 20 4.51 4.36 -6.89
CA PRO A 20 3.88 4.88 -5.66
C PRO A 20 2.45 5.36 -5.90
N LEU A 21 1.63 5.29 -4.85
CA LEU A 21 0.24 5.72 -4.94
C LEU A 21 -0.11 6.69 -3.83
N THR A 22 0.10 6.27 -2.59
CA THR A 22 -0.18 7.11 -1.44
C THR A 22 0.65 6.69 -0.23
N VAL A 23 0.44 7.37 0.90
CA VAL A 23 1.17 7.06 2.12
C VAL A 23 0.29 7.24 3.35
N VAL A 24 -0.18 6.14 3.91
CA VAL A 24 -1.03 6.18 5.09
C VAL A 24 -0.42 7.05 6.18
N ASP A 25 0.55 6.50 6.91
CA ASP A 25 1.22 7.24 7.97
C ASP A 25 2.73 7.04 7.91
N GLY A 26 3.24 6.84 6.70
CA GLY A 26 4.67 6.65 6.52
C GLY A 26 4.98 5.47 5.62
N VAL A 27 3.95 4.72 5.24
CA VAL A 27 4.12 3.57 4.37
C VAL A 27 3.63 3.87 2.95
N ALA A 28 4.55 4.27 2.09
CA ALA A 28 4.21 4.58 0.71
C ALA A 28 3.60 3.37 0.00
N VAL A 29 2.28 3.32 -0.06
CA VAL A 29 1.58 2.22 -0.71
C VAL A 29 1.72 2.30 -2.22
N ASN A 30 2.45 1.36 -2.80
CA ASN A 30 2.66 1.32 -4.23
C ASN A 30 1.68 0.36 -4.90
N MET A 31 1.50 0.52 -6.20
CA MET A 31 0.58 -0.32 -6.97
C MET A 31 1.23 -0.81 -8.25
N PRO A 32 0.72 -1.94 -8.79
CA PRO A 32 1.24 -2.53 -10.01
C PRO A 32 0.93 -1.68 -11.25
N ASN A 33 1.94 -1.45 -12.07
CA ASN A 33 1.77 -0.65 -13.29
C ASN A 33 0.80 -1.33 -14.24
N ASN A 34 0.80 -2.65 -14.25
CA ASN A 34 -0.08 -3.43 -15.13
C ASN A 34 -1.46 -3.58 -14.49
N HIS A 35 -2.07 -2.46 -14.13
CA HIS A 35 -3.39 -2.47 -13.50
C HIS A 35 -4.05 -1.10 -13.59
N PRO A 36 -5.38 -1.06 -13.45
CA PRO A 36 -6.15 0.19 -13.50
C PRO A 36 -5.90 1.08 -12.29
N ASP A 37 -6.71 2.12 -12.16
CA ASP A 37 -6.57 3.05 -11.04
C ASP A 37 -7.18 2.47 -9.77
N LEU A 38 -6.69 2.92 -8.62
CA LEU A 38 -7.17 2.44 -7.34
C LEU A 38 -7.76 3.59 -6.52
N SER A 39 -8.59 4.40 -7.15
CA SER A 39 -9.21 5.54 -6.47
C SER A 39 -10.15 5.07 -5.37
N ASN A 40 -10.98 4.08 -5.69
CA ASN A 40 -11.93 3.54 -4.72
C ASN A 40 -11.22 2.68 -3.67
N TRP A 41 -10.15 2.01 -4.09
CA TRP A 41 -9.38 1.16 -3.20
C TRP A 41 -8.41 1.99 -2.35
N LEU A 42 -8.20 3.23 -2.75
CA LEU A 42 -7.30 4.13 -2.04
C LEU A 42 -7.67 4.19 -0.55
N PRO A 43 -8.92 4.59 -0.28
CA PRO A 43 -9.43 4.69 1.09
C PRO A 43 -9.60 3.34 1.76
N SER A 44 -9.95 2.34 0.95
CA SER A 44 -10.16 0.98 1.47
C SER A 44 -8.84 0.38 1.95
N ILE A 45 -7.77 0.64 1.20
CA ILE A 45 -6.45 0.12 1.56
C ILE A 45 -5.81 0.95 2.67
N GLU A 46 -5.77 2.27 2.47
CA GLU A 46 -5.18 3.16 3.46
C GLU A 46 -5.77 2.90 4.84
N LEU A 47 -7.03 2.48 4.88
CA LEU A 47 -7.71 2.19 6.14
C LEU A 47 -7.20 0.88 6.75
N CYS A 48 -6.99 -0.11 5.89
CA CYS A 48 -6.50 -1.41 6.34
C CYS A 48 -5.04 -1.33 6.79
N VAL A 49 -4.21 -0.76 5.91
CA VAL A 49 -2.78 -0.61 6.21
C VAL A 49 -2.56 0.15 7.51
N LYS A 50 -3.45 1.11 7.78
CA LYS A 50 -3.36 1.91 8.99
C LYS A 50 -3.23 1.03 10.22
N LYS A 51 -3.90 -0.12 10.20
CA LYS A 51 -3.84 -1.05 11.32
C LYS A 51 -2.46 -1.67 11.46
N TYR A 52 -1.80 -1.90 10.32
CA TYR A 52 -0.47 -2.48 10.32
C TYR A 52 0.56 -1.49 10.83
N ASN A 53 0.38 -0.22 10.49
CA ASN A 53 1.29 0.83 10.92
C ASN A 53 1.42 0.86 12.44
N GLU A 54 0.32 0.58 13.13
CA GLU A 54 0.30 0.56 14.58
C GLU A 54 1.02 -0.67 15.11
N LYS A 55 0.53 -1.84 14.74
CA LYS A 55 1.12 -3.10 15.18
C LYS A 55 2.62 -3.12 14.92
N HIS A 56 3.01 -2.75 13.70
CA HIS A 56 4.42 -2.72 13.33
C HIS A 56 4.99 -1.32 13.46
N THR A 57 5.93 -1.15 14.40
CA THR A 57 6.55 0.14 14.64
C THR A 57 8.01 -0.03 15.07
N GLY A 58 8.75 1.07 15.04
CA GLY A 58 10.15 1.03 15.42
C GLY A 58 10.98 0.17 14.49
N GLY A 59 10.88 0.44 13.19
CA GLY A 59 11.63 -0.32 12.22
C GLY A 59 10.82 -1.46 11.62
N LEU A 60 10.02 -2.11 12.45
CA LEU A 60 9.19 -3.22 11.99
C LEU A 60 8.27 -2.78 10.86
N LYS A 61 7.77 -1.56 10.96
CA LYS A 61 6.88 -1.02 9.93
C LYS A 61 7.49 -1.16 8.55
N PRO A 62 6.70 -1.66 7.59
CA PRO A 62 7.15 -1.84 6.20
C PRO A 62 7.35 -0.52 5.47
N ILE A 63 8.29 -0.50 4.54
CA ILE A 63 8.58 0.70 3.77
C ILE A 63 7.43 1.04 2.83
N GLU A 64 7.09 0.10 1.95
CA GLU A 64 6.02 0.30 1.00
C GLU A 64 5.03 -0.87 1.03
N VAL A 65 3.83 -0.65 0.52
CA VAL A 65 2.80 -1.68 0.49
C VAL A 65 2.25 -1.87 -0.93
N ILE A 66 2.42 -3.08 -1.46
CA ILE A 66 1.95 -3.39 -2.80
C ILE A 66 0.46 -3.72 -2.79
N ALA A 67 -0.36 -2.75 -3.19
CA ALA A 67 -1.80 -2.93 -3.23
C ALA A 67 -2.28 -3.22 -4.64
N THR A 68 -3.04 -4.29 -4.80
CA THR A 68 -3.56 -4.67 -6.11
C THR A 68 -5.08 -4.82 -6.08
N GLY A 69 -5.65 -5.32 -7.17
CA GLY A 69 -7.08 -5.51 -7.24
C GLY A 69 -7.67 -5.00 -8.54
N GLY A 70 -7.82 -3.69 -8.65
CA GLY A 70 -8.37 -3.10 -9.86
C GLY A 70 -9.87 -3.27 -9.95
N GLN A 71 -10.35 -3.68 -11.12
CA GLN A 71 -11.78 -3.88 -11.33
C GLN A 71 -12.26 -5.16 -10.66
N ASN A 72 -11.41 -6.18 -10.67
CA ASN A 72 -11.75 -7.46 -10.05
C ASN A 72 -12.11 -7.28 -8.58
N ASN A 73 -13.27 -7.79 -8.19
CA ASN A 73 -13.73 -7.68 -6.81
C ASN A 73 -12.67 -8.17 -5.84
N GLN A 74 -11.92 -9.20 -6.26
CA GLN A 74 -10.87 -9.76 -5.43
C GLN A 74 -9.65 -8.84 -5.39
N LEU A 75 -9.05 -8.70 -4.21
CA LEU A 75 -7.89 -7.85 -4.03
C LEU A 75 -6.80 -8.57 -3.23
N THR A 76 -5.55 -8.21 -3.50
CA THR A 76 -4.41 -8.83 -2.82
C THR A 76 -3.44 -7.76 -2.31
N LEU A 77 -2.94 -7.97 -1.09
CA LEU A 77 -2.00 -7.03 -0.48
C LEU A 77 -0.70 -7.74 -0.10
N ASN A 78 0.37 -6.97 0.02
CA ASN A 78 1.67 -7.52 0.38
C ASN A 78 2.53 -6.47 1.09
N TYR A 79 3.41 -6.92 1.96
CA TYR A 79 4.28 -6.02 2.71
C TYR A 79 5.70 -6.05 2.14
N ILE A 80 6.23 -4.88 1.80
CA ILE A 80 7.58 -4.79 1.25
C ILE A 80 8.38 -3.68 1.94
N HIS A 81 9.65 -3.95 2.20
CA HIS A 81 10.51 -2.98 2.85
C HIS A 81 11.79 -2.74 2.03
N SER A 82 11.76 -1.74 1.17
CA SER A 82 12.90 -1.42 0.32
C SER A 82 12.66 -0.13 -0.46
N PRO A 83 13.04 1.01 0.14
CA PRO A 83 12.88 2.33 -0.48
C PRO A 83 13.81 2.52 -1.66
N GLU A 84 13.24 2.48 -2.87
CA GLU A 84 14.02 2.64 -4.09
C GLU A 84 14.21 4.13 -4.40
N VAL A 85 15.15 4.42 -5.29
CA VAL A 85 15.44 5.80 -5.68
C VAL A 85 14.41 6.31 -6.68
N SER A 86 13.14 6.30 -6.29
CA SER A 86 12.06 6.75 -7.16
C SER A 86 10.83 7.13 -6.34
N GLY A 87 10.31 8.32 -6.57
CA GLY A 87 9.13 8.78 -5.86
C GLY A 87 8.56 10.06 -6.44
N GLU A 88 7.25 10.25 -6.29
CA GLU A 88 6.59 11.44 -6.80
C GLU A 88 5.32 11.73 -6.01
N ASN A 89 5.25 12.93 -5.43
CA ASN A 89 4.09 13.33 -4.65
C ASN A 89 4.13 14.83 -4.35
N ILE A 90 3.03 15.52 -4.67
CA ILE A 90 2.94 16.95 -4.43
C ILE A 90 1.80 17.28 -3.47
N THR A 91 0.71 16.54 -3.58
CA THR A 91 -0.45 16.75 -2.72
C THR A 91 -0.56 15.67 -1.67
N LEU A 92 0.07 15.90 -0.51
CA LEU A 92 0.04 14.94 0.58
C LEU A 92 -0.63 15.53 1.81
N ARG A 93 -1.96 15.45 1.85
CA ARG A 93 -2.73 15.98 2.97
C ARG A 93 -4.09 15.28 3.06
N ILE A 94 -4.73 15.42 4.23
CA ILE A 94 -6.03 14.81 4.45
C ILE A 94 -6.00 13.32 4.15
N VAL A 95 -5.33 12.55 5.01
CA VAL A 95 -5.22 11.11 4.83
C VAL A 95 -6.51 10.41 5.27
N ALA A 96 -7.15 10.94 6.30
CA ALA A 96 -8.39 10.38 6.81
C ALA A 96 -9.59 11.19 6.36
N ASN A 97 -10.79 10.73 6.72
CA ASN A 97 -12.02 11.41 6.36
C ASN A 97 -12.90 11.67 7.58
N PRO A 98 -13.84 12.62 7.47
CA PRO A 98 -14.75 12.97 8.55
C PRO A 98 -15.76 11.87 8.83
N ASN A 99 -16.24 11.23 7.78
CA ASN A 99 -17.22 10.15 7.91
C ASN A 99 -16.68 9.03 8.80
N ASP A 100 -17.59 8.23 9.35
CA ASP A 100 -17.20 7.13 10.21
C ASP A 100 -16.15 6.24 9.53
N ALA A 101 -15.29 5.63 10.34
CA ALA A 101 -14.24 4.76 9.82
C ALA A 101 -14.37 3.35 10.40
N ILE A 102 -14.70 2.39 9.56
CA ILE A 102 -14.83 1.00 9.99
C ILE A 102 -14.73 0.05 8.81
N LYS A 103 -13.81 -0.91 8.90
CA LYS A 103 -13.60 -1.89 7.85
C LYS A 103 -13.33 -3.27 8.43
N VAL A 104 -13.85 -4.30 7.78
CA VAL A 104 -13.67 -5.67 8.22
C VAL A 104 -12.30 -6.21 7.82
N CYS A 105 -11.84 -5.80 6.63
CA CYS A 105 -10.55 -6.24 6.12
C CYS A 105 -10.46 -7.76 6.12
N GLU A 106 -11.45 -8.40 5.50
CA GLU A 106 -11.47 -9.87 5.43
C GLU A 106 -10.56 -10.37 4.31
N PRO A 13 16.88 -4.34 -0.51
CA PRO A 13 16.19 -3.54 -1.53
C PRO A 13 16.64 -3.90 -2.95
N SER A 14 15.71 -3.80 -3.89
CA SER A 14 16.01 -4.12 -5.29
C SER A 14 15.05 -3.38 -6.22
N GLN A 15 15.26 -3.56 -7.52
CA GLN A 15 14.42 -2.91 -8.53
C GLN A 15 13.08 -3.62 -8.65
N THR A 16 12.11 -2.96 -9.26
CA THR A 16 10.78 -3.52 -9.44
C THR A 16 9.98 -2.74 -10.48
N SER A 17 8.83 -3.28 -10.87
CA SER A 17 7.98 -2.62 -11.85
C SER A 17 6.69 -2.12 -11.20
N PHE A 18 6.83 -1.23 -10.24
CA PHE A 18 5.68 -0.68 -9.53
C PHE A 18 5.80 0.84 -9.40
N LYS A 19 4.66 1.52 -9.36
CA LYS A 19 4.64 2.98 -9.23
C LYS A 19 3.97 3.39 -7.92
N PRO A 20 4.34 4.59 -7.42
CA PRO A 20 3.78 5.13 -6.18
C PRO A 20 2.32 5.54 -6.33
N LEU A 21 1.59 5.53 -5.22
CA LEU A 21 0.18 5.89 -5.22
C LEU A 21 -0.15 6.81 -4.05
N THR A 22 0.15 6.36 -2.84
CA THR A 22 -0.11 7.15 -1.64
C THR A 22 0.79 6.72 -0.50
N VAL A 23 0.58 7.32 0.68
CA VAL A 23 1.37 6.99 1.85
C VAL A 23 0.53 7.06 3.12
N VAL A 24 0.66 6.05 3.97
CA VAL A 24 -0.09 5.99 5.22
C VAL A 24 0.85 5.83 6.42
N ASP A 25 0.83 6.82 7.30
CA ASP A 25 1.67 6.78 8.50
C ASP A 25 3.12 6.49 8.12
N GLY A 26 3.51 6.88 6.91
CA GLY A 26 4.87 6.66 6.45
C GLY A 26 5.01 5.37 5.66
N VAL A 27 3.93 4.95 5.01
CA VAL A 27 3.93 3.73 4.23
C VAL A 27 3.56 4.01 2.77
N ALA A 28 4.57 4.32 1.97
CA ALA A 28 4.35 4.62 0.55
C ALA A 28 3.75 3.41 -0.17
N VAL A 29 2.42 3.42 -0.31
CA VAL A 29 1.73 2.33 -0.97
C VAL A 29 1.96 2.37 -2.48
N ASN A 30 2.59 1.33 -3.01
CA ASN A 30 2.89 1.25 -4.43
C ASN A 30 1.87 0.35 -5.14
N MET A 31 1.59 0.66 -6.40
CA MET A 31 0.65 -0.12 -7.19
C MET A 31 1.33 -0.76 -8.39
N PRO A 32 0.74 -1.86 -8.89
CA PRO A 32 1.27 -2.59 -10.04
C PRO A 32 1.16 -1.80 -11.34
N ASN A 33 2.21 -1.85 -12.15
CA ASN A 33 2.23 -1.14 -13.42
C ASN A 33 1.27 -1.79 -14.42
N ASN A 34 0.68 -0.97 -15.28
CA ASN A 34 -0.26 -1.46 -16.30
C ASN A 34 -1.52 -1.99 -15.64
N HIS A 35 -1.98 -1.32 -14.60
CA HIS A 35 -3.18 -1.72 -13.89
C HIS A 35 -4.16 -0.56 -13.77
N PRO A 36 -5.43 -0.89 -13.49
CA PRO A 36 -6.50 0.12 -13.36
C PRO A 36 -6.33 0.97 -12.10
N ASP A 37 -6.79 2.21 -12.16
CA ASP A 37 -6.71 3.12 -11.02
C ASP A 37 -7.29 2.46 -9.76
N LEU A 38 -6.71 2.81 -8.61
CA LEU A 38 -7.17 2.26 -7.34
C LEU A 38 -7.78 3.36 -6.46
N SER A 39 -8.73 4.10 -7.02
CA SER A 39 -9.39 5.17 -6.30
C SER A 39 -10.28 4.61 -5.19
N ASN A 40 -11.09 3.62 -5.54
CA ASN A 40 -12.00 3.00 -4.58
C ASN A 40 -11.23 2.18 -3.56
N TRP A 41 -10.12 1.59 -4.00
CA TRP A 41 -9.29 0.78 -3.13
C TRP A 41 -8.37 1.64 -2.28
N LEU A 42 -8.11 2.86 -2.74
CA LEU A 42 -7.25 3.79 -2.03
C LEU A 42 -7.61 3.84 -0.55
N PRO A 43 -8.88 4.14 -0.26
CA PRO A 43 -9.39 4.22 1.11
C PRO A 43 -9.46 2.86 1.79
N SER A 44 -9.44 1.80 0.97
CA SER A 44 -9.50 0.44 1.49
C SER A 44 -8.14 -0.01 2.02
N ILE A 45 -7.10 0.29 1.27
CA ILE A 45 -5.74 -0.08 1.66
C ILE A 45 -5.19 0.88 2.70
N GLU A 46 -5.33 2.18 2.44
CA GLU A 46 -4.85 3.20 3.36
C GLU A 46 -5.34 2.92 4.79
N LEU A 47 -6.55 2.40 4.90
CA LEU A 47 -7.14 2.10 6.19
C LEU A 47 -6.65 0.74 6.71
N CYS A 48 -6.54 -0.22 5.80
CA CYS A 48 -6.08 -1.56 6.15
C CYS A 48 -4.67 -1.52 6.72
N VAL A 49 -3.79 -0.76 6.06
CA VAL A 49 -2.41 -0.63 6.49
C VAL A 49 -2.31 0.21 7.76
N LYS A 50 -3.22 1.16 7.91
CA LYS A 50 -3.23 2.05 9.07
C LYS A 50 -3.16 1.24 10.37
N LYS A 51 -3.90 0.13 10.41
CA LYS A 51 -3.92 -0.73 11.58
C LYS A 51 -2.64 -1.55 11.67
N TYR A 52 -2.19 -2.06 10.52
CA TYR A 52 -0.97 -2.86 10.48
C TYR A 52 0.20 -2.13 11.12
N ASN A 53 0.23 -0.82 10.94
CA ASN A 53 1.29 0.00 11.50
C ASN A 53 1.25 0.00 13.03
N GLU A 54 0.04 -0.10 13.57
CA GLU A 54 -0.15 -0.12 15.02
C GLU A 54 0.33 -1.44 15.61
N LYS A 55 -0.04 -2.54 14.95
CA LYS A 55 0.35 -3.87 15.42
C LYS A 55 1.82 -4.13 15.16
N HIS A 56 2.30 -3.67 14.01
CA HIS A 56 3.70 -3.84 13.63
C HIS A 56 4.51 -2.57 13.90
N THR A 57 5.24 -2.55 15.00
CA THR A 57 6.04 -1.40 15.37
C THR A 57 7.46 -1.82 15.73
N GLY A 58 8.40 -0.88 15.60
CA GLY A 58 9.79 -1.16 15.91
C GLY A 58 10.43 -2.07 14.88
N GLY A 59 10.97 -1.48 13.81
CA GLY A 59 11.61 -2.26 12.78
C GLY A 59 10.66 -3.26 12.14
N LEU A 60 9.38 -2.93 12.11
CA LEU A 60 8.37 -3.81 11.53
C LEU A 60 7.56 -3.09 10.46
N LYS A 61 7.35 -1.79 10.66
CA LYS A 61 6.60 -0.98 9.70
C LYS A 61 7.15 -1.16 8.30
N PRO A 62 6.27 -1.54 7.36
CA PRO A 62 6.65 -1.76 5.96
C PRO A 62 6.97 -0.45 5.24
N ILE A 63 8.18 -0.37 4.68
CA ILE A 63 8.60 0.83 3.97
C ILE A 63 7.68 1.12 2.79
N GLU A 64 7.19 0.07 2.15
CA GLU A 64 6.31 0.20 1.00
C GLU A 64 5.32 -0.95 0.93
N VAL A 65 4.05 -0.63 0.72
CA VAL A 65 3.00 -1.64 0.63
C VAL A 65 2.45 -1.74 -0.78
N ILE A 66 2.53 -2.93 -1.36
CA ILE A 66 2.03 -3.15 -2.71
C ILE A 66 0.53 -3.41 -2.72
N ALA A 67 -0.22 -2.49 -3.31
CA ALA A 67 -1.68 -2.63 -3.39
C ALA A 67 -2.13 -2.90 -4.81
N THR A 68 -3.00 -3.89 -4.98
CA THR A 68 -3.51 -4.25 -6.30
C THR A 68 -5.03 -4.29 -6.30
N GLY A 69 -5.60 -4.80 -7.39
CA GLY A 69 -7.05 -4.88 -7.50
C GLY A 69 -7.59 -4.07 -8.66
N GLY A 70 -8.22 -4.75 -9.62
CA GLY A 70 -8.78 -4.06 -10.77
C GLY A 70 -10.16 -4.56 -11.12
N GLN A 71 -11.18 -3.77 -10.80
CA GLN A 71 -12.56 -4.14 -11.08
C GLN A 71 -12.87 -5.53 -10.54
N ASN A 72 -12.29 -5.87 -9.40
CA ASN A 72 -12.51 -7.17 -8.78
C ASN A 72 -12.94 -7.02 -7.32
N ASN A 73 -14.08 -7.61 -7.00
CA ASN A 73 -14.62 -7.54 -5.64
C ASN A 73 -13.56 -7.96 -4.63
N GLN A 74 -12.74 -8.93 -5.00
CA GLN A 74 -11.69 -9.42 -4.11
C GLN A 74 -10.65 -8.33 -3.86
N LEU A 75 -9.81 -8.56 -2.85
CA LEU A 75 -8.77 -7.60 -2.50
C LEU A 75 -7.44 -8.30 -2.25
N THR A 76 -6.34 -7.62 -2.55
CA THR A 76 -5.01 -8.18 -2.35
C THR A 76 -4.04 -7.12 -1.85
N LEU A 77 -3.09 -7.55 -1.02
CA LEU A 77 -2.10 -6.64 -0.46
C LEU A 77 -0.80 -7.38 -0.13
N ASN A 78 0.27 -6.62 0.06
CA ASN A 78 1.56 -7.22 0.39
C ASN A 78 2.41 -6.25 1.22
N TYR A 79 3.25 -6.79 2.09
CA TYR A 79 4.12 -5.97 2.94
C TYR A 79 5.56 -6.05 2.47
N ILE A 80 6.09 -4.91 2.03
CA ILE A 80 7.47 -4.85 1.56
C ILE A 80 8.27 -3.79 2.33
N HIS A 81 9.37 -4.22 2.94
CA HIS A 81 10.22 -3.31 3.70
C HIS A 81 11.66 -3.36 3.20
N SER A 82 12.10 -2.28 2.58
CA SER A 82 13.45 -2.19 2.04
C SER A 82 13.68 -0.84 1.35
N PRO A 83 14.65 -0.08 1.88
CA PRO A 83 15.00 1.24 1.34
C PRO A 83 15.67 1.15 -0.03
N GLU A 84 15.02 1.69 -1.04
CA GLU A 84 15.55 1.66 -2.41
C GLU A 84 15.79 3.08 -2.92
N VAL A 85 16.21 3.96 -2.02
CA VAL A 85 16.48 5.35 -2.39
C VAL A 85 17.61 5.93 -1.54
N SER A 86 17.91 7.20 -1.77
CA SER A 86 18.99 7.87 -1.04
C SER A 86 18.46 8.44 0.27
N GLY A 87 17.35 9.16 0.20
CA GLY A 87 16.76 9.75 1.39
C GLY A 87 15.25 9.84 1.31
N GLU A 88 14.60 9.85 2.47
CA GLU A 88 13.15 9.93 2.53
C GLU A 88 12.67 10.27 3.94
N ASN A 89 12.05 11.43 4.09
CA ASN A 89 11.56 11.87 5.39
C ASN A 89 10.08 12.24 5.31
N ILE A 90 9.24 11.42 5.95
CA ILE A 90 7.80 11.66 5.96
C ILE A 90 7.12 10.83 7.04
N THR A 91 6.18 11.46 7.75
CA THR A 91 5.46 10.79 8.82
C THR A 91 4.21 11.58 9.21
N LEU A 92 3.23 10.89 9.78
CA LEU A 92 1.99 11.53 10.21
C LEU A 92 1.75 11.31 11.69
N ARG A 93 0.76 12.00 12.25
CA ARG A 93 0.42 11.87 13.66
C ARG A 93 -1.03 11.46 13.84
N ILE A 94 -1.26 10.46 14.68
CA ILE A 94 -2.61 9.96 14.94
C ILE A 94 -2.63 9.01 16.13
N VAL A 95 -3.69 9.08 16.92
CA VAL A 95 -3.83 8.21 18.09
C VAL A 95 -5.11 7.40 18.01
N ALA A 96 -5.02 6.13 18.41
CA ALA A 96 -6.17 5.24 18.39
C ALA A 96 -5.85 3.91 19.05
N ASN A 97 -6.85 3.31 19.70
CA ASN A 97 -6.66 2.03 20.38
C ASN A 97 -7.15 0.88 19.51
N PRO A 98 -6.61 -0.32 19.75
CA PRO A 98 -6.99 -1.52 19.00
C PRO A 98 -8.41 -1.99 19.32
N ASN A 99 -9.18 -2.31 18.28
CA ASN A 99 -10.55 -2.76 18.46
C ASN A 99 -10.68 -4.24 18.11
N ASP A 100 -10.46 -4.57 16.84
CA ASP A 100 -10.56 -5.94 16.38
C ASP A 100 -9.17 -6.52 16.11
N ALA A 101 -9.00 -7.80 16.40
CA ALA A 101 -7.72 -8.47 16.20
C ALA A 101 -7.85 -9.59 15.16
N ILE A 102 -8.92 -10.37 15.27
CA ILE A 102 -9.16 -11.47 14.35
C ILE A 102 -9.19 -10.98 12.90
N LYS A 103 -9.98 -9.93 12.66
CA LYS A 103 -10.11 -9.36 11.32
C LYS A 103 -9.63 -7.92 11.30
N VAL A 104 -8.33 -7.72 11.15
CA VAL A 104 -7.75 -6.39 11.11
C VAL A 104 -8.24 -5.61 9.90
N CYS A 105 -8.43 -6.32 8.78
CA CYS A 105 -8.89 -5.70 7.55
C CYS A 105 -10.15 -6.38 7.04
N GLU A 106 -10.03 -7.63 6.63
CA GLU A 106 -11.15 -8.39 6.12
C GLU A 106 -12.27 -8.47 7.15
N PRO A 13 16.22 -5.39 -1.15
CA PRO A 13 15.77 -4.33 -2.06
C PRO A 13 16.06 -4.68 -3.53
N SER A 14 15.13 -4.31 -4.41
CA SER A 14 15.28 -4.59 -5.83
C SER A 14 14.37 -3.68 -6.66
N GLN A 15 14.42 -3.84 -7.98
CA GLN A 15 13.61 -3.03 -8.87
C GLN A 15 12.40 -3.82 -9.37
N THR A 16 11.33 -3.09 -9.68
CA THR A 16 10.10 -3.72 -10.16
C THR A 16 9.24 -2.73 -10.92
N SER A 17 8.21 -3.23 -11.59
CA SER A 17 7.31 -2.39 -12.36
C SER A 17 6.14 -1.91 -11.50
N PHE A 18 6.47 -1.20 -10.43
CA PHE A 18 5.45 -0.68 -9.52
C PHE A 18 5.69 0.80 -9.22
N LYS A 19 4.61 1.54 -9.00
CA LYS A 19 4.69 2.97 -8.71
C LYS A 19 3.87 3.32 -7.48
N PRO A 20 4.24 4.42 -6.82
CA PRO A 20 3.55 4.89 -5.62
C PRO A 20 2.15 5.42 -5.92
N LEU A 21 1.28 5.40 -4.92
CA LEU A 21 -0.09 5.89 -5.09
C LEU A 21 -0.52 6.70 -3.87
N THR A 22 -0.19 6.21 -2.68
CA THR A 22 -0.55 6.88 -1.44
C THR A 22 0.32 6.41 -0.28
N VAL A 23 0.38 7.22 0.77
CA VAL A 23 1.17 6.88 1.95
C VAL A 23 0.47 7.30 3.23
N VAL A 24 -0.04 6.33 3.98
CA VAL A 24 -0.74 6.61 5.23
C VAL A 24 0.03 6.05 6.42
N ASP A 25 0.25 6.89 7.43
CA ASP A 25 0.97 6.48 8.62
C ASP A 25 2.47 6.46 8.37
N GLY A 26 2.86 6.72 7.13
CA GLY A 26 4.27 6.72 6.77
C GLY A 26 4.68 5.47 6.00
N VAL A 27 3.73 4.91 5.26
CA VAL A 27 4.00 3.72 4.46
C VAL A 27 3.72 3.96 2.98
N ALA A 28 4.78 4.12 2.21
CA ALA A 28 4.64 4.35 0.78
C ALA A 28 3.98 3.17 0.08
N VAL A 29 2.67 3.29 -0.16
CA VAL A 29 1.92 2.22 -0.81
C VAL A 29 2.06 2.30 -2.33
N ASN A 30 2.60 1.25 -2.94
CA ASN A 30 2.78 1.21 -4.38
C ASN A 30 1.83 0.21 -5.01
N MET A 31 1.50 0.42 -6.29
CA MET A 31 0.61 -0.48 -7.01
C MET A 31 1.23 -0.91 -8.33
N PRO A 32 0.73 -2.03 -8.88
CA PRO A 32 1.22 -2.59 -10.14
C PRO A 32 0.84 -1.72 -11.34
N ASN A 33 1.84 -1.30 -12.11
CA ASN A 33 1.61 -0.48 -13.28
C ASN A 33 0.65 -1.16 -14.25
N ASN A 34 0.70 -2.49 -14.28
CA ASN A 34 -0.16 -3.26 -15.16
C ASN A 34 -1.54 -3.44 -14.56
N HIS A 35 -2.17 -2.34 -14.17
CA HIS A 35 -3.50 -2.37 -13.57
C HIS A 35 -4.16 -1.00 -13.64
N PRO A 36 -5.48 -0.98 -13.50
CA PRO A 36 -6.27 0.26 -13.54
C PRO A 36 -6.03 1.14 -12.31
N ASP A 37 -6.71 2.28 -12.28
CA ASP A 37 -6.56 3.21 -11.16
C ASP A 37 -7.22 2.65 -9.90
N LEU A 38 -6.65 2.97 -8.75
CA LEU A 38 -7.17 2.50 -7.48
C LEU A 38 -7.70 3.66 -6.64
N SER A 39 -8.56 4.47 -7.24
CA SER A 39 -9.15 5.62 -6.55
C SER A 39 -10.20 5.17 -5.54
N ASN A 40 -10.93 4.13 -5.89
CA ASN A 40 -11.98 3.60 -5.01
C ASN A 40 -11.37 2.80 -3.86
N TRP A 41 -10.25 2.13 -4.15
CA TRP A 41 -9.57 1.31 -3.15
C TRP A 41 -8.66 2.18 -2.29
N LEU A 42 -8.40 3.40 -2.73
CA LEU A 42 -7.54 4.32 -1.99
C LEU A 42 -7.90 4.32 -0.51
N PRO A 43 -9.17 4.62 -0.21
CA PRO A 43 -9.67 4.66 1.18
C PRO A 43 -9.73 3.28 1.81
N SER A 44 -9.75 2.25 0.98
CA SER A 44 -9.81 0.87 1.45
C SER A 44 -8.44 0.40 1.92
N ILE A 45 -7.41 0.75 1.16
CA ILE A 45 -6.05 0.35 1.48
C ILE A 45 -5.46 1.26 2.57
N GLU A 46 -5.60 2.57 2.36
CA GLU A 46 -5.09 3.55 3.32
C GLU A 46 -5.55 3.21 4.74
N LEU A 47 -6.76 2.67 4.85
CA LEU A 47 -7.32 2.31 6.15
C LEU A 47 -6.81 0.95 6.60
N CYS A 48 -6.74 0.01 5.66
CA CYS A 48 -6.26 -1.34 5.96
C CYS A 48 -4.84 -1.30 6.51
N VAL A 49 -3.96 -0.59 5.82
CA VAL A 49 -2.57 -0.47 6.23
C VAL A 49 -2.44 0.34 7.52
N LYS A 50 -3.37 1.27 7.72
CA LYS A 50 -3.37 2.11 8.90
C LYS A 50 -3.24 1.27 10.16
N LYS A 51 -3.90 0.12 10.17
CA LYS A 51 -3.85 -0.79 11.31
C LYS A 51 -2.52 -1.52 11.38
N TYR A 52 -1.96 -1.83 10.21
CA TYR A 52 -0.69 -2.54 10.14
C TYR A 52 0.44 -1.68 10.71
N ASN A 53 0.47 -0.41 10.32
CA ASN A 53 1.49 0.51 10.79
C ASN A 53 1.56 0.51 12.32
N GLU A 54 0.40 0.35 12.95
CA GLU A 54 0.33 0.34 14.41
C GLU A 54 0.96 -0.93 14.97
N LYS A 55 0.41 -2.07 14.57
CA LYS A 55 0.91 -3.37 15.03
C LYS A 55 2.41 -3.49 14.77
N HIS A 56 2.82 -3.14 13.55
CA HIS A 56 4.23 -3.21 13.17
C HIS A 56 4.89 -1.84 13.23
N THR A 57 5.77 -1.65 14.21
CA THR A 57 6.46 -0.39 14.39
C THR A 57 7.92 -0.60 14.80
N GLY A 58 8.70 0.47 14.78
CA GLY A 58 10.09 0.38 15.15
C GLY A 58 10.88 -0.53 14.23
N GLY A 59 10.92 -0.17 12.95
CA GLY A 59 11.65 -0.97 11.97
C GLY A 59 10.78 -2.04 11.35
N LEU A 60 10.01 -2.74 12.17
CA LEU A 60 9.14 -3.80 11.68
C LEU A 60 8.21 -3.29 10.59
N LYS A 61 7.79 -2.03 10.71
CA LYS A 61 6.92 -1.41 9.73
C LYS A 61 7.48 -1.57 8.32
N PRO A 62 6.62 -1.96 7.38
CA PRO A 62 7.01 -2.16 5.98
C PRO A 62 7.32 -0.84 5.27
N ILE A 63 8.47 -0.78 4.62
CA ILE A 63 8.87 0.42 3.89
C ILE A 63 7.91 0.74 2.75
N GLU A 64 7.39 -0.32 2.12
CA GLU A 64 6.46 -0.16 1.01
C GLU A 64 5.40 -1.26 1.03
N VAL A 65 4.20 -0.93 0.56
CA VAL A 65 3.11 -1.89 0.52
C VAL A 65 2.58 -2.05 -0.90
N ILE A 66 2.82 -3.22 -1.49
CA ILE A 66 2.35 -3.50 -2.85
C ILE A 66 0.90 -3.95 -2.85
N ALA A 67 0.01 -3.03 -3.19
CA ALA A 67 -1.42 -3.32 -3.24
C ALA A 67 -1.85 -3.73 -4.64
N THR A 68 -2.71 -4.73 -4.74
CA THR A 68 -3.21 -5.20 -6.02
C THR A 68 -4.71 -5.48 -5.98
N GLY A 69 -5.41 -5.04 -7.02
CA GLY A 69 -6.84 -5.24 -7.07
C GLY A 69 -7.59 -4.00 -7.56
N GLY A 70 -7.52 -3.74 -8.85
CA GLY A 70 -8.20 -2.58 -9.41
C GLY A 70 -9.33 -2.97 -10.34
N GLN A 71 -10.49 -2.35 -10.14
CA GLN A 71 -11.66 -2.63 -10.97
C GLN A 71 -12.09 -4.10 -10.83
N ASN A 72 -11.92 -4.64 -9.63
CA ASN A 72 -12.28 -6.03 -9.38
C ASN A 72 -12.47 -6.27 -7.88
N ASN A 73 -13.50 -7.04 -7.54
CA ASN A 73 -13.78 -7.35 -6.14
C ASN A 73 -12.56 -7.94 -5.45
N GLN A 74 -11.81 -8.78 -6.17
CA GLN A 74 -10.63 -9.40 -5.63
C GLN A 74 -9.62 -8.36 -5.17
N LEU A 75 -8.98 -8.62 -4.04
CA LEU A 75 -8.00 -7.69 -3.48
C LEU A 75 -6.86 -8.45 -2.79
N THR A 76 -5.62 -8.09 -3.12
CA THR A 76 -4.45 -8.73 -2.54
C THR A 76 -3.36 -7.71 -2.24
N LEU A 77 -2.87 -7.72 -1.01
CA LEU A 77 -1.82 -6.79 -0.59
C LEU A 77 -0.52 -7.55 -0.32
N ASN A 78 0.56 -6.78 -0.16
CA ASN A 78 1.87 -7.38 0.11
C ASN A 78 2.75 -6.42 0.90
N TYR A 79 3.38 -6.93 1.95
CA TYR A 79 4.25 -6.11 2.79
C TYR A 79 5.71 -6.24 2.35
N ILE A 80 6.24 -5.17 1.76
CA ILE A 80 7.62 -5.17 1.30
C ILE A 80 8.45 -4.15 2.06
N HIS A 81 9.55 -4.61 2.66
CA HIS A 81 10.43 -3.74 3.42
C HIS A 81 11.85 -3.78 2.86
N SER A 82 12.28 -2.67 2.28
CA SER A 82 13.62 -2.59 1.71
C SER A 82 13.86 -1.21 1.08
N PRO A 83 14.85 -0.49 1.62
CA PRO A 83 15.20 0.85 1.13
C PRO A 83 15.85 0.81 -0.25
N GLU A 84 15.35 1.65 -1.15
CA GLU A 84 15.87 1.71 -2.51
C GLU A 84 15.54 3.05 -3.16
N VAL A 85 16.48 3.98 -3.10
CA VAL A 85 16.29 5.31 -3.68
C VAL A 85 17.63 5.99 -3.92
N SER A 86 17.73 6.70 -5.04
CA SER A 86 18.96 7.40 -5.40
C SER A 86 18.82 8.90 -5.13
N GLY A 87 19.79 9.45 -4.40
CA GLY A 87 19.77 10.87 -4.08
C GLY A 87 20.03 11.14 -2.61
N GLU A 88 18.97 11.37 -1.85
CA GLU A 88 19.08 11.64 -0.43
C GLU A 88 17.78 11.33 0.30
N ASN A 89 17.89 10.70 1.46
CA ASN A 89 16.72 10.35 2.25
C ASN A 89 17.05 10.32 3.74
N ILE A 90 16.03 10.45 4.58
CA ILE A 90 16.22 10.43 6.03
C ILE A 90 16.68 9.07 6.51
N THR A 91 17.54 9.07 7.53
CA THR A 91 18.06 7.83 8.08
C THR A 91 17.09 7.21 9.09
N LEU A 92 16.95 5.90 9.05
CA LEU A 92 16.04 5.19 9.96
C LEU A 92 16.80 4.12 10.75
N ARG A 93 16.14 3.56 11.75
CA ARG A 93 16.73 2.53 12.59
C ARG A 93 15.95 1.22 12.47
N ILE A 94 16.52 0.26 11.73
CA ILE A 94 15.89 -1.03 11.54
C ILE A 94 16.86 -2.17 11.81
N VAL A 95 16.35 -3.39 11.85
CA VAL A 95 17.17 -4.57 12.11
C VAL A 95 16.83 -5.70 11.14
N ALA A 96 15.61 -6.21 11.27
CA ALA A 96 15.15 -7.31 10.42
C ALA A 96 13.69 -7.64 10.70
N ASN A 97 13.11 -8.49 9.85
CA ASN A 97 11.72 -8.90 10.01
C ASN A 97 11.56 -10.39 9.77
N PRO A 98 12.05 -11.20 10.70
CA PRO A 98 11.98 -12.66 10.62
C PRO A 98 10.55 -13.18 10.80
N ASN A 99 9.78 -12.50 11.65
CA ASN A 99 8.40 -12.89 11.91
C ASN A 99 7.60 -12.92 10.61
N ASP A 100 6.65 -13.85 10.55
CA ASP A 100 5.80 -13.98 9.36
C ASP A 100 4.88 -12.77 9.22
N ALA A 101 4.06 -12.78 8.17
CA ALA A 101 3.13 -11.69 7.90
C ALA A 101 1.88 -12.19 7.19
N ILE A 102 0.73 -11.99 7.82
CA ILE A 102 -0.54 -12.41 7.26
C ILE A 102 -0.84 -11.66 5.96
N LYS A 103 -2.00 -11.95 5.37
CA LYS A 103 -2.41 -11.29 4.14
C LYS A 103 -3.85 -10.79 4.24
N VAL A 104 -4.71 -11.61 4.85
CA VAL A 104 -6.11 -11.24 5.01
C VAL A 104 -6.25 -9.87 5.66
N CYS A 105 -7.18 -9.07 5.14
CA CYS A 105 -7.41 -7.73 5.66
C CYS A 105 -8.82 -7.62 6.26
N GLU A 106 -8.89 -7.05 7.46
CA GLU A 106 -10.17 -6.88 8.15
C GLU A 106 -11.01 -5.79 7.47
N PRO A 13 15.27 -4.94 -2.29
CA PRO A 13 15.16 -3.81 -3.22
C PRO A 13 15.69 -4.15 -4.61
N SER A 14 14.79 -4.53 -5.51
CA SER A 14 15.17 -4.89 -6.87
C SER A 14 14.46 -4.00 -7.88
N GLN A 15 14.27 -2.73 -7.53
CA GLN A 15 13.60 -1.78 -8.40
C GLN A 15 12.45 -2.46 -9.15
N THR A 16 11.45 -2.92 -8.42
CA THR A 16 10.30 -3.57 -9.01
C THR A 16 9.55 -2.64 -9.95
N SER A 17 8.73 -3.22 -10.83
CA SER A 17 7.96 -2.43 -11.78
C SER A 17 6.67 -1.91 -11.14
N PHE A 18 6.82 -1.19 -10.04
CA PHE A 18 5.67 -0.64 -9.33
C PHE A 18 5.88 0.85 -9.03
N LYS A 19 4.79 1.60 -9.01
CA LYS A 19 4.85 3.03 -8.73
C LYS A 19 4.09 3.38 -7.46
N PRO A 20 4.49 4.47 -6.81
CA PRO A 20 3.86 4.94 -5.57
C PRO A 20 2.44 5.46 -5.80
N LEU A 21 1.56 5.18 -4.85
CA LEU A 21 0.17 5.62 -4.95
C LEU A 21 -0.17 6.59 -3.81
N THR A 22 0.02 6.14 -2.57
CA THR A 22 -0.26 6.96 -1.41
C THR A 22 0.48 6.44 -0.18
N VAL A 23 0.70 7.32 0.78
CA VAL A 23 1.40 6.96 2.02
C VAL A 23 0.51 7.16 3.23
N VAL A 24 0.34 6.09 4.00
CA VAL A 24 -0.49 6.14 5.21
C VAL A 24 0.30 5.73 6.44
N ASP A 25 0.39 6.64 7.40
CA ASP A 25 1.12 6.37 8.64
C ASP A 25 2.63 6.44 8.40
N GLY A 26 3.03 6.68 7.15
CA GLY A 26 4.43 6.77 6.82
C GLY A 26 4.91 5.59 6.00
N VAL A 27 3.99 4.98 5.26
CA VAL A 27 4.32 3.83 4.43
C VAL A 27 3.93 4.08 2.97
N ALA A 28 4.93 4.31 2.12
CA ALA A 28 4.67 4.55 0.71
C ALA A 28 4.05 3.34 0.04
N VAL A 29 2.73 3.36 -0.11
CA VAL A 29 2.01 2.26 -0.74
C VAL A 29 2.06 2.37 -2.26
N ASN A 30 2.72 1.41 -2.90
CA ASN A 30 2.83 1.39 -4.35
C ASN A 30 1.82 0.43 -4.97
N MET A 31 1.53 0.65 -6.24
CA MET A 31 0.57 -0.21 -6.95
C MET A 31 1.18 -0.74 -8.25
N PRO A 32 0.65 -1.87 -8.73
CA PRO A 32 1.12 -2.51 -9.96
C PRO A 32 0.74 -1.71 -11.20
N ASN A 33 1.74 -1.47 -12.05
CA ASN A 33 1.51 -0.71 -13.28
C ASN A 33 0.52 -1.43 -14.20
N ASN A 34 0.56 -2.76 -14.15
CA ASN A 34 -0.33 -3.57 -14.98
C ASN A 34 -1.70 -3.72 -14.32
N HIS A 35 -2.32 -2.59 -14.00
CA HIS A 35 -3.63 -2.60 -13.35
C HIS A 35 -4.31 -1.23 -13.49
N PRO A 36 -5.64 -1.21 -13.33
CA PRO A 36 -6.43 0.02 -13.45
C PRO A 36 -6.17 0.97 -12.28
N ASP A 37 -6.99 2.01 -12.19
CA ASP A 37 -6.85 3.00 -11.11
C ASP A 37 -7.43 2.47 -9.81
N LEU A 38 -6.82 2.86 -8.70
CA LEU A 38 -7.27 2.42 -7.38
C LEU A 38 -7.91 3.57 -6.61
N SER A 39 -8.78 4.31 -7.27
CA SER A 39 -9.47 5.44 -6.66
C SER A 39 -10.37 4.98 -5.52
N ASN A 40 -11.17 3.95 -5.79
CA ASN A 40 -12.08 3.40 -4.79
C ASN A 40 -11.33 2.58 -3.75
N TRP A 41 -10.24 1.96 -4.18
CA TRP A 41 -9.42 1.14 -3.29
C TRP A 41 -8.50 2.01 -2.44
N LEU A 42 -8.33 3.27 -2.84
CA LEU A 42 -7.48 4.19 -2.11
C LEU A 42 -7.88 4.26 -0.64
N PRO A 43 -9.15 4.61 -0.39
CA PRO A 43 -9.68 4.72 0.97
C PRO A 43 -9.82 3.35 1.65
N SER A 44 -10.06 2.32 0.84
CA SER A 44 -10.22 0.97 1.36
C SER A 44 -8.88 0.42 1.86
N ILE A 45 -7.82 0.71 1.12
CA ILE A 45 -6.49 0.25 1.49
C ILE A 45 -5.89 1.11 2.59
N GLU A 46 -5.94 2.43 2.38
CA GLU A 46 -5.39 3.37 3.36
C GLU A 46 -5.92 3.07 4.76
N LEU A 47 -7.15 2.54 4.82
CA LEU A 47 -7.76 2.21 6.10
C LEU A 47 -7.27 0.86 6.61
N CYS A 48 -7.04 -0.07 5.68
CA CYS A 48 -6.57 -1.40 6.03
C CYS A 48 -5.11 -1.35 6.50
N VAL A 49 -4.26 -0.73 5.70
CA VAL A 49 -2.85 -0.61 6.04
C VAL A 49 -2.65 0.10 7.37
N LYS A 50 -3.54 1.04 7.66
CA LYS A 50 -3.47 1.81 8.90
C LYS A 50 -3.35 0.87 10.10
N LYS A 51 -4.00 -0.28 10.03
CA LYS A 51 -3.96 -1.26 11.10
C LYS A 51 -2.60 -1.94 11.16
N TYR A 52 -2.02 -2.19 10.00
CA TYR A 52 -0.72 -2.85 9.92
C TYR A 52 0.37 -1.96 10.53
N ASN A 53 0.38 -0.69 10.16
CA ASN A 53 1.36 0.26 10.67
C ASN A 53 1.19 0.46 12.17
N GLU A 54 -0.05 0.42 12.63
CA GLU A 54 -0.35 0.60 14.05
C GLU A 54 0.32 -0.49 14.88
N LYS A 55 0.28 -1.72 14.40
CA LYS A 55 0.88 -2.85 15.09
C LYS A 55 2.39 -2.89 14.84
N HIS A 56 2.80 -2.54 13.63
CA HIS A 56 4.21 -2.55 13.27
C HIS A 56 4.79 -1.13 13.32
N THR A 57 5.56 -0.86 14.36
CA THR A 57 6.18 0.45 14.54
C THR A 57 7.62 0.31 15.01
N GLY A 58 8.36 1.43 14.94
CA GLY A 58 9.75 1.41 15.37
C GLY A 58 10.57 0.34 14.67
N GLY A 59 10.77 0.53 13.37
CA GLY A 59 11.54 -0.44 12.60
C GLY A 59 10.67 -1.54 12.02
N LEU A 60 9.82 -2.12 12.86
CA LEU A 60 8.94 -3.19 12.43
C LEU A 60 8.12 -2.77 11.21
N LYS A 61 7.71 -1.50 11.19
CA LYS A 61 6.93 -0.96 10.08
C LYS A 61 7.60 -1.25 8.75
N PRO A 62 6.81 -1.72 7.78
CA PRO A 62 7.30 -2.04 6.43
C PRO A 62 7.70 -0.81 5.64
N ILE A 63 8.80 -0.91 4.92
CA ILE A 63 9.30 0.21 4.11
C ILE A 63 8.27 0.64 3.07
N GLU A 64 7.76 -0.34 2.32
CA GLU A 64 6.76 -0.05 1.29
C GLU A 64 5.63 -1.08 1.34
N VAL A 65 4.53 -0.78 0.64
CA VAL A 65 3.38 -1.67 0.61
C VAL A 65 2.79 -1.74 -0.79
N ILE A 66 2.92 -2.91 -1.42
CA ILE A 66 2.39 -3.12 -2.76
C ILE A 66 0.91 -3.50 -2.73
N ALA A 67 0.05 -2.53 -2.99
CA ALA A 67 -1.39 -2.77 -2.99
C ALA A 67 -1.89 -3.10 -4.39
N THR A 68 -2.76 -4.09 -4.49
CA THR A 68 -3.32 -4.49 -5.77
C THR A 68 -4.81 -4.74 -5.67
N GLY A 69 -5.48 -4.86 -6.82
CA GLY A 69 -6.91 -5.10 -6.84
C GLY A 69 -7.64 -4.16 -7.77
N GLY A 70 -7.82 -4.58 -9.01
CA GLY A 70 -8.51 -3.76 -9.99
C GLY A 70 -9.88 -4.29 -10.34
N GLN A 71 -9.91 -5.48 -10.93
CA GLN A 71 -11.17 -6.11 -11.32
C GLN A 71 -11.73 -6.96 -10.19
N ASN A 72 -10.84 -7.62 -9.45
CA ASN A 72 -11.24 -8.46 -8.34
C ASN A 72 -12.01 -7.66 -7.29
N ASN A 73 -12.69 -8.37 -6.39
CA ASN A 73 -13.46 -7.73 -5.33
C ASN A 73 -12.78 -7.89 -3.99
N GLN A 74 -12.15 -9.04 -3.78
CA GLN A 74 -11.45 -9.31 -2.53
C GLN A 74 -10.33 -8.31 -2.30
N LEU A 75 -9.81 -8.27 -1.08
CA LEU A 75 -8.74 -7.35 -0.73
C LEU A 75 -7.38 -8.04 -0.86
N THR A 76 -6.47 -7.41 -1.58
CA THR A 76 -5.13 -7.96 -1.79
C THR A 76 -4.06 -6.92 -1.47
N LEU A 77 -3.07 -7.32 -0.67
CA LEU A 77 -1.99 -6.42 -0.30
C LEU A 77 -0.67 -7.19 -0.16
N ASN A 78 0.43 -6.52 -0.46
CA ASN A 78 1.75 -7.14 -0.36
C ASN A 78 2.68 -6.30 0.52
N TYR A 79 3.37 -6.97 1.44
CA TYR A 79 4.29 -6.29 2.34
C TYR A 79 5.73 -6.38 1.83
N ILE A 80 6.35 -5.24 1.58
CA ILE A 80 7.72 -5.20 1.10
C ILE A 80 8.56 -4.22 1.90
N HIS A 81 9.82 -4.59 2.15
CA HIS A 81 10.73 -3.74 2.92
C HIS A 81 11.94 -3.35 2.07
N SER A 82 11.74 -2.36 1.20
CA SER A 82 12.81 -1.89 0.33
C SER A 82 12.39 -0.64 -0.43
N PRO A 83 13.08 0.47 -0.17
CA PRO A 83 12.79 1.76 -0.81
C PRO A 83 13.18 1.76 -2.29
N GLU A 84 12.34 2.40 -3.11
CA GLU A 84 12.59 2.47 -4.54
C GLU A 84 11.48 3.25 -5.25
N VAL A 85 11.69 4.55 -5.42
CA VAL A 85 10.71 5.40 -6.08
C VAL A 85 11.05 5.59 -7.55
N SER A 86 10.05 5.41 -8.41
CA SER A 86 10.24 5.57 -9.85
C SER A 86 9.02 6.22 -10.50
N GLY A 87 9.20 6.72 -11.71
CA GLY A 87 8.11 7.37 -12.41
C GLY A 87 7.47 6.46 -13.44
N GLU A 88 6.42 6.95 -14.10
CA GLU A 88 5.71 6.17 -15.10
C GLU A 88 6.69 5.63 -16.14
N ASN A 89 6.52 4.36 -16.49
CA ASN A 89 7.38 3.71 -17.47
C ASN A 89 6.71 2.48 -18.06
N ILE A 90 6.50 2.49 -19.38
CA ILE A 90 5.86 1.37 -20.07
C ILE A 90 6.67 0.09 -19.88
N THR A 91 5.97 -1.00 -19.58
CA THR A 91 6.62 -2.29 -19.38
C THR A 91 5.80 -3.41 -20.01
N LEU A 92 6.46 -4.54 -20.25
CA LEU A 92 5.79 -5.69 -20.85
C LEU A 92 4.55 -6.08 -20.06
N ARG A 93 3.40 -6.07 -20.71
CA ARG A 93 2.13 -6.41 -20.08
C ARG A 93 2.23 -7.78 -19.39
N ILE A 94 2.25 -7.77 -18.06
CA ILE A 94 2.34 -9.00 -17.30
C ILE A 94 1.08 -9.22 -16.46
N VAL A 95 0.58 -10.45 -16.47
CA VAL A 95 -0.61 -10.80 -15.72
C VAL A 95 -0.26 -11.30 -14.31
N ALA A 96 -1.27 -11.41 -13.46
CA ALA A 96 -1.06 -11.87 -12.10
C ALA A 96 -2.32 -12.55 -11.55
N ASN A 97 -2.25 -13.00 -10.30
CA ASN A 97 -3.38 -13.66 -9.66
C ASN A 97 -3.35 -13.44 -8.15
N PRO A 98 -4.54 -13.28 -7.56
CA PRO A 98 -4.69 -13.07 -6.12
C PRO A 98 -4.35 -14.31 -5.31
N ASN A 99 -3.45 -14.16 -4.34
CA ASN A 99 -3.04 -15.28 -3.49
C ASN A 99 -3.23 -14.94 -2.02
N ASP A 100 -3.85 -15.86 -1.29
CA ASP A 100 -4.10 -15.66 0.15
C ASP A 100 -3.21 -16.57 0.98
N ALA A 101 -2.32 -15.96 1.76
CA ALA A 101 -1.41 -16.72 2.61
C ALA A 101 -1.79 -16.59 4.08
N ILE A 102 -1.76 -15.36 4.58
CA ILE A 102 -2.10 -15.10 5.98
C ILE A 102 -3.01 -13.88 6.10
N LYS A 103 -3.59 -13.70 7.29
CA LYS A 103 -4.47 -12.57 7.54
C LYS A 103 -3.77 -11.25 7.26
N VAL A 104 -4.28 -10.50 6.30
CA VAL A 104 -3.70 -9.21 5.94
C VAL A 104 -3.94 -8.17 7.03
N CYS A 105 -5.20 -7.80 7.22
CA CYS A 105 -5.56 -6.81 8.23
C CYS A 105 -6.34 -7.47 9.37
N GLU A 106 -6.29 -6.85 10.54
CA GLU A 106 -6.99 -7.37 11.71
C GLU A 106 -8.50 -7.33 11.50
N PRO A 13 15.18 -3.38 -2.94
CA PRO A 13 15.55 -1.96 -2.89
C PRO A 13 16.05 -1.44 -4.24
N SER A 14 16.65 -2.33 -5.02
CA SER A 14 17.17 -1.96 -6.34
C SER A 14 16.11 -1.25 -7.15
N GLN A 15 15.15 -2.02 -7.66
CA GLN A 15 14.07 -1.47 -8.47
C GLN A 15 12.91 -2.46 -8.57
N THR A 16 11.84 -2.04 -9.25
CA THR A 16 10.67 -2.87 -9.42
C THR A 16 9.70 -2.27 -10.43
N SER A 17 8.68 -3.04 -10.80
CA SER A 17 7.69 -2.59 -11.77
C SER A 17 6.45 -2.04 -11.05
N PHE A 18 6.67 -1.29 -9.98
CA PHE A 18 5.58 -0.71 -9.21
C PHE A 18 5.84 0.77 -8.92
N LYS A 19 4.76 1.55 -8.84
CA LYS A 19 4.87 2.97 -8.56
C LYS A 19 4.06 3.36 -7.33
N PRO A 20 4.49 4.43 -6.65
CA PRO A 20 3.82 4.92 -5.44
C PRO A 20 2.44 5.52 -5.74
N LEU A 21 1.50 5.29 -4.85
CA LEU A 21 0.15 5.81 -5.01
C LEU A 21 -0.24 6.71 -3.84
N THR A 22 -0.09 6.19 -2.63
CA THR A 22 -0.42 6.95 -1.43
C THR A 22 0.32 6.42 -0.21
N VAL A 23 0.55 7.28 0.77
CA VAL A 23 1.26 6.90 1.99
C VAL A 23 0.34 7.00 3.21
N VAL A 24 0.33 5.94 4.02
CA VAL A 24 -0.50 5.92 5.21
C VAL A 24 0.36 5.82 6.47
N ASP A 25 0.45 6.92 7.20
CA ASP A 25 1.24 6.96 8.43
C ASP A 25 2.73 7.07 8.11
N GLY A 26 3.07 6.97 6.83
CA GLY A 26 4.46 7.05 6.42
C GLY A 26 4.89 5.86 5.59
N VAL A 27 3.93 5.01 5.24
CA VAL A 27 4.22 3.82 4.44
C VAL A 27 3.80 4.03 2.98
N ALA A 28 4.76 4.39 2.14
CA ALA A 28 4.50 4.61 0.72
C ALA A 28 3.90 3.37 0.07
N VAL A 29 2.58 3.36 -0.07
CA VAL A 29 1.89 2.23 -0.68
C VAL A 29 1.97 2.28 -2.20
N ASN A 30 2.77 1.39 -2.77
CA ASN A 30 2.95 1.34 -4.22
C ASN A 30 2.00 0.31 -4.84
N MET A 31 1.71 0.48 -6.13
CA MET A 31 0.83 -0.43 -6.85
C MET A 31 1.40 -0.79 -8.21
N PRO A 32 0.91 -1.90 -8.79
CA PRO A 32 1.35 -2.38 -10.10
C PRO A 32 0.90 -1.47 -11.23
N ASN A 33 1.85 -1.03 -12.05
CA ASN A 33 1.55 -0.16 -13.18
C ASN A 33 0.57 -0.82 -14.13
N ASN A 34 0.62 -2.15 -14.22
CA ASN A 34 -0.27 -2.89 -15.09
C ASN A 34 -1.62 -3.12 -14.42
N HIS A 35 -2.23 -2.03 -13.95
CA HIS A 35 -3.54 -2.11 -13.30
C HIS A 35 -4.30 -0.81 -13.47
N PRO A 36 -5.63 -0.88 -13.28
CA PRO A 36 -6.51 0.28 -13.42
C PRO A 36 -6.31 1.29 -12.28
N ASP A 37 -7.26 2.22 -12.16
CA ASP A 37 -7.18 3.24 -11.11
C ASP A 37 -7.68 2.68 -9.78
N LEU A 38 -6.81 2.71 -8.78
CA LEU A 38 -7.15 2.21 -7.44
C LEU A 38 -7.74 3.33 -6.58
N SER A 39 -8.68 4.07 -7.15
CA SER A 39 -9.31 5.17 -6.42
C SER A 39 -10.29 4.65 -5.38
N ASN A 40 -11.08 3.65 -5.78
CA ASN A 40 -12.06 3.05 -4.87
C ASN A 40 -11.37 2.24 -3.78
N TRP A 41 -10.27 1.60 -4.14
CA TRP A 41 -9.52 0.79 -3.19
C TRP A 41 -8.59 1.66 -2.35
N LEU A 42 -8.35 2.88 -2.81
CA LEU A 42 -7.48 3.81 -2.10
C LEU A 42 -7.88 3.92 -0.63
N PRO A 43 -9.15 4.28 -0.39
CA PRO A 43 -9.69 4.42 0.97
C PRO A 43 -9.82 3.08 1.69
N SER A 44 -9.99 2.02 0.91
CA SER A 44 -10.13 0.68 1.48
C SER A 44 -8.79 0.17 2.01
N ILE A 45 -7.72 0.44 1.26
CA ILE A 45 -6.39 0.01 1.65
C ILE A 45 -5.80 0.94 2.70
N GLU A 46 -5.85 2.24 2.43
CA GLU A 46 -5.31 3.23 3.35
C GLU A 46 -5.87 3.02 4.76
N LEU A 47 -7.09 2.50 4.84
CA LEU A 47 -7.72 2.25 6.13
C LEU A 47 -7.18 0.97 6.75
N CYS A 48 -6.89 -0.02 5.93
CA CYS A 48 -6.37 -1.30 6.39
C CYS A 48 -4.92 -1.15 6.85
N VAL A 49 -4.09 -0.58 6.00
CA VAL A 49 -2.68 -0.38 6.32
C VAL A 49 -2.51 0.41 7.62
N LYS A 50 -3.44 1.33 7.86
CA LYS A 50 -3.40 2.15 9.06
C LYS A 50 -3.24 1.28 10.31
N LYS A 51 -3.86 0.10 10.28
CA LYS A 51 -3.80 -0.82 11.40
C LYS A 51 -2.43 -1.48 11.48
N TYR A 52 -1.84 -1.76 10.32
CA TYR A 52 -0.53 -2.40 10.26
C TYR A 52 0.54 -1.51 10.92
N ASN A 53 0.44 -0.21 10.69
CA ASN A 53 1.38 0.75 11.26
C ASN A 53 1.53 0.54 12.76
N GLU A 54 0.43 0.17 13.41
CA GLU A 54 0.43 -0.06 14.86
C GLU A 54 1.06 -1.41 15.18
N LYS A 55 0.68 -2.44 14.42
CA LYS A 55 1.20 -3.78 14.64
C LYS A 55 2.71 -3.82 14.43
N HIS A 56 3.20 -3.03 13.48
CA HIS A 56 4.62 -2.97 13.19
C HIS A 56 5.21 -1.63 13.62
N THR A 57 6.12 -1.67 14.59
CA THR A 57 6.76 -0.46 15.10
C THR A 57 8.22 -0.71 15.43
N GLY A 58 9.02 0.35 15.39
CA GLY A 58 10.43 0.22 15.70
C GLY A 58 11.20 -0.50 14.61
N GLY A 59 11.46 0.19 13.51
CA GLY A 59 12.19 -0.41 12.41
C GLY A 59 11.58 -1.72 11.96
N LEU A 60 10.27 -1.83 12.08
CA LEU A 60 9.56 -3.05 11.69
C LEU A 60 8.58 -2.77 10.55
N LYS A 61 7.99 -1.58 10.56
CA LYS A 61 7.04 -1.18 9.53
C LYS A 61 7.62 -1.42 8.14
N PRO A 62 6.75 -1.82 7.20
CA PRO A 62 7.15 -2.08 5.81
C PRO A 62 7.53 -0.80 5.07
N ILE A 63 8.69 -0.82 4.43
CA ILE A 63 9.16 0.34 3.68
C ILE A 63 8.18 0.72 2.58
N GLU A 64 7.58 -0.29 1.96
CA GLU A 64 6.61 -0.06 0.89
C GLU A 64 5.54 -1.15 0.89
N VAL A 65 4.30 -0.75 0.60
CA VAL A 65 3.19 -1.69 0.55
C VAL A 65 2.67 -1.87 -0.86
N ILE A 66 2.84 -3.07 -1.40
CA ILE A 66 2.39 -3.37 -2.75
C ILE A 66 0.91 -3.76 -2.77
N ALA A 67 0.07 -2.81 -3.15
CA ALA A 67 -1.37 -3.04 -3.22
C ALA A 67 -1.77 -3.61 -4.57
N THR A 68 -2.83 -4.41 -4.59
CA THR A 68 -3.31 -5.02 -5.82
C THR A 68 -4.82 -5.28 -5.74
N GLY A 69 -5.50 -5.04 -6.86
CA GLY A 69 -6.93 -5.26 -6.90
C GLY A 69 -7.63 -4.32 -7.86
N GLY A 70 -7.60 -4.66 -9.15
CA GLY A 70 -8.24 -3.82 -10.15
C GLY A 70 -9.41 -4.51 -10.83
N GLN A 71 -9.10 -5.33 -11.84
CA GLN A 71 -10.14 -6.05 -12.57
C GLN A 71 -10.67 -7.22 -11.75
N ASN A 72 -9.77 -7.88 -11.01
CA ASN A 72 -10.15 -9.02 -10.19
C ASN A 72 -11.32 -8.66 -9.27
N ASN A 73 -11.35 -7.42 -8.81
CA ASN A 73 -12.42 -6.95 -7.92
C ASN A 73 -12.41 -7.73 -6.62
N GLN A 74 -11.30 -7.66 -5.89
CA GLN A 74 -11.17 -8.35 -4.62
C GLN A 74 -10.22 -7.60 -3.69
N LEU A 75 -10.01 -8.15 -2.49
CA LEU A 75 -9.13 -7.54 -1.51
C LEU A 75 -7.79 -8.28 -1.44
N THR A 76 -6.76 -7.63 -1.96
CA THR A 76 -5.41 -8.22 -1.97
C THR A 76 -4.35 -7.17 -1.64
N LEU A 77 -3.34 -7.59 -0.89
CA LEU A 77 -2.26 -6.69 -0.50
C LEU A 77 -0.95 -7.46 -0.34
N ASN A 78 0.15 -6.72 -0.20
CA ASN A 78 1.46 -7.32 -0.03
C ASN A 78 2.38 -6.42 0.78
N TYR A 79 3.05 -6.99 1.77
CA TYR A 79 3.96 -6.24 2.62
C TYR A 79 5.41 -6.41 2.17
N ILE A 80 6.06 -5.30 1.85
CA ILE A 80 7.45 -5.32 1.41
C ILE A 80 8.29 -4.32 2.18
N HIS A 81 9.53 -4.70 2.49
CA HIS A 81 10.44 -3.84 3.21
C HIS A 81 11.82 -3.82 2.56
N SER A 82 12.06 -2.85 1.70
CA SER A 82 13.33 -2.72 1.01
C SER A 82 13.39 -1.44 0.19
N PRO A 83 12.49 -1.33 -0.80
CA PRO A 83 12.41 -0.16 -1.68
C PRO A 83 11.90 1.07 -0.95
N GLU A 84 12.74 2.11 -0.89
CA GLU A 84 12.38 3.35 -0.22
C GLU A 84 12.39 4.52 -1.20
N VAL A 85 11.23 5.14 -1.39
CA VAL A 85 11.10 6.26 -2.29
C VAL A 85 10.31 7.40 -1.65
N SER A 86 10.90 8.59 -1.64
CA SER A 86 10.26 9.77 -1.06
C SER A 86 9.05 10.20 -1.89
N GLY A 87 8.02 10.70 -1.21
CA GLY A 87 6.83 11.14 -1.90
C GLY A 87 5.79 11.71 -0.96
N GLU A 88 5.20 12.84 -1.35
CA GLU A 88 4.19 13.49 -0.52
C GLU A 88 2.90 13.71 -1.30
N ASN A 89 1.79 13.89 -0.59
CA ASN A 89 0.50 14.11 -1.22
C ASN A 89 0.08 15.57 -1.10
N ILE A 90 -1.02 15.92 -1.77
CA ILE A 90 -1.53 17.29 -1.74
C ILE A 90 -3.04 17.30 -1.59
N THR A 91 -3.55 18.29 -0.86
CA THR A 91 -4.98 18.41 -0.64
C THR A 91 -5.59 17.09 -0.19
N LEU A 92 -4.90 16.40 0.72
CA LEU A 92 -5.37 15.12 1.24
C LEU A 92 -6.78 15.26 1.83
N ARG A 93 -7.73 14.55 1.23
CA ARG A 93 -9.11 14.59 1.70
C ARG A 93 -9.67 13.18 1.84
N ILE A 94 -10.54 13.00 2.83
CA ILE A 94 -11.16 11.70 3.08
C ILE A 94 -12.41 11.84 3.94
N VAL A 95 -13.43 11.05 3.62
CA VAL A 95 -14.68 11.08 4.36
C VAL A 95 -15.11 9.67 4.79
N ALA A 96 -15.72 9.57 5.95
CA ALA A 96 -16.18 8.29 6.47
C ALA A 96 -17.30 7.72 5.62
N ASN A 97 -17.62 6.44 5.84
CA ASN A 97 -18.67 5.77 5.08
C ASN A 97 -19.09 4.48 5.76
N PRO A 98 -19.80 4.62 6.90
CA PRO A 98 -20.28 3.47 7.68
C PRO A 98 -21.40 2.72 6.96
N ASN A 99 -21.23 1.40 6.84
CA ASN A 99 -22.22 0.57 6.18
C ASN A 99 -21.87 -0.91 6.31
N ASP A 100 -22.74 -1.77 5.82
CA ASP A 100 -22.51 -3.21 5.88
C ASP A 100 -21.28 -3.60 5.09
N ALA A 101 -20.91 -4.88 5.15
CA ALA A 101 -19.74 -5.38 4.44
C ALA A 101 -18.48 -4.62 4.86
N ILE A 102 -18.30 -4.45 6.16
CA ILE A 102 -17.14 -3.74 6.69
C ILE A 102 -15.84 -4.40 6.23
N LYS A 103 -14.73 -3.71 6.43
CA LYS A 103 -13.42 -4.22 6.04
C LYS A 103 -12.91 -5.23 7.06
N VAL A 104 -12.78 -6.49 6.64
CA VAL A 104 -12.30 -7.54 7.52
C VAL A 104 -10.79 -7.70 7.41
N CYS A 105 -10.05 -6.80 8.06
CA CYS A 105 -8.59 -6.84 8.04
C CYS A 105 -8.04 -7.43 9.35
N GLU A 106 -7.82 -8.73 9.35
CA GLU A 106 -7.30 -9.41 10.53
C GLU A 106 -5.77 -9.43 10.51
N PRO A 13 16.43 -4.88 -1.63
CA PRO A 13 15.76 -4.00 -2.59
C PRO A 13 16.01 -4.42 -4.03
N SER A 14 14.98 -4.30 -4.87
CA SER A 14 15.08 -4.68 -6.27
C SER A 14 14.16 -3.81 -7.13
N GLN A 15 14.76 -3.07 -8.06
CA GLN A 15 13.99 -2.20 -8.94
C GLN A 15 12.86 -2.97 -9.62
N THR A 16 11.64 -2.73 -9.17
CA THR A 16 10.47 -3.41 -9.74
C THR A 16 9.78 -2.53 -10.78
N SER A 17 8.61 -2.96 -11.22
CA SER A 17 7.84 -2.22 -12.23
C SER A 17 6.59 -1.62 -11.62
N PHE A 18 6.68 -1.21 -10.36
CA PHE A 18 5.55 -0.62 -9.66
C PHE A 18 5.75 0.89 -9.48
N LYS A 19 4.67 1.58 -9.12
CA LYS A 19 4.72 3.02 -8.93
C LYS A 19 3.99 3.42 -7.65
N PRO A 20 4.38 4.57 -7.08
CA PRO A 20 3.77 5.09 -5.85
C PRO A 20 2.34 5.56 -6.06
N LEU A 21 1.48 5.32 -5.08
CA LEU A 21 0.08 5.72 -5.16
C LEU A 21 -0.29 6.61 -3.98
N THR A 22 -0.03 6.12 -2.77
CA THR A 22 -0.34 6.88 -1.56
C THR A 22 0.53 6.42 -0.39
N VAL A 23 0.55 7.22 0.66
CA VAL A 23 1.34 6.90 1.85
C VAL A 23 0.60 7.30 3.13
N VAL A 24 0.10 6.30 3.86
CA VAL A 24 -0.61 6.55 5.10
C VAL A 24 0.16 6.03 6.30
N ASP A 25 0.33 6.88 7.31
CA ASP A 25 1.05 6.50 8.51
C ASP A 25 2.55 6.53 8.28
N GLY A 26 2.95 6.82 7.04
CA GLY A 26 4.37 6.88 6.71
C GLY A 26 4.84 5.65 5.96
N VAL A 27 3.93 5.04 5.20
CA VAL A 27 4.26 3.84 4.43
C VAL A 27 3.97 4.05 2.95
N ALA A 28 5.03 4.21 2.16
CA ALA A 28 4.90 4.41 0.73
C ALA A 28 4.22 3.22 0.06
N VAL A 29 2.92 3.33 -0.18
CA VAL A 29 2.16 2.26 -0.81
C VAL A 29 2.24 2.34 -2.32
N ASN A 30 2.79 1.31 -2.94
CA ASN A 30 2.94 1.27 -4.39
C ASN A 30 1.88 0.37 -5.01
N MET A 31 1.59 0.59 -6.29
CA MET A 31 0.60 -0.20 -7.01
C MET A 31 1.17 -0.75 -8.31
N PRO A 32 0.60 -1.86 -8.78
CA PRO A 32 1.04 -2.51 -10.02
C PRO A 32 0.70 -1.69 -11.26
N ASN A 33 1.71 -1.35 -12.04
CA ASN A 33 1.52 -0.56 -13.26
C ASN A 33 0.53 -1.25 -14.20
N ASN A 34 0.52 -2.58 -14.15
CA ASN A 34 -0.38 -3.36 -15.00
C ASN A 34 -1.77 -3.46 -14.39
N HIS A 35 -2.35 -2.32 -14.05
CA HIS A 35 -3.68 -2.27 -13.46
C HIS A 35 -4.29 -0.88 -13.59
N PRO A 36 -5.63 -0.82 -13.51
CA PRO A 36 -6.36 0.46 -13.62
C PRO A 36 -6.14 1.35 -12.40
N ASP A 37 -7.00 2.37 -12.27
CA ASP A 37 -6.90 3.30 -11.15
C ASP A 37 -7.50 2.69 -9.89
N LEU A 38 -6.87 2.96 -8.75
CA LEU A 38 -7.33 2.44 -7.47
C LEU A 38 -7.89 3.57 -6.60
N SER A 39 -8.81 4.34 -7.16
CA SER A 39 -9.42 5.45 -6.44
C SER A 39 -10.32 4.94 -5.32
N ASN A 40 -11.18 3.98 -5.65
CA ASN A 40 -12.09 3.40 -4.68
C ASN A 40 -11.34 2.55 -3.65
N TRP A 41 -10.26 1.91 -4.12
CA TRP A 41 -9.46 1.07 -3.25
C TRP A 41 -8.52 1.91 -2.39
N LEU A 42 -8.22 3.11 -2.86
CA LEU A 42 -7.33 4.02 -2.14
C LEU A 42 -7.68 4.07 -0.66
N PRO A 43 -8.94 4.42 -0.37
CA PRO A 43 -9.44 4.51 1.01
C PRO A 43 -9.56 3.14 1.67
N SER A 44 -9.59 2.09 0.86
CA SER A 44 -9.70 0.73 1.36
C SER A 44 -8.36 0.23 1.88
N ILE A 45 -7.31 0.48 1.13
CA ILE A 45 -5.97 0.05 1.52
C ILE A 45 -5.40 0.95 2.62
N GLU A 46 -5.46 2.26 2.39
CA GLU A 46 -4.96 3.22 3.36
C GLU A 46 -5.52 2.94 4.75
N LEU A 47 -6.75 2.42 4.79
CA LEU A 47 -7.40 2.11 6.05
C LEU A 47 -6.91 0.77 6.60
N CYS A 48 -6.75 -0.20 5.72
CA CYS A 48 -6.29 -1.53 6.13
C CYS A 48 -4.86 -1.46 6.65
N VAL A 49 -3.96 -0.86 5.87
CA VAL A 49 -2.56 -0.72 6.26
C VAL A 49 -2.42 0.05 7.57
N LYS A 50 -3.32 1.02 7.78
CA LYS A 50 -3.30 1.84 8.98
C LYS A 50 -3.24 0.95 10.23
N LYS A 51 -3.99 -0.14 10.22
CA LYS A 51 -4.02 -1.06 11.35
C LYS A 51 -2.66 -1.73 11.53
N TYR A 52 -2.02 -2.07 10.43
CA TYR A 52 -0.70 -2.71 10.48
C TYR A 52 0.35 -1.77 11.04
N ASN A 53 0.21 -0.49 10.73
CA ASN A 53 1.15 0.52 11.21
C ASN A 53 1.09 0.65 12.73
N GLU A 54 -0.11 0.43 13.29
CA GLU A 54 -0.30 0.53 14.72
C GLU A 54 0.44 -0.60 15.44
N LYS A 55 0.28 -1.82 14.93
CA LYS A 55 0.93 -2.98 15.52
C LYS A 55 2.42 -3.00 15.21
N HIS A 56 2.77 -2.59 14.00
CA HIS A 56 4.17 -2.55 13.57
C HIS A 56 4.71 -1.13 13.64
N THR A 57 5.41 -0.81 14.73
CA THR A 57 5.98 0.52 14.91
C THR A 57 7.44 0.44 15.32
N GLY A 58 8.13 1.57 15.26
CA GLY A 58 9.54 1.60 15.63
C GLY A 58 10.36 0.56 14.88
N GLY A 59 10.39 0.69 13.56
CA GLY A 59 11.15 -0.25 12.75
C GLY A 59 10.26 -1.33 12.15
N LEU A 60 9.41 -1.92 12.97
CA LEU A 60 8.51 -2.98 12.50
C LEU A 60 7.73 -2.53 11.28
N LYS A 61 7.38 -1.25 11.24
CA LYS A 61 6.63 -0.70 10.12
C LYS A 61 7.30 -1.04 8.80
N PRO A 62 6.50 -1.51 7.82
CA PRO A 62 7.00 -1.88 6.50
C PRO A 62 7.44 -0.66 5.68
N ILE A 63 8.47 -0.84 4.87
CA ILE A 63 8.99 0.24 4.04
C ILE A 63 7.99 0.62 2.96
N GLU A 64 7.54 -0.36 2.19
CA GLU A 64 6.57 -0.12 1.13
C GLU A 64 5.48 -1.20 1.14
N VAL A 65 4.31 -0.83 0.61
CA VAL A 65 3.19 -1.77 0.55
C VAL A 65 2.66 -1.89 -0.87
N ILE A 66 2.73 -3.10 -1.42
CA ILE A 66 2.25 -3.36 -2.77
C ILE A 66 0.77 -3.71 -2.78
N ALA A 67 -0.06 -2.72 -3.12
CA ALA A 67 -1.50 -2.92 -3.17
C ALA A 67 -1.96 -3.24 -4.59
N THR A 68 -2.62 -4.39 -4.75
CA THR A 68 -3.11 -4.81 -6.05
C THR A 68 -4.62 -5.01 -6.03
N GLY A 69 -5.22 -5.08 -7.21
CA GLY A 69 -6.66 -5.26 -7.31
C GLY A 69 -7.36 -4.05 -7.89
N GLY A 70 -7.32 -3.93 -9.21
CA GLY A 70 -7.97 -2.80 -9.88
C GLY A 70 -9.13 -3.24 -10.75
N GLN A 71 -8.89 -4.17 -11.65
CA GLN A 71 -9.92 -4.67 -12.55
C GLN A 71 -10.52 -5.96 -12.02
N ASN A 72 -10.85 -5.98 -10.73
CA ASN A 72 -11.43 -7.17 -10.11
C ASN A 72 -12.24 -6.78 -8.87
N ASN A 73 -12.75 -7.79 -8.17
CA ASN A 73 -13.54 -7.56 -6.96
C ASN A 73 -12.76 -7.98 -5.71
N GLN A 74 -11.99 -9.06 -5.84
CA GLN A 74 -11.20 -9.56 -4.73
C GLN A 74 -10.21 -8.50 -4.24
N LEU A 75 -9.52 -8.81 -3.15
CA LEU A 75 -8.54 -7.89 -2.58
C LEU A 75 -7.25 -8.62 -2.22
N THR A 76 -6.13 -8.05 -2.62
CA THR A 76 -4.83 -8.63 -2.35
C THR A 76 -3.80 -7.57 -1.99
N LEU A 77 -2.92 -7.89 -1.05
CA LEU A 77 -1.88 -6.95 -0.62
C LEU A 77 -0.56 -7.68 -0.37
N ASN A 78 0.51 -6.90 -0.22
CA ASN A 78 1.84 -7.47 0.01
C ASN A 78 2.71 -6.49 0.80
N TYR A 79 3.42 -7.02 1.79
CA TYR A 79 4.29 -6.20 2.62
C TYR A 79 5.74 -6.33 2.17
N ILE A 80 6.35 -5.21 1.79
CA ILE A 80 7.73 -5.20 1.34
C ILE A 80 8.56 -4.20 2.14
N HIS A 81 9.74 -4.62 2.58
CA HIS A 81 10.63 -3.76 3.35
C HIS A 81 12.00 -3.69 2.70
N SER A 82 12.23 -2.64 1.92
CA SER A 82 13.51 -2.45 1.23
C SER A 82 13.54 -1.11 0.50
N PRO A 83 13.99 -0.06 1.20
CA PRO A 83 14.08 1.28 0.63
C PRO A 83 15.17 1.39 -0.43
N GLU A 84 15.48 2.62 -0.83
CA GLU A 84 16.51 2.86 -1.85
C GLU A 84 16.09 2.26 -3.18
N VAL A 85 14.90 2.63 -3.65
CA VAL A 85 14.39 2.12 -4.92
C VAL A 85 13.59 3.20 -5.65
N SER A 86 13.92 3.40 -6.93
CA SER A 86 13.23 4.40 -7.74
C SER A 86 11.74 4.06 -7.88
N GLY A 87 11.44 3.05 -8.68
CA GLY A 87 10.07 2.63 -8.88
C GLY A 87 9.23 3.71 -9.55
N GLU A 88 9.36 3.83 -10.87
CA GLU A 88 8.61 4.83 -11.62
C GLU A 88 8.78 4.62 -13.12
N ASN A 89 7.66 4.48 -13.82
CA ASN A 89 7.68 4.26 -15.26
C ASN A 89 6.26 4.26 -15.83
N ILE A 90 6.16 4.42 -17.15
CA ILE A 90 4.86 4.43 -17.81
C ILE A 90 4.92 3.67 -19.14
N THR A 91 3.89 2.88 -19.40
CA THR A 91 3.81 2.09 -20.62
C THR A 91 2.37 1.72 -20.94
N LEU A 92 2.16 1.22 -22.15
CA LEU A 92 0.82 0.81 -22.59
C LEU A 92 0.80 -0.65 -23.01
N ARG A 93 0.01 -1.46 -22.31
CA ARG A 93 -0.10 -2.87 -22.61
C ARG A 93 -1.36 -3.47 -21.98
N ILE A 94 -1.75 -4.64 -22.46
CA ILE A 94 -2.94 -5.31 -21.94
C ILE A 94 -2.74 -5.72 -20.48
N VAL A 95 -3.82 -5.63 -19.70
CA VAL A 95 -3.78 -5.99 -18.28
C VAL A 95 -3.21 -7.40 -18.09
N ALA A 96 -2.66 -7.64 -16.91
CA ALA A 96 -2.08 -8.94 -16.59
C ALA A 96 -3.01 -9.75 -15.71
N ASN A 97 -2.91 -11.08 -15.80
CA ASN A 97 -3.75 -11.97 -15.01
C ASN A 97 -3.70 -11.60 -13.53
N PRO A 98 -4.73 -12.01 -12.78
CA PRO A 98 -4.82 -11.73 -11.34
C PRO A 98 -3.78 -12.51 -10.53
N ASN A 99 -3.89 -12.43 -9.21
CA ASN A 99 -2.97 -13.12 -8.32
C ASN A 99 -3.60 -14.38 -7.75
N ASP A 100 -4.87 -14.28 -7.34
CA ASP A 100 -5.59 -15.40 -6.77
C ASP A 100 -4.85 -15.96 -5.56
N ALA A 101 -4.44 -15.07 -4.66
CA ALA A 101 -3.72 -15.48 -3.46
C ALA A 101 -4.68 -15.63 -2.28
N ILE A 102 -4.12 -15.95 -1.11
CA ILE A 102 -4.93 -16.13 0.09
C ILE A 102 -4.42 -15.23 1.22
N LYS A 103 -4.16 -13.97 0.89
CA LYS A 103 -3.67 -13.01 1.88
C LYS A 103 -4.47 -11.70 1.80
N VAL A 104 -5.36 -11.51 2.78
CA VAL A 104 -6.17 -10.30 2.83
C VAL A 104 -5.90 -9.49 4.09
N CYS A 105 -6.54 -8.34 4.20
CA CYS A 105 -6.36 -7.47 5.36
C CYS A 105 -7.64 -7.42 6.19
N GLU A 106 -7.48 -7.27 7.51
CA GLU A 106 -8.62 -7.20 8.41
C GLU A 106 -9.46 -5.95 8.13
N PRO A 13 16.49 -3.58 -1.87
CA PRO A 13 15.53 -3.74 -2.97
C PRO A 13 16.11 -4.52 -4.14
N SER A 14 15.37 -4.55 -5.24
CA SER A 14 15.80 -5.26 -6.43
C SER A 14 15.14 -4.69 -7.69
N GLN A 15 14.94 -3.37 -7.70
CA GLN A 15 14.32 -2.70 -8.82
C GLN A 15 12.99 -3.37 -9.18
N THR A 16 11.92 -2.90 -8.57
CA THR A 16 10.59 -3.45 -8.82
C THR A 16 9.82 -2.59 -9.83
N SER A 17 8.98 -3.24 -10.62
CA SER A 17 8.18 -2.53 -11.62
C SER A 17 6.89 -2.00 -11.02
N PHE A 18 7.01 -1.25 -9.93
CA PHE A 18 5.84 -0.68 -9.26
C PHE A 18 6.05 0.81 -9.01
N LYS A 19 4.93 1.53 -8.86
CA LYS A 19 4.98 2.96 -8.62
C LYS A 19 4.21 3.33 -7.35
N PRO A 20 4.57 4.47 -6.74
CA PRO A 20 3.92 4.94 -5.52
C PRO A 20 2.49 5.42 -5.77
N LEU A 21 1.59 5.10 -4.85
CA LEU A 21 0.20 5.51 -4.98
C LEU A 21 -0.19 6.48 -3.86
N THR A 22 0.00 6.05 -2.62
CA THR A 22 -0.33 6.88 -1.47
C THR A 22 0.43 6.42 -0.23
N VAL A 23 0.67 7.34 0.69
CA VAL A 23 1.38 7.03 1.93
C VAL A 23 0.50 7.26 3.15
N VAL A 24 0.32 6.22 3.95
CA VAL A 24 -0.49 6.30 5.15
C VAL A 24 0.31 5.97 6.40
N ASP A 25 0.44 6.94 7.30
CA ASP A 25 1.19 6.74 8.54
C ASP A 25 2.69 6.78 8.27
N GLY A 26 3.06 6.93 7.01
CA GLY A 26 4.47 6.98 6.65
C GLY A 26 4.91 5.76 5.86
N VAL A 27 3.97 5.13 5.17
CA VAL A 27 4.26 3.94 4.37
C VAL A 27 3.87 4.14 2.92
N ALA A 28 4.87 4.41 2.08
CA ALA A 28 4.62 4.62 0.66
C ALA A 28 4.01 3.38 0.02
N VAL A 29 2.69 3.39 -0.13
CA VAL A 29 1.97 2.27 -0.73
C VAL A 29 2.10 2.29 -2.25
N ASN A 30 2.83 1.31 -2.78
CA ASN A 30 3.04 1.21 -4.23
C ASN A 30 1.94 0.38 -4.88
N MET A 31 1.88 0.42 -6.20
CA MET A 31 0.87 -0.34 -6.94
C MET A 31 1.43 -0.82 -8.28
N PRO A 32 0.85 -1.91 -8.81
CA PRO A 32 1.27 -2.49 -10.09
C PRO A 32 0.92 -1.59 -11.28
N ASN A 33 1.94 -1.24 -12.06
CA ASN A 33 1.74 -0.40 -13.23
C ASN A 33 0.73 -1.02 -14.19
N ASN A 34 0.73 -2.35 -14.25
CA ASN A 34 -0.19 -3.07 -15.13
C ASN A 34 -1.55 -3.26 -14.47
N HIS A 35 -2.13 -2.16 -13.99
CA HIS A 35 -3.43 -2.21 -13.33
C HIS A 35 -4.14 -0.87 -13.46
N PRO A 36 -5.48 -0.90 -13.33
CA PRO A 36 -6.32 0.30 -13.42
C PRO A 36 -6.12 1.24 -12.24
N ASP A 37 -6.98 2.25 -12.15
CA ASP A 37 -6.90 3.22 -11.06
C ASP A 37 -7.51 2.65 -9.78
N LEU A 38 -6.77 2.76 -8.69
CA LEU A 38 -7.24 2.26 -7.40
C LEU A 38 -7.88 3.37 -6.57
N SER A 39 -8.79 4.10 -7.19
CA SER A 39 -9.48 5.20 -6.51
C SER A 39 -10.37 4.68 -5.39
N ASN A 40 -11.19 3.68 -5.72
CA ASN A 40 -12.10 3.09 -4.74
C ASN A 40 -11.34 2.27 -3.71
N TRP A 41 -10.22 1.69 -4.14
CA TRP A 41 -9.39 0.88 -3.24
C TRP A 41 -8.52 1.76 -2.36
N LEU A 42 -8.25 2.98 -2.83
CA LEU A 42 -7.43 3.92 -2.08
C LEU A 42 -7.83 3.96 -0.61
N PRO A 43 -9.12 4.27 -0.36
CA PRO A 43 -9.66 4.35 0.99
C PRO A 43 -9.76 2.98 1.66
N SER A 44 -9.71 1.93 0.85
CA SER A 44 -9.80 0.57 1.36
C SER A 44 -8.46 0.12 1.93
N ILE A 45 -7.38 0.42 1.21
CA ILE A 45 -6.04 0.04 1.65
C ILE A 45 -5.53 0.99 2.72
N GLU A 46 -5.70 2.29 2.49
CA GLU A 46 -5.25 3.30 3.44
C GLU A 46 -5.77 2.99 4.85
N LEU A 47 -6.95 2.36 4.91
CA LEU A 47 -7.56 2.01 6.19
C LEU A 47 -6.96 0.73 6.74
N CYS A 48 -6.73 -0.24 5.86
CA CYS A 48 -6.17 -1.52 6.25
C CYS A 48 -4.72 -1.36 6.73
N VAL A 49 -3.91 -0.71 5.91
CA VAL A 49 -2.50 -0.48 6.25
C VAL A 49 -2.38 0.30 7.56
N LYS A 50 -3.32 1.19 7.81
CA LYS A 50 -3.32 2.00 9.02
C LYS A 50 -3.17 1.12 10.26
N LYS A 51 -3.77 -0.07 10.21
CA LYS A 51 -3.69 -1.01 11.32
C LYS A 51 -2.32 -1.66 11.39
N TYR A 52 -1.72 -1.91 10.23
CA TYR A 52 -0.41 -2.53 10.16
C TYR A 52 0.67 -1.59 10.70
N ASN A 53 0.56 -0.31 10.36
CA ASN A 53 1.52 0.69 10.80
C ASN A 53 1.53 0.79 12.33
N GLU A 54 0.34 0.63 12.93
CA GLU A 54 0.22 0.72 14.38
C GLU A 54 0.88 -0.48 15.05
N LYS A 55 0.49 -1.68 14.64
CA LYS A 55 1.05 -2.91 15.20
C LYS A 55 2.54 -3.00 14.93
N HIS A 56 2.94 -2.60 13.73
CA HIS A 56 4.35 -2.63 13.34
C HIS A 56 4.94 -1.22 13.29
N THR A 57 5.73 -0.87 14.29
CA THR A 57 6.34 0.44 14.36
C THR A 57 7.84 0.34 14.64
N GLY A 58 8.59 1.33 14.18
CA GLY A 58 10.03 1.33 14.41
C GLY A 58 10.71 0.13 13.77
N GLY A 59 10.99 0.22 12.48
CA GLY A 59 11.64 -0.87 11.78
C GLY A 59 10.65 -1.90 11.26
N LEU A 60 9.80 -2.40 12.16
CA LEU A 60 8.81 -3.39 11.79
C LEU A 60 7.96 -2.91 10.62
N LYS A 61 7.68 -1.61 10.59
CA LYS A 61 6.88 -1.02 9.52
C LYS A 61 7.52 -1.28 8.16
N PRO A 62 6.70 -1.72 7.20
CA PRO A 62 7.17 -2.02 5.84
C PRO A 62 7.55 -0.76 5.07
N ILE A 63 8.69 -0.80 4.38
CA ILE A 63 9.16 0.34 3.60
C ILE A 63 8.17 0.70 2.50
N GLU A 64 7.57 -0.31 1.89
CA GLU A 64 6.60 -0.10 0.82
C GLU A 64 5.51 -1.17 0.85
N VAL A 65 4.28 -0.76 0.59
CA VAL A 65 3.15 -1.69 0.59
C VAL A 65 2.57 -1.83 -0.81
N ILE A 66 2.70 -3.04 -1.38
CA ILE A 66 2.19 -3.30 -2.71
C ILE A 66 0.69 -3.61 -2.68
N ALA A 67 -0.11 -2.61 -3.03
CA ALA A 67 -1.56 -2.77 -3.04
C ALA A 67 -2.06 -3.13 -4.44
N THR A 68 -2.80 -4.23 -4.52
CA THR A 68 -3.33 -4.69 -5.80
C THR A 68 -4.86 -4.82 -5.75
N GLY A 69 -5.47 -4.99 -6.90
CA GLY A 69 -6.92 -5.13 -6.97
C GLY A 69 -7.55 -4.15 -7.94
N GLY A 70 -7.67 -4.57 -9.20
CA GLY A 70 -8.26 -3.72 -10.22
C GLY A 70 -9.25 -4.46 -11.10
N GLN A 71 -8.80 -5.56 -11.68
CA GLN A 71 -9.66 -6.36 -12.55
C GLN A 71 -10.59 -7.26 -11.73
N ASN A 72 -10.03 -7.88 -10.69
CA ASN A 72 -10.80 -8.76 -9.83
C ASN A 72 -11.59 -7.96 -8.80
N ASN A 73 -12.61 -8.59 -8.23
CA ASN A 73 -13.45 -7.94 -7.22
C ASN A 73 -13.12 -8.46 -5.82
N GLN A 74 -11.84 -8.42 -5.46
CA GLN A 74 -11.40 -8.88 -4.15
C GLN A 74 -10.29 -7.99 -3.61
N LEU A 75 -10.12 -8.01 -2.29
CA LEU A 75 -9.09 -7.21 -1.64
C LEU A 75 -7.79 -7.99 -1.49
N THR A 76 -6.72 -7.48 -2.07
CA THR A 76 -5.42 -8.13 -2.00
C THR A 76 -4.31 -7.12 -1.68
N LEU A 77 -3.46 -7.48 -0.74
CA LEU A 77 -2.35 -6.60 -0.35
C LEU A 77 -1.06 -7.39 -0.21
N ASN A 78 0.06 -6.68 -0.07
CA ASN A 78 1.36 -7.31 0.06
C ASN A 78 2.32 -6.43 0.85
N TYR A 79 2.91 -7.00 1.90
CA TYR A 79 3.85 -6.26 2.74
C TYR A 79 5.29 -6.45 2.26
N ILE A 80 5.95 -5.34 1.94
CA ILE A 80 7.33 -5.39 1.48
C ILE A 80 8.20 -4.38 2.21
N HIS A 81 9.44 -4.76 2.49
CA HIS A 81 10.36 -3.88 3.19
C HIS A 81 11.75 -3.93 2.55
N SER A 82 12.02 -2.93 1.69
CA SER A 82 13.30 -2.86 1.01
C SER A 82 13.35 -1.64 0.08
N PRO A 83 12.44 -1.60 -0.89
CA PRO A 83 12.35 -0.51 -1.86
C PRO A 83 11.86 0.79 -1.22
N GLU A 84 12.74 1.78 -1.14
CA GLU A 84 12.39 3.07 -0.55
C GLU A 84 11.86 4.03 -1.62
N VAL A 85 12.75 4.54 -2.45
CA VAL A 85 12.37 5.47 -3.51
C VAL A 85 11.32 6.45 -3.03
N SER A 86 11.46 6.89 -1.78
CA SER A 86 10.52 7.84 -1.20
C SER A 86 11.00 9.28 -1.39
N GLY A 87 10.33 10.21 -0.72
CA GLY A 87 10.70 11.61 -0.84
C GLY A 87 9.80 12.52 -0.01
N GLU A 88 8.54 12.13 0.12
CA GLU A 88 7.58 12.92 0.88
C GLU A 88 8.12 13.22 2.28
N ASN A 89 8.39 12.16 3.05
CA ASN A 89 8.91 12.31 4.40
C ASN A 89 10.18 11.49 4.59
N ILE A 90 11.16 12.08 5.28
CA ILE A 90 12.43 11.41 5.52
C ILE A 90 12.87 11.60 6.96
N THR A 91 12.11 11.03 7.90
CA THR A 91 12.43 11.13 9.32
C THR A 91 13.35 10.01 9.75
N LEU A 92 13.00 8.77 9.41
CA LEU A 92 13.79 7.60 9.76
C LEU A 92 14.41 6.97 8.53
N ARG A 93 15.52 7.54 8.06
CA ARG A 93 16.21 7.02 6.89
C ARG A 93 17.64 6.61 7.23
N ILE A 94 17.81 5.99 8.39
CA ILE A 94 19.12 5.55 8.84
C ILE A 94 19.15 4.04 9.03
N VAL A 95 18.37 3.54 9.99
CA VAL A 95 18.32 2.11 10.28
C VAL A 95 16.87 1.63 10.28
N ALA A 96 16.71 0.30 10.17
CA ALA A 96 15.38 -0.30 10.16
C ALA A 96 15.47 -1.82 10.27
N ASN A 97 14.70 -2.38 11.18
CA ASN A 97 14.69 -3.84 11.39
C ASN A 97 13.75 -4.52 10.39
N PRO A 98 13.95 -5.82 10.20
CA PRO A 98 13.14 -6.62 9.27
C PRO A 98 11.71 -6.82 9.78
N ASN A 99 10.89 -7.50 8.99
CA ASN A 99 9.51 -7.75 9.36
C ASN A 99 8.86 -8.75 8.40
N ASP A 100 8.71 -9.99 8.86
CA ASP A 100 8.10 -11.03 8.05
C ASP A 100 6.58 -10.93 8.07
N ALA A 101 5.95 -11.33 6.97
CA ALA A 101 4.49 -11.28 6.85
C ALA A 101 3.88 -12.64 7.14
N ILE A 102 3.29 -12.79 8.32
CA ILE A 102 2.65 -14.05 8.70
C ILE A 102 1.14 -13.91 8.74
N LYS A 103 0.67 -12.74 9.16
CA LYS A 103 -0.77 -12.49 9.25
C LYS A 103 -1.28 -11.88 7.95
N VAL A 104 -2.60 -11.72 7.86
CA VAL A 104 -3.23 -11.14 6.68
C VAL A 104 -4.11 -9.95 7.04
N CYS A 105 -3.93 -8.85 6.32
CA CYS A 105 -4.71 -7.65 6.56
C CYS A 105 -6.20 -7.95 6.54
N GLU A 106 -6.82 -7.91 7.72
CA GLU A 106 -8.25 -8.18 7.83
C GLU A 106 -8.97 -7.02 8.51
N PRO A 13 16.70 -4.97 -0.84
CA PRO A 13 16.02 -4.27 -1.94
C PRO A 13 16.42 -4.80 -3.31
N SER A 14 15.66 -4.43 -4.34
CA SER A 14 15.94 -4.87 -5.70
C SER A 14 15.01 -4.18 -6.69
N GLN A 15 15.30 -4.37 -7.98
CA GLN A 15 14.49 -3.77 -9.03
C GLN A 15 13.02 -4.17 -8.88
N THR A 16 12.13 -3.36 -9.44
CA THR A 16 10.69 -3.62 -9.36
C THR A 16 9.93 -2.83 -10.42
N SER A 17 8.69 -3.24 -10.67
CA SER A 17 7.86 -2.57 -11.67
C SER A 17 6.58 -2.03 -11.03
N PHE A 18 6.73 -1.25 -9.97
CA PHE A 18 5.58 -0.68 -9.26
C PHE A 18 5.80 0.81 -9.01
N LYS A 19 4.70 1.56 -9.01
CA LYS A 19 4.76 3.00 -8.78
C LYS A 19 3.99 3.38 -7.51
N PRO A 20 4.40 4.50 -6.90
CA PRO A 20 3.77 5.00 -5.67
C PRO A 20 2.35 5.52 -5.91
N LEU A 21 1.50 5.37 -4.91
CA LEU A 21 0.11 5.82 -5.01
C LEU A 21 -0.25 6.75 -3.85
N THR A 22 -0.07 6.24 -2.63
CA THR A 22 -0.38 7.02 -1.44
C THR A 22 0.39 6.49 -0.22
N VAL A 23 0.60 7.35 0.75
CA VAL A 23 1.31 6.96 1.97
C VAL A 23 0.42 7.13 3.20
N VAL A 24 0.39 6.10 4.04
CA VAL A 24 -0.41 6.13 5.26
C VAL A 24 0.44 5.90 6.49
N ASP A 25 0.53 6.92 7.34
CA ASP A 25 1.32 6.83 8.56
C ASP A 25 2.82 6.93 8.25
N GLY A 26 3.14 6.99 6.97
CA GLY A 26 4.54 7.09 6.56
C GLY A 26 4.99 5.89 5.76
N VAL A 27 4.03 5.15 5.20
CA VAL A 27 4.34 3.97 4.41
C VAL A 27 3.91 4.15 2.96
N ALA A 28 4.88 4.38 2.08
CA ALA A 28 4.60 4.57 0.66
C ALA A 28 3.96 3.32 0.06
N VAL A 29 2.68 3.43 -0.29
CA VAL A 29 1.96 2.31 -0.88
C VAL A 29 2.01 2.37 -2.40
N ASN A 30 2.72 1.42 -3.01
CA ASN A 30 2.83 1.36 -4.46
C ASN A 30 1.81 0.41 -5.05
N MET A 31 1.55 0.56 -6.34
CA MET A 31 0.58 -0.29 -7.04
C MET A 31 1.17 -0.84 -8.33
N PRO A 32 0.63 -1.97 -8.80
CA PRO A 32 1.08 -2.63 -10.03
C PRO A 32 0.72 -1.83 -11.28
N ASN A 33 1.73 -1.52 -12.09
CA ASN A 33 1.52 -0.76 -13.31
C ASN A 33 0.53 -1.47 -14.24
N ASN A 34 0.53 -2.80 -14.18
CA ASN A 34 -0.36 -3.60 -15.01
C ASN A 34 -1.74 -3.71 -14.37
N HIS A 35 -2.34 -2.57 -14.04
CA HIS A 35 -3.66 -2.54 -13.43
C HIS A 35 -4.29 -1.16 -13.57
N PRO A 36 -5.62 -1.10 -13.43
CA PRO A 36 -6.38 0.15 -13.53
C PRO A 36 -6.12 1.09 -12.36
N ASP A 37 -6.96 2.10 -12.21
CA ASP A 37 -6.83 3.07 -11.13
C ASP A 37 -7.41 2.51 -9.83
N LEU A 38 -6.81 2.88 -8.71
CA LEU A 38 -7.27 2.42 -7.41
C LEU A 38 -7.91 3.56 -6.61
N SER A 39 -8.77 4.34 -7.28
CA SER A 39 -9.44 5.46 -6.64
C SER A 39 -10.37 4.98 -5.53
N ASN A 40 -11.15 3.95 -5.83
CA ASN A 40 -12.08 3.39 -4.86
C ASN A 40 -11.35 2.57 -3.80
N TRP A 41 -10.24 1.95 -4.20
CA TRP A 41 -9.45 1.14 -3.29
C TRP A 41 -8.53 2.01 -2.44
N LEU A 42 -8.36 3.26 -2.86
CA LEU A 42 -7.51 4.19 -2.13
C LEU A 42 -7.87 4.25 -0.65
N PRO A 43 -9.14 4.57 -0.37
CA PRO A 43 -9.65 4.65 1.00
C PRO A 43 -9.75 3.29 1.66
N SER A 44 -9.81 2.24 0.84
CA SER A 44 -9.91 0.87 1.36
C SER A 44 -8.55 0.38 1.84
N ILE A 45 -7.51 0.69 1.07
CA ILE A 45 -6.16 0.27 1.42
C ILE A 45 -5.56 1.17 2.49
N GLU A 46 -5.74 2.48 2.32
CA GLU A 46 -5.22 3.45 3.29
C GLU A 46 -5.61 3.07 4.72
N LEU A 47 -6.80 2.51 4.87
CA LEU A 47 -7.29 2.11 6.18
C LEU A 47 -6.76 0.73 6.55
N CYS A 48 -6.69 -0.16 5.56
CA CYS A 48 -6.20 -1.52 5.79
C CYS A 48 -4.78 -1.50 6.35
N VAL A 49 -3.90 -0.76 5.68
CA VAL A 49 -2.51 -0.66 6.11
C VAL A 49 -2.41 0.03 7.47
N LYS A 50 -3.30 0.98 7.71
CA LYS A 50 -3.32 1.72 8.98
C LYS A 50 -3.29 0.75 10.16
N LYS A 51 -3.97 -0.38 10.01
CA LYS A 51 -4.01 -1.38 11.07
C LYS A 51 -2.68 -2.12 11.19
N TYR A 52 -2.05 -2.37 10.04
CA TYR A 52 -0.78 -3.07 10.02
C TYR A 52 0.31 -2.27 10.74
N ASN A 53 0.45 -1.01 10.38
CA ASN A 53 1.45 -0.14 11.00
C ASN A 53 1.27 -0.11 12.51
N GLU A 54 0.02 -0.16 12.95
CA GLU A 54 -0.28 -0.14 14.38
C GLU A 54 0.36 -1.33 15.10
N LYS A 55 0.38 -2.47 14.42
CA LYS A 55 0.97 -3.68 14.98
C LYS A 55 2.48 -3.70 14.77
N HIS A 56 2.93 -3.18 13.63
CA HIS A 56 4.34 -3.14 13.32
C HIS A 56 4.90 -1.72 13.49
N THR A 57 5.65 -1.51 14.56
CA THR A 57 6.24 -0.20 14.83
C THR A 57 7.73 -0.33 15.15
N GLY A 58 8.44 0.79 15.00
CA GLY A 58 9.87 0.79 15.27
C GLY A 58 10.60 -0.31 14.52
N GLY A 59 10.94 -0.05 13.27
CA GLY A 59 11.64 -1.03 12.46
C GLY A 59 10.70 -2.03 11.81
N LEU A 60 9.85 -2.65 12.62
CA LEU A 60 8.90 -3.63 12.12
C LEU A 60 8.09 -3.06 10.97
N LYS A 61 7.78 -1.77 11.06
CA LYS A 61 7.00 -1.09 10.03
C LYS A 61 7.60 -1.33 8.65
N PRO A 62 6.75 -1.72 7.68
CA PRO A 62 7.18 -1.98 6.31
C PRO A 62 7.60 -0.72 5.57
N ILE A 63 8.68 -0.81 4.81
CA ILE A 63 9.19 0.32 4.06
C ILE A 63 8.23 0.71 2.93
N GLU A 64 7.64 -0.30 2.30
CA GLU A 64 6.71 -0.07 1.20
C GLU A 64 5.56 -1.08 1.23
N VAL A 65 4.44 -0.72 0.62
CA VAL A 65 3.28 -1.61 0.59
C VAL A 65 2.72 -1.72 -0.82
N ILE A 66 2.80 -2.91 -1.40
CA ILE A 66 2.30 -3.15 -2.75
C ILE A 66 0.82 -3.50 -2.73
N ALA A 67 -0.01 -2.51 -3.05
CA ALA A 67 -1.45 -2.72 -3.08
C ALA A 67 -1.94 -3.07 -4.48
N THR A 68 -2.72 -4.14 -4.59
CA THR A 68 -3.23 -4.58 -5.88
C THR A 68 -4.74 -4.81 -5.81
N GLY A 69 -5.38 -4.94 -6.97
CA GLY A 69 -6.81 -5.16 -7.02
C GLY A 69 -7.52 -4.19 -7.94
N GLY A 70 -7.59 -4.55 -9.23
CA GLY A 70 -8.25 -3.69 -10.20
C GLY A 70 -9.19 -4.44 -11.11
N GLN A 71 -10.27 -3.81 -11.51
CA GLN A 71 -11.26 -4.43 -12.39
C GLN A 71 -11.71 -5.77 -11.82
N ASN A 72 -11.88 -5.82 -10.51
CA ASN A 72 -12.32 -7.04 -9.84
C ASN A 72 -13.00 -6.72 -8.51
N ASN A 73 -13.50 -7.76 -7.84
CA ASN A 73 -14.17 -7.59 -6.56
C ASN A 73 -13.40 -8.28 -5.44
N GLN A 74 -12.07 -8.21 -5.51
CA GLN A 74 -11.22 -8.83 -4.51
C GLN A 74 -10.15 -7.86 -4.01
N LEU A 75 -9.67 -8.08 -2.79
CA LEU A 75 -8.65 -7.22 -2.21
C LEU A 75 -7.38 -8.01 -1.91
N THR A 76 -6.26 -7.54 -2.44
CA THR A 76 -4.98 -8.20 -2.23
C THR A 76 -3.87 -7.19 -1.94
N LEU A 77 -3.10 -7.46 -0.89
CA LEU A 77 -2.00 -6.57 -0.50
C LEU A 77 -0.71 -7.35 -0.33
N ASN A 78 0.40 -6.63 -0.25
CA ASN A 78 1.72 -7.25 -0.09
C ASN A 78 2.64 -6.36 0.73
N TYR A 79 3.16 -6.89 1.82
CA TYR A 79 4.06 -6.14 2.69
C TYR A 79 5.52 -6.32 2.25
N ILE A 80 6.14 -5.22 1.84
CA ILE A 80 7.53 -5.25 1.38
C ILE A 80 8.38 -4.27 2.18
N HIS A 81 9.42 -4.78 2.83
CA HIS A 81 10.32 -3.94 3.62
C HIS A 81 11.75 -4.07 3.12
N SER A 82 12.17 -3.14 2.28
CA SER A 82 13.51 -3.15 1.72
C SER A 82 13.72 -1.97 0.77
N PRO A 83 12.92 -1.94 -0.31
CA PRO A 83 12.99 -0.88 -1.32
C PRO A 83 12.49 0.46 -0.79
N GLU A 84 12.99 1.54 -1.38
CA GLU A 84 12.59 2.89 -0.96
C GLU A 84 12.74 3.87 -2.11
N VAL A 85 11.76 4.76 -2.25
CA VAL A 85 11.78 5.77 -3.30
C VAL A 85 11.96 7.17 -2.73
N SER A 86 12.71 8.00 -3.45
CA SER A 86 12.97 9.37 -3.01
C SER A 86 11.66 10.14 -2.87
N GLY A 87 11.39 10.60 -1.65
CA GLY A 87 10.17 11.35 -1.39
C GLY A 87 9.98 11.67 0.07
N GLU A 88 10.40 12.87 0.48
CA GLU A 88 10.28 13.30 1.86
C GLU A 88 9.02 14.13 2.06
N ASN A 89 8.54 14.19 3.31
CA ASN A 89 7.35 14.96 3.63
C ASN A 89 7.09 14.95 5.14
N ILE A 90 6.82 16.14 5.68
CA ILE A 90 6.56 16.27 7.11
C ILE A 90 5.10 16.60 7.37
N THR A 91 4.53 15.99 8.41
CA THR A 91 3.13 16.22 8.78
C THR A 91 2.91 16.02 10.27
N LEU A 92 1.74 16.43 10.74
CA LEU A 92 1.40 16.29 12.16
C LEU A 92 0.11 15.50 12.33
N ARG A 93 0.22 14.34 12.97
CA ARG A 93 -0.93 13.48 13.21
C ARG A 93 -0.72 12.60 14.44
N ILE A 94 -1.77 12.44 15.23
CA ILE A 94 -1.69 11.62 16.44
C ILE A 94 -2.45 10.31 16.26
N VAL A 95 -1.81 9.21 16.63
CA VAL A 95 -2.42 7.88 16.52
C VAL A 95 -3.04 7.44 17.84
N ALA A 96 -4.20 6.80 17.76
CA ALA A 96 -4.88 6.32 18.95
C ALA A 96 -4.43 4.91 19.32
N ASN A 97 -5.02 4.36 20.37
CA ASN A 97 -4.67 3.02 20.83
C ASN A 97 -5.91 2.12 20.85
N PRO A 98 -6.41 1.80 19.65
CA PRO A 98 -7.58 0.94 19.49
C PRO A 98 -7.31 -0.51 19.87
N ASN A 99 -8.27 -1.38 19.60
CA ASN A 99 -8.12 -2.81 19.92
C ASN A 99 -7.01 -3.44 19.10
N ASP A 100 -6.45 -4.53 19.60
CA ASP A 100 -5.38 -5.24 18.92
C ASP A 100 -5.92 -6.40 18.10
N ALA A 101 -6.94 -7.07 18.63
CA ALA A 101 -7.56 -8.20 17.94
C ALA A 101 -8.51 -7.73 16.85
N ILE A 102 -7.95 -7.12 15.81
CA ILE A 102 -8.75 -6.62 14.70
C ILE A 102 -8.05 -6.87 13.37
N LYS A 103 -8.83 -7.26 12.36
CA LYS A 103 -8.28 -7.51 11.04
C LYS A 103 -9.27 -7.12 9.96
N VAL A 104 -8.76 -6.53 8.87
CA VAL A 104 -9.61 -6.11 7.76
C VAL A 104 -9.20 -6.78 6.46
N CYS A 105 -8.03 -6.41 5.95
CA CYS A 105 -7.52 -6.99 4.71
C CYS A 105 -6.89 -8.35 4.97
N GLU A 106 -6.74 -9.13 3.90
CA GLU A 106 -6.15 -10.46 4.01
C GLU A 106 -4.63 -10.40 3.88
N PRO A 13 16.78 -5.08 -1.16
CA PRO A 13 16.22 -4.13 -2.11
C PRO A 13 16.67 -4.41 -3.55
N SER A 14 15.85 -3.99 -4.51
CA SER A 14 16.16 -4.21 -5.92
C SER A 14 15.16 -3.49 -6.81
N GLN A 15 15.42 -3.49 -8.11
CA GLN A 15 14.54 -2.83 -9.07
C GLN A 15 13.15 -3.48 -9.07
N THR A 16 12.17 -2.74 -9.56
CA THR A 16 10.80 -3.23 -9.62
C THR A 16 9.97 -2.47 -10.64
N SER A 17 8.80 -2.99 -10.96
CA SER A 17 7.91 -2.35 -11.94
C SER A 17 6.65 -1.82 -11.25
N PHE A 18 6.84 -1.18 -10.10
CA PHE A 18 5.72 -0.62 -9.35
C PHE A 18 5.95 0.85 -9.06
N LYS A 19 4.85 1.62 -8.98
CA LYS A 19 4.92 3.04 -8.71
C LYS A 19 4.14 3.40 -7.45
N PRO A 20 4.55 4.50 -6.80
CA PRO A 20 3.90 4.97 -5.57
C PRO A 20 2.49 5.51 -5.82
N LEU A 21 1.59 5.25 -4.88
CA LEU A 21 0.21 5.71 -5.01
C LEU A 21 -0.15 6.64 -3.86
N THR A 22 0.01 6.17 -2.63
CA THR A 22 -0.29 6.95 -1.45
C THR A 22 0.45 6.43 -0.23
N VAL A 23 0.70 7.31 0.73
CA VAL A 23 1.41 6.95 1.96
C VAL A 23 0.54 7.16 3.18
N VAL A 24 0.44 6.13 4.02
CA VAL A 24 -0.37 6.19 5.23
C VAL A 24 0.45 5.82 6.45
N ASP A 25 0.61 6.76 7.37
CA ASP A 25 1.38 6.52 8.59
C ASP A 25 2.87 6.53 8.31
N GLY A 26 3.23 6.71 7.04
CA GLY A 26 4.63 6.73 6.65
C GLY A 26 5.03 5.52 5.83
N VAL A 27 4.06 4.93 5.15
CA VAL A 27 4.31 3.76 4.32
C VAL A 27 3.90 4.02 2.87
N ALA A 28 4.89 4.25 2.02
CA ALA A 28 4.63 4.51 0.60
C ALA A 28 3.98 3.29 -0.07
N VAL A 29 2.66 3.32 -0.20
CA VAL A 29 1.93 2.22 -0.82
C VAL A 29 1.99 2.31 -2.34
N ASN A 30 2.73 1.39 -2.95
CA ASN A 30 2.88 1.35 -4.40
C ASN A 30 1.84 0.42 -5.03
N MET A 31 1.59 0.61 -6.32
CA MET A 31 0.64 -0.22 -7.04
C MET A 31 1.23 -0.74 -8.34
N PRO A 32 0.70 -1.86 -8.83
CA PRO A 32 1.16 -2.49 -10.07
C PRO A 32 0.82 -1.67 -11.31
N ASN A 33 1.82 -1.33 -12.10
CA ASN A 33 1.62 -0.55 -13.31
C ASN A 33 0.65 -1.26 -14.25
N ASN A 34 0.66 -2.58 -14.22
CA ASN A 34 -0.22 -3.38 -15.08
C ASN A 34 -1.60 -3.54 -14.45
N HIS A 35 -2.20 -2.41 -14.09
CA HIS A 35 -3.53 -2.42 -13.47
C HIS A 35 -4.18 -1.05 -13.57
N PRO A 36 -5.52 -1.01 -13.44
CA PRO A 36 -6.29 0.23 -13.49
C PRO A 36 -6.04 1.13 -12.29
N ASP A 37 -6.85 2.19 -12.17
CA ASP A 37 -6.72 3.11 -11.05
C ASP A 37 -7.31 2.53 -9.78
N LEU A 38 -6.75 2.93 -8.63
CA LEU A 38 -7.23 2.44 -7.34
C LEU A 38 -7.88 3.56 -6.54
N SER A 39 -8.78 4.30 -7.19
CA SER A 39 -9.47 5.40 -6.53
C SER A 39 -10.36 4.88 -5.40
N ASN A 40 -11.14 3.85 -5.69
CA ASN A 40 -12.03 3.26 -4.70
C ASN A 40 -11.25 2.44 -3.67
N TRP A 41 -10.15 1.86 -4.11
CA TRP A 41 -9.31 1.05 -3.23
C TRP A 41 -8.40 1.94 -2.38
N LEU A 42 -8.28 3.20 -2.77
CA LEU A 42 -7.44 4.15 -2.06
C LEU A 42 -7.81 4.20 -0.58
N PRO A 43 -9.09 4.51 -0.30
CA PRO A 43 -9.60 4.60 1.07
C PRO A 43 -9.69 3.23 1.74
N SER A 44 -9.88 2.19 0.94
CA SER A 44 -9.98 0.84 1.45
C SER A 44 -8.62 0.31 1.91
N ILE A 45 -7.58 0.65 1.14
CA ILE A 45 -6.23 0.22 1.46
C ILE A 45 -5.62 1.10 2.55
N GLU A 46 -5.74 2.41 2.38
CA GLU A 46 -5.20 3.36 3.34
C GLU A 46 -5.65 3.01 4.76
N LEU A 47 -6.87 2.51 4.88
CA LEU A 47 -7.42 2.12 6.18
C LEU A 47 -6.95 0.72 6.58
N CYS A 48 -6.81 -0.15 5.60
CA CYS A 48 -6.38 -1.52 5.84
C CYS A 48 -4.94 -1.54 6.36
N VAL A 49 -4.07 -0.78 5.71
CA VAL A 49 -2.66 -0.71 6.10
C VAL A 49 -2.50 0.05 7.41
N LYS A 50 -3.40 0.99 7.65
CA LYS A 50 -3.36 1.80 8.87
C LYS A 50 -3.23 0.91 10.11
N LYS A 51 -4.00 -0.17 10.14
CA LYS A 51 -3.97 -1.09 11.26
C LYS A 51 -2.63 -1.84 11.32
N TYR A 52 -2.08 -2.14 10.16
CA TYR A 52 -0.81 -2.84 10.07
C TYR A 52 0.31 -2.02 10.69
N ASN A 53 0.38 -0.74 10.32
CA ASN A 53 1.39 0.16 10.84
C ASN A 53 1.36 0.20 12.37
N GLU A 54 0.17 0.07 12.93
CA GLU A 54 -0.01 0.09 14.38
C GLU A 54 0.46 -1.23 15.00
N LYS A 55 -0.23 -2.31 14.64
CA LYS A 55 0.10 -3.63 15.17
C LYS A 55 1.59 -3.92 14.97
N HIS A 56 2.09 -3.67 13.77
CA HIS A 56 3.49 -3.91 13.45
C HIS A 56 4.31 -2.63 13.62
N THR A 57 5.28 -2.67 14.55
CA THR A 57 6.13 -1.53 14.81
C THR A 57 7.57 -1.96 15.03
N GLY A 58 8.47 -0.98 15.05
CA GLY A 58 9.88 -1.28 15.26
C GLY A 58 10.39 -2.35 14.31
N GLY A 59 10.86 -1.93 13.14
CA GLY A 59 11.36 -2.87 12.16
C GLY A 59 10.27 -3.46 11.30
N LEU A 60 9.24 -4.00 11.95
CA LEU A 60 8.12 -4.62 11.24
C LEU A 60 7.53 -3.65 10.22
N LYS A 61 7.60 -2.36 10.52
CA LYS A 61 7.09 -1.33 9.63
C LYS A 61 7.61 -1.54 8.21
N PRO A 62 6.70 -1.91 7.29
CA PRO A 62 7.03 -2.14 5.89
C PRO A 62 7.39 -0.84 5.15
N ILE A 63 8.55 -0.83 4.51
CA ILE A 63 9.00 0.35 3.77
C ILE A 63 8.02 0.71 2.67
N GLU A 64 7.46 -0.32 2.02
CA GLU A 64 6.50 -0.10 0.95
C GLU A 64 5.40 -1.16 0.97
N VAL A 65 4.24 -0.81 0.45
CA VAL A 65 3.10 -1.73 0.42
C VAL A 65 2.55 -1.86 -0.99
N ILE A 66 2.61 -3.07 -1.54
CA ILE A 66 2.11 -3.32 -2.89
C ILE A 66 0.62 -3.65 -2.86
N ALA A 67 -0.20 -2.67 -3.19
CA ALA A 67 -1.65 -2.86 -3.22
C ALA A 67 -2.15 -3.13 -4.64
N THR A 68 -3.04 -4.10 -4.77
CA THR A 68 -3.60 -4.45 -6.07
C THR A 68 -5.11 -4.63 -6.00
N GLY A 69 -5.70 -5.12 -7.08
CA GLY A 69 -7.13 -5.33 -7.11
C GLY A 69 -7.74 -4.93 -8.45
N GLY A 70 -7.93 -3.63 -8.65
CA GLY A 70 -8.52 -3.16 -9.89
C GLY A 70 -10.01 -3.41 -9.96
N GLN A 71 -10.53 -3.51 -11.19
CA GLN A 71 -11.94 -3.76 -11.39
C GLN A 71 -12.41 -4.98 -10.60
N ASN A 72 -11.64 -6.06 -10.67
CA ASN A 72 -11.97 -7.29 -9.96
C ASN A 72 -12.24 -7.00 -8.49
N ASN A 73 -12.79 -8.00 -7.79
CA ASN A 73 -13.10 -7.85 -6.37
C ASN A 73 -12.38 -8.91 -5.54
N GLN A 74 -11.36 -8.48 -4.80
CA GLN A 74 -10.59 -9.38 -3.95
C GLN A 74 -9.58 -8.61 -3.11
N LEU A 75 -9.31 -9.12 -1.91
CA LEU A 75 -8.36 -8.48 -1.01
C LEU A 75 -6.94 -8.98 -1.27
N THR A 76 -6.12 -8.13 -1.90
CA THR A 76 -4.75 -8.48 -2.20
C THR A 76 -3.79 -7.40 -1.72
N LEU A 77 -2.86 -7.79 -0.84
CA LEU A 77 -1.88 -6.85 -0.30
C LEU A 77 -0.56 -7.56 0.00
N ASN A 78 0.55 -6.86 -0.22
CA ASN A 78 1.86 -7.42 0.03
C ASN A 78 2.73 -6.44 0.83
N TYR A 79 3.36 -6.94 1.88
CA TYR A 79 4.20 -6.12 2.73
C TYR A 79 5.67 -6.24 2.31
N ILE A 80 6.16 -5.20 1.65
CA ILE A 80 7.55 -5.18 1.19
C ILE A 80 8.39 -4.18 1.99
N HIS A 81 9.50 -4.64 2.55
CA HIS A 81 10.38 -3.79 3.32
C HIS A 81 11.80 -3.84 2.79
N SER A 82 12.14 -2.88 1.94
CA SER A 82 13.48 -2.81 1.35
C SER A 82 13.60 -1.62 0.41
N PRO A 83 12.76 -1.62 -0.65
CA PRO A 83 12.75 -0.54 -1.65
C PRO A 83 12.21 0.77 -1.09
N GLU A 84 12.93 1.85 -1.34
CA GLU A 84 12.52 3.17 -0.86
C GLU A 84 12.34 4.14 -2.01
N VAL A 85 11.32 5.00 -1.91
CA VAL A 85 11.05 5.98 -2.95
C VAL A 85 11.16 7.39 -2.42
N SER A 86 11.36 8.36 -3.31
CA SER A 86 11.49 9.75 -2.93
C SER A 86 10.25 10.54 -3.33
N GLY A 87 9.53 11.05 -2.32
CA GLY A 87 8.33 11.82 -2.59
C GLY A 87 7.15 11.35 -1.77
N GLU A 88 6.81 12.12 -0.73
CA GLU A 88 5.70 11.77 0.14
C GLU A 88 4.37 12.16 -0.50
N ASN A 89 4.35 13.30 -1.16
CA ASN A 89 3.14 13.78 -1.82
C ASN A 89 1.98 13.90 -0.84
N ILE A 90 2.29 14.37 0.37
CA ILE A 90 1.28 14.52 1.41
C ILE A 90 0.11 15.36 0.91
N THR A 91 -1.02 15.27 1.62
CA THR A 91 -2.22 16.01 1.24
C THR A 91 -3.08 16.30 2.47
N LEU A 92 -3.56 17.54 2.56
CA LEU A 92 -4.40 17.94 3.68
C LEU A 92 -5.88 17.70 3.37
N ARG A 93 -6.37 16.52 3.74
CA ARG A 93 -7.76 16.16 3.49
C ARG A 93 -8.32 15.38 4.68
N ILE A 94 -9.30 15.97 5.35
CA ILE A 94 -9.93 15.32 6.49
C ILE A 94 -11.45 15.23 6.31
N VAL A 95 -11.96 14.00 6.29
CA VAL A 95 -13.39 13.77 6.11
C VAL A 95 -13.92 12.83 7.19
N ALA A 96 -14.85 13.33 8.01
CA ALA A 96 -15.45 12.54 9.07
C ALA A 96 -16.49 11.56 8.52
N ASN A 97 -16.16 10.28 8.57
CA ASN A 97 -17.07 9.24 8.08
C ASN A 97 -16.92 7.95 8.88
N PRO A 98 -17.43 7.97 10.12
CA PRO A 98 -17.36 6.80 11.02
C PRO A 98 -18.25 5.66 10.55
N ASN A 99 -17.65 4.49 10.35
CA ASN A 99 -18.40 3.31 9.89
C ASN A 99 -18.22 2.15 10.87
N ASP A 100 -18.93 1.06 10.62
CA ASP A 100 -18.84 -0.12 11.47
C ASP A 100 -18.42 -1.35 10.65
N ALA A 101 -18.13 -2.43 11.35
CA ALA A 101 -17.72 -3.67 10.70
C ALA A 101 -16.46 -3.46 9.85
N ILE A 102 -15.43 -2.89 10.47
CA ILE A 102 -14.18 -2.62 9.77
C ILE A 102 -13.31 -3.88 9.72
N LYS A 103 -13.02 -4.34 8.52
CA LYS A 103 -12.19 -5.53 8.34
C LYS A 103 -10.80 -5.32 8.94
N VAL A 104 -10.13 -6.42 9.26
CA VAL A 104 -8.80 -6.37 9.85
C VAL A 104 -7.72 -6.46 8.77
N CYS A 105 -7.90 -7.39 7.84
CA CYS A 105 -6.94 -7.57 6.75
C CYS A 105 -5.52 -7.27 7.22
N GLU A 106 -5.14 -7.87 8.34
CA GLU A 106 -3.81 -7.67 8.90
C GLU A 106 -2.81 -8.64 8.28
N PRO A 13 16.87 -7.15 -0.12
CA PRO A 13 15.53 -7.05 -0.69
C PRO A 13 15.53 -7.21 -2.20
N SER A 14 14.39 -6.95 -2.83
CA SER A 14 14.27 -7.06 -4.28
C SER A 14 13.28 -6.02 -4.82
N GLN A 15 13.77 -5.17 -5.72
CA GLN A 15 12.94 -4.12 -6.31
C GLN A 15 11.97 -4.73 -7.32
N THR A 16 11.08 -3.88 -7.86
CA THR A 16 10.10 -4.32 -8.84
C THR A 16 9.57 -3.15 -9.65
N SER A 17 8.86 -3.45 -10.74
CA SER A 17 8.30 -2.42 -11.59
C SER A 17 6.98 -1.91 -11.02
N PHE A 18 7.07 -1.20 -9.90
CA PHE A 18 5.88 -0.65 -9.25
C PHE A 18 6.05 0.85 -9.01
N LYS A 19 4.92 1.53 -8.80
CA LYS A 19 4.93 2.96 -8.56
C LYS A 19 4.14 3.31 -7.30
N PRO A 20 4.49 4.44 -6.68
CA PRO A 20 3.81 4.90 -5.45
C PRO A 20 2.39 5.38 -5.73
N LEU A 21 1.48 5.07 -4.81
CA LEU A 21 0.08 5.46 -4.95
C LEU A 21 -0.33 6.42 -3.84
N THR A 22 -0.07 6.02 -2.59
CA THR A 22 -0.42 6.85 -1.44
C THR A 22 0.31 6.37 -0.19
N VAL A 23 0.54 7.29 0.75
CA VAL A 23 1.23 6.96 1.99
C VAL A 23 0.32 7.18 3.20
N VAL A 24 -0.14 6.08 3.79
CA VAL A 24 -1.02 6.16 4.96
C VAL A 24 -0.44 7.09 6.01
N ASP A 25 0.51 6.58 6.79
CA ASP A 25 1.14 7.38 7.84
C ASP A 25 2.66 7.22 7.80
N GLY A 26 3.18 6.92 6.62
CA GLY A 26 4.61 6.75 6.46
C GLY A 26 4.97 5.57 5.58
N VAL A 27 3.96 4.79 5.21
CA VAL A 27 4.17 3.61 4.37
C VAL A 27 3.73 3.89 2.93
N ALA A 28 4.70 4.21 2.08
CA ALA A 28 4.41 4.49 0.67
C ALA A 28 3.80 3.28 -0.02
N VAL A 29 2.47 3.26 -0.12
CA VAL A 29 1.78 2.14 -0.76
C VAL A 29 1.93 2.19 -2.27
N ASN A 30 2.66 1.23 -2.82
CA ASN A 30 2.89 1.16 -4.26
C ASN A 30 1.82 0.31 -4.94
N MET A 31 1.81 0.34 -6.26
CA MET A 31 0.84 -0.44 -7.04
C MET A 31 1.44 -0.89 -8.36
N PRO A 32 0.89 -1.99 -8.91
CA PRO A 32 1.36 -2.54 -10.19
C PRO A 32 1.01 -1.66 -11.37
N ASN A 33 2.04 -1.14 -12.05
CA ASN A 33 1.84 -0.28 -13.21
C ASN A 33 0.90 -0.93 -14.22
N ASN A 34 0.92 -2.26 -14.26
CA ASN A 34 0.08 -3.00 -15.18
C ASN A 34 -1.33 -3.18 -14.61
N HIS A 35 -1.94 -2.08 -14.20
CA HIS A 35 -3.29 -2.11 -13.64
C HIS A 35 -3.93 -0.73 -13.66
N PRO A 36 -5.26 -0.69 -13.58
CA PRO A 36 -6.02 0.57 -13.59
C PRO A 36 -5.82 1.37 -12.31
N ASP A 37 -6.62 2.42 -12.15
CA ASP A 37 -6.55 3.27 -10.97
C ASP A 37 -7.28 2.63 -9.79
N LEU A 38 -6.73 2.78 -8.60
CA LEU A 38 -7.33 2.23 -7.39
C LEU A 38 -7.90 3.32 -6.50
N SER A 39 -8.76 4.16 -7.09
CA SER A 39 -9.38 5.26 -6.36
C SER A 39 -10.31 4.72 -5.27
N ASN A 40 -11.05 3.67 -5.60
CA ASN A 40 -11.99 3.06 -4.65
C ASN A 40 -11.24 2.27 -3.59
N TRP A 41 -10.15 1.63 -4.00
CA TRP A 41 -9.34 0.83 -3.08
C TRP A 41 -8.40 1.72 -2.26
N LEU A 42 -8.24 2.96 -2.69
CA LEU A 42 -7.37 3.90 -2.01
C LEU A 42 -7.71 3.98 -0.52
N PRO A 43 -8.97 4.32 -0.22
CA PRO A 43 -9.45 4.43 1.16
C PRO A 43 -9.56 3.07 1.85
N SER A 44 -9.89 2.05 1.06
CA SER A 44 -10.02 0.70 1.60
C SER A 44 -8.67 0.15 2.05
N ILE A 45 -7.63 0.44 1.27
CA ILE A 45 -6.29 -0.02 1.59
C ILE A 45 -5.65 0.84 2.66
N GLU A 46 -5.67 2.16 2.44
CA GLU A 46 -5.10 3.11 3.40
C GLU A 46 -5.61 2.83 4.81
N LEU A 47 -6.84 2.36 4.91
CA LEU A 47 -7.46 2.05 6.20
C LEU A 47 -6.94 0.72 6.74
N CYS A 48 -6.71 -0.23 5.84
CA CYS A 48 -6.22 -1.55 6.23
C CYS A 48 -4.77 -1.47 6.70
N VAL A 49 -3.99 -0.61 6.06
CA VAL A 49 -2.59 -0.44 6.42
C VAL A 49 -2.44 0.26 7.76
N LYS A 50 -3.36 1.18 8.04
CA LYS A 50 -3.33 1.93 9.29
C LYS A 50 -3.20 0.99 10.49
N LYS A 51 -3.85 -0.18 10.39
CA LYS A 51 -3.79 -1.17 11.46
C LYS A 51 -2.43 -1.85 11.51
N TYR A 52 -1.86 -2.11 10.33
CA TYR A 52 -0.56 -2.76 10.24
C TYR A 52 0.50 -1.98 11.03
N ASN A 53 0.38 -0.65 11.01
CA ASN A 53 1.32 0.21 11.71
C ASN A 53 1.48 -0.25 13.16
N GLU A 54 0.40 -0.77 13.74
CA GLU A 54 0.42 -1.23 15.12
C GLU A 54 0.78 -2.71 15.19
N LYS A 55 0.08 -3.52 14.39
CA LYS A 55 0.33 -4.96 14.37
C LYS A 55 1.81 -5.26 14.15
N HIS A 56 2.47 -4.41 13.38
CA HIS A 56 3.89 -4.58 13.09
C HIS A 56 4.74 -3.78 14.08
N THR A 57 5.82 -4.39 14.55
CA THR A 57 6.72 -3.75 15.49
C THR A 57 8.08 -4.44 15.53
N GLY A 58 9.13 -3.67 15.29
CA GLY A 58 10.47 -4.23 15.30
C GLY A 58 11.00 -4.51 13.90
N GLY A 59 11.53 -3.48 13.24
CA GLY A 59 12.05 -3.65 11.91
C GLY A 59 11.06 -4.33 10.98
N LEU A 60 9.77 -4.15 11.24
CA LEU A 60 8.73 -4.75 10.42
C LEU A 60 8.09 -3.71 9.52
N LYS A 61 8.32 -2.44 9.82
CA LYS A 61 7.76 -1.35 9.03
C LYS A 61 8.05 -1.56 7.54
N PRO A 62 7.00 -1.89 6.78
CA PRO A 62 7.11 -2.12 5.33
C PRO A 62 7.40 -0.83 4.56
N ILE A 63 8.61 -0.73 4.02
CA ILE A 63 9.00 0.45 3.26
C ILE A 63 7.97 0.78 2.19
N GLU A 64 7.37 -0.25 1.61
CA GLU A 64 6.36 -0.07 0.57
C GLU A 64 5.33 -1.20 0.60
N VAL A 65 4.07 -0.85 0.36
CA VAL A 65 3.00 -1.83 0.36
C VAL A 65 2.43 -2.04 -1.04
N ILE A 66 2.58 -3.26 -1.55
CA ILE A 66 2.08 -3.59 -2.88
C ILE A 66 0.59 -3.87 -2.86
N ALA A 67 -0.19 -2.92 -3.38
CA ALA A 67 -1.64 -3.07 -3.42
C ALA A 67 -2.12 -3.28 -4.86
N THR A 68 -2.80 -4.41 -5.08
CA THR A 68 -3.31 -4.72 -6.42
C THR A 68 -4.84 -4.76 -6.42
N GLY A 69 -5.41 -5.16 -7.54
CA GLY A 69 -6.86 -5.24 -7.65
C GLY A 69 -7.43 -4.12 -8.50
N GLY A 70 -7.75 -4.43 -9.76
CA GLY A 70 -8.30 -3.44 -10.65
C GLY A 70 -9.80 -3.57 -10.82
N GLN A 71 -10.53 -3.39 -9.73
CA GLN A 71 -11.99 -3.50 -9.76
C GLN A 71 -12.42 -4.91 -10.11
N ASN A 72 -12.10 -5.86 -9.24
CA ASN A 72 -12.47 -7.26 -9.48
C ASN A 72 -13.14 -7.86 -8.25
N ASN A 73 -13.88 -7.02 -7.52
CA ASN A 73 -14.58 -7.46 -6.32
C ASN A 73 -13.64 -8.23 -5.39
N GLN A 74 -12.38 -7.78 -5.32
CA GLN A 74 -11.39 -8.42 -4.48
C GLN A 74 -10.38 -7.41 -3.96
N LEU A 75 -9.72 -7.74 -2.86
CA LEU A 75 -8.73 -6.85 -2.25
C LEU A 75 -7.47 -7.62 -1.87
N THR A 76 -6.37 -7.33 -2.56
CA THR A 76 -5.10 -7.99 -2.29
C THR A 76 -4.03 -6.99 -1.89
N LEU A 77 -3.19 -7.38 -0.93
CA LEU A 77 -2.13 -6.51 -0.45
C LEU A 77 -0.86 -7.32 -0.13
N ASN A 78 0.25 -6.62 0.03
CA ASN A 78 1.52 -7.27 0.35
C ASN A 78 2.43 -6.34 1.13
N TYR A 79 3.22 -6.91 2.04
CA TYR A 79 4.14 -6.13 2.85
C TYR A 79 5.58 -6.31 2.37
N ILE A 80 6.16 -5.24 1.85
CA ILE A 80 7.54 -5.28 1.36
C ILE A 80 8.40 -4.25 2.07
N HIS A 81 9.64 -4.63 2.38
CA HIS A 81 10.58 -3.73 3.05
C HIS A 81 11.93 -3.74 2.37
N SER A 82 12.90 -3.04 2.96
CA SER A 82 14.24 -2.97 2.40
C SER A 82 15.15 -2.09 3.27
N PRO A 83 15.56 -2.63 4.42
CA PRO A 83 16.43 -1.92 5.35
C PRO A 83 17.85 -1.74 4.81
N GLU A 84 18.75 -1.27 5.67
CA GLU A 84 20.14 -1.07 5.27
C GLU A 84 20.71 -2.30 4.59
N VAL A 85 20.94 -2.20 3.28
CA VAL A 85 21.48 -3.31 2.51
C VAL A 85 22.27 -2.81 1.31
N SER A 86 22.78 -3.75 0.52
CA SER A 86 23.55 -3.40 -0.67
C SER A 86 22.64 -3.07 -1.85
N GLY A 87 21.77 -2.08 -1.66
CA GLY A 87 20.85 -1.69 -2.71
C GLY A 87 20.37 -0.26 -2.55
N GLU A 88 19.10 -0.03 -2.83
CA GLU A 88 18.52 1.30 -2.72
C GLU A 88 17.00 1.23 -2.58
N ASN A 89 16.37 2.38 -2.37
CA ASN A 89 14.92 2.44 -2.22
C ASN A 89 14.40 3.84 -2.55
N ILE A 90 13.10 4.04 -2.38
CA ILE A 90 12.48 5.32 -2.66
C ILE A 90 11.44 5.67 -1.60
N THR A 91 11.25 6.96 -1.35
CA THR A 91 10.28 7.43 -0.37
C THR A 91 9.35 8.47 -0.97
N LEU A 92 8.30 8.81 -0.21
CA LEU A 92 7.32 9.79 -0.68
C LEU A 92 7.28 11.00 0.26
N ARG A 93 6.52 12.01 -0.12
CA ARG A 93 6.39 13.22 0.69
C ARG A 93 4.94 13.64 0.82
N ILE A 94 4.18 13.52 -0.27
CA ILE A 94 2.77 13.88 -0.27
C ILE A 94 2.03 13.20 0.88
N VAL A 95 0.98 13.84 1.37
CA VAL A 95 0.19 13.30 2.46
C VAL A 95 -1.25 13.03 2.02
N ALA A 96 -1.88 12.05 2.66
CA ALA A 96 -3.26 11.68 2.34
C ALA A 96 -4.23 12.20 3.40
N ASN A 97 -5.51 11.93 3.20
CA ASN A 97 -6.53 12.36 4.14
C ASN A 97 -7.29 11.17 4.72
N PRO A 98 -6.62 10.42 5.60
CA PRO A 98 -7.20 9.23 6.24
C PRO A 98 -8.30 9.59 7.23
N ASN A 99 -9.15 8.62 7.56
CA ASN A 99 -10.24 8.83 8.49
C ASN A 99 -10.26 7.74 9.57
N ASP A 100 -11.32 7.72 10.35
CA ASP A 100 -11.47 6.74 11.43
C ASP A 100 -12.48 5.66 11.04
N ALA A 101 -13.67 6.09 10.64
CA ALA A 101 -14.72 5.16 10.24
C ALA A 101 -14.22 4.18 9.19
N ILE A 102 -14.78 2.98 9.20
CA ILE A 102 -14.40 1.94 8.25
C ILE A 102 -12.92 1.60 8.39
N LYS A 103 -12.55 1.00 9.51
CA LYS A 103 -11.17 0.62 9.76
C LYS A 103 -11.02 -0.90 9.73
N VAL A 104 -12.03 -1.60 10.23
CA VAL A 104 -12.00 -3.06 10.26
C VAL A 104 -11.80 -3.63 8.86
N CYS A 105 -11.07 -4.73 8.79
CA CYS A 105 -10.80 -5.38 7.50
C CYS A 105 -11.21 -6.85 7.55
N GLU A 106 -11.09 -7.52 6.41
CA GLU A 106 -11.45 -8.94 6.31
C GLU A 106 -10.21 -9.82 6.46
N PRO A 13 16.21 -5.57 -0.86
CA PRO A 13 15.65 -4.58 -1.79
C PRO A 13 15.91 -4.94 -3.25
N SER A 14 14.86 -4.90 -4.05
CA SER A 14 14.98 -5.22 -5.47
C SER A 14 14.26 -4.19 -6.33
N GLN A 15 14.22 -4.43 -7.64
CA GLN A 15 13.56 -3.51 -8.56
C GLN A 15 12.32 -4.15 -9.17
N THR A 16 11.31 -3.32 -9.44
CA THR A 16 10.06 -3.80 -10.02
C THR A 16 9.35 -2.70 -10.79
N SER A 17 8.36 -3.09 -11.59
CA SER A 17 7.60 -2.13 -12.39
C SER A 17 6.36 -1.65 -11.62
N PHE A 18 6.59 -0.94 -10.52
CA PHE A 18 5.49 -0.43 -9.71
C PHE A 18 5.64 1.06 -9.47
N LYS A 19 4.53 1.73 -9.17
CA LYS A 19 4.53 3.17 -8.93
C LYS A 19 3.78 3.49 -7.64
N PRO A 20 4.14 4.62 -7.02
CA PRO A 20 3.51 5.08 -5.77
C PRO A 20 2.08 5.55 -5.99
N LEU A 21 1.21 5.24 -5.03
CA LEU A 21 -0.20 5.64 -5.12
C LEU A 21 -0.60 6.47 -3.92
N THR A 22 -0.27 5.99 -2.73
CA THR A 22 -0.60 6.69 -1.49
C THR A 22 0.30 6.24 -0.35
N VAL A 23 0.36 7.04 0.71
CA VAL A 23 1.17 6.73 1.87
C VAL A 23 0.47 7.13 3.17
N VAL A 24 0.11 6.14 3.97
CA VAL A 24 -0.56 6.38 5.23
C VAL A 24 0.28 5.90 6.42
N ASP A 25 0.51 6.79 7.37
CA ASP A 25 1.30 6.46 8.55
C ASP A 25 2.79 6.48 8.23
N GLY A 26 3.11 6.68 6.96
CA GLY A 26 4.51 6.72 6.54
C GLY A 26 4.91 5.48 5.76
N VAL A 27 3.94 4.87 5.09
CA VAL A 27 4.21 3.67 4.29
C VAL A 27 3.88 3.90 2.82
N ALA A 28 4.92 4.10 2.01
CA ALA A 28 4.74 4.33 0.59
C ALA A 28 4.09 3.13 -0.09
N VAL A 29 2.78 3.21 -0.29
CA VAL A 29 2.04 2.11 -0.93
C VAL A 29 2.14 2.21 -2.45
N ASN A 30 2.80 1.23 -3.06
CA ASN A 30 2.96 1.21 -4.50
C ASN A 30 1.97 0.24 -5.14
N MET A 31 1.74 0.40 -6.45
CA MET A 31 0.82 -0.47 -7.17
C MET A 31 1.42 -0.92 -8.49
N PRO A 32 0.90 -2.03 -9.03
CA PRO A 32 1.39 -2.59 -10.30
C PRO A 32 1.01 -1.71 -11.50
N ASN A 33 2.03 -1.27 -12.23
CA ASN A 33 1.81 -0.42 -13.41
C ASN A 33 0.84 -1.08 -14.38
N ASN A 34 0.83 -2.41 -14.39
CA ASN A 34 -0.05 -3.16 -15.27
C ASN A 34 -1.44 -3.29 -14.67
N HIS A 35 -2.02 -2.17 -14.27
CA HIS A 35 -3.36 -2.16 -13.68
C HIS A 35 -3.97 -0.76 -13.73
N PRO A 36 -5.31 -0.69 -13.70
CA PRO A 36 -6.04 0.58 -13.75
C PRO A 36 -5.87 1.39 -12.47
N ASP A 37 -6.72 2.40 -12.29
CA ASP A 37 -6.66 3.25 -11.11
C ASP A 37 -7.46 2.65 -9.97
N LEU A 38 -6.89 2.67 -8.76
CA LEU A 38 -7.55 2.12 -7.59
C LEU A 38 -7.91 3.24 -6.61
N SER A 39 -8.70 4.20 -7.08
CA SER A 39 -9.11 5.32 -6.25
C SER A 39 -10.10 4.86 -5.18
N ASN A 40 -10.98 3.94 -5.55
CA ASN A 40 -11.98 3.42 -4.63
C ASN A 40 -11.32 2.55 -3.54
N TRP A 41 -10.25 1.85 -3.92
CA TRP A 41 -9.54 1.00 -2.98
C TRP A 41 -8.57 1.82 -2.13
N LEU A 42 -8.20 2.99 -2.63
CA LEU A 42 -7.28 3.87 -1.91
C LEU A 42 -7.67 3.98 -0.44
N PRO A 43 -8.93 4.38 -0.19
CA PRO A 43 -9.45 4.53 1.16
C PRO A 43 -9.64 3.19 1.87
N SER A 44 -9.70 2.12 1.09
CA SER A 44 -9.88 0.79 1.64
C SER A 44 -8.57 0.25 2.21
N ILE A 45 -7.49 0.45 1.46
CA ILE A 45 -6.17 -0.01 1.89
C ILE A 45 -5.57 0.93 2.92
N GLU A 46 -5.59 2.22 2.63
CA GLU A 46 -5.04 3.22 3.53
C GLU A 46 -5.61 3.05 4.94
N LEU A 47 -6.84 2.57 5.02
CA LEU A 47 -7.49 2.35 6.31
C LEU A 47 -7.04 1.03 6.93
N CYS A 48 -6.93 0.00 6.11
CA CYS A 48 -6.51 -1.31 6.57
C CYS A 48 -5.06 -1.28 7.07
N VAL A 49 -4.17 -0.75 6.25
CA VAL A 49 -2.76 -0.65 6.61
C VAL A 49 -2.57 0.18 7.86
N LYS A 50 -3.45 1.17 8.05
CA LYS A 50 -3.38 2.05 9.21
C LYS A 50 -3.28 1.24 10.50
N LYS A 51 -3.96 0.10 10.53
CA LYS A 51 -3.94 -0.77 11.70
C LYS A 51 -2.56 -1.39 11.90
N TYR A 52 -1.92 -1.75 10.80
CA TYR A 52 -0.59 -2.35 10.85
C TYR A 52 0.36 -1.49 11.68
N ASN A 53 0.15 -0.18 11.64
CA ASN A 53 1.00 0.76 12.38
C ASN A 53 0.87 0.51 13.89
N GLU A 54 -0.31 0.09 14.31
CA GLU A 54 -0.57 -0.17 15.73
C GLU A 54 0.25 -1.36 16.21
N LYS A 55 0.47 -2.33 15.32
CA LYS A 55 1.23 -3.52 15.67
C LYS A 55 2.72 -3.31 15.39
N HIS A 56 3.02 -2.52 14.35
CA HIS A 56 4.40 -2.24 13.98
C HIS A 56 4.76 -0.79 14.27
N THR A 57 5.67 -0.58 15.21
CA THR A 57 6.10 0.76 15.59
C THR A 57 7.59 0.79 15.94
N GLY A 58 8.26 1.87 15.56
CA GLY A 58 9.68 1.99 15.86
C GLY A 58 10.53 1.19 14.90
N GLY A 59 10.75 1.73 13.70
CA GLY A 59 11.56 1.03 12.72
C GLY A 59 11.09 -0.38 12.48
N LEU A 60 9.78 -0.60 12.58
CA LEU A 60 9.20 -1.92 12.36
C LEU A 60 8.26 -1.92 11.17
N LYS A 61 7.55 -0.82 10.99
CA LYS A 61 6.61 -0.69 9.88
C LYS A 61 7.27 -1.03 8.56
N PRO A 62 6.47 -1.48 7.58
CA PRO A 62 6.96 -1.85 6.26
C PRO A 62 7.43 -0.64 5.45
N ILE A 63 8.51 -0.81 4.71
CA ILE A 63 9.05 0.27 3.89
C ILE A 63 8.11 0.63 2.75
N GLU A 64 7.47 -0.39 2.19
CA GLU A 64 6.52 -0.19 1.09
C GLU A 64 5.45 -1.28 1.09
N VAL A 65 4.31 -0.95 0.50
CA VAL A 65 3.19 -1.90 0.42
C VAL A 65 2.64 -1.99 -1.00
N ILE A 66 2.65 -3.18 -1.56
CA ILE A 66 2.14 -3.39 -2.92
C ILE A 66 0.64 -3.64 -2.91
N ALA A 67 -0.09 -2.77 -3.59
CA ALA A 67 -1.54 -2.88 -3.67
C ALA A 67 -1.98 -3.42 -5.03
N THR A 68 -2.57 -4.61 -5.03
CA THR A 68 -3.03 -5.23 -6.27
C THR A 68 -4.53 -5.49 -6.22
N GLY A 69 -5.16 -5.48 -7.39
CA GLY A 69 -6.59 -5.71 -7.47
C GLY A 69 -7.34 -4.58 -8.13
N GLY A 70 -7.37 -4.59 -9.46
CA GLY A 70 -8.05 -3.54 -10.20
C GLY A 70 -9.29 -4.06 -10.92
N GLN A 71 -9.09 -5.05 -11.78
CA GLN A 71 -10.20 -5.63 -12.53
C GLN A 71 -10.91 -6.71 -11.72
N ASN A 72 -10.13 -7.60 -11.12
CA ASN A 72 -10.69 -8.69 -10.32
C ASN A 72 -11.64 -8.14 -9.26
N ASN A 73 -11.34 -6.95 -8.75
CA ASN A 73 -12.16 -6.32 -7.72
C ASN A 73 -12.19 -7.15 -6.45
N GLN A 74 -11.02 -7.25 -5.80
CA GLN A 74 -10.92 -8.02 -4.57
C GLN A 74 -9.94 -7.36 -3.60
N LEU A 75 -9.63 -8.05 -2.50
CA LEU A 75 -8.71 -7.53 -1.50
C LEU A 75 -7.37 -8.25 -1.58
N THR A 76 -6.37 -7.60 -2.19
CA THR A 76 -5.05 -8.16 -2.32
C THR A 76 -3.97 -7.15 -1.96
N LEU A 77 -3.05 -7.55 -1.09
CA LEU A 77 -1.97 -6.67 -0.66
C LEU A 77 -0.69 -7.46 -0.41
N ASN A 78 0.41 -6.75 -0.20
CA ASN A 78 1.70 -7.39 0.05
C ASN A 78 2.59 -6.50 0.91
N TYR A 79 3.22 -7.10 1.91
CA TYR A 79 4.09 -6.36 2.81
C TYR A 79 5.56 -6.48 2.37
N ILE A 80 6.09 -5.39 1.83
CA ILE A 80 7.47 -5.38 1.36
C ILE A 80 8.30 -4.36 2.15
N HIS A 81 9.26 -4.87 2.92
CA HIS A 81 10.13 -4.02 3.72
C HIS A 81 11.60 -4.20 3.32
N SER A 82 12.07 -3.35 2.43
CA SER A 82 13.45 -3.43 1.96
C SER A 82 13.73 -2.35 0.91
N PRO A 83 13.00 -2.41 -0.21
CA PRO A 83 13.15 -1.45 -1.30
C PRO A 83 12.65 -0.05 -0.93
N GLU A 84 13.47 0.95 -1.17
CA GLU A 84 13.11 2.32 -0.86
C GLU A 84 12.98 3.16 -2.14
N VAL A 85 12.11 4.17 -2.10
CA VAL A 85 11.89 5.03 -3.25
C VAL A 85 11.09 6.27 -2.86
N SER A 86 11.37 7.38 -3.53
CA SER A 86 10.67 8.64 -3.26
C SER A 86 9.48 8.81 -4.18
N GLY A 87 9.75 8.96 -5.48
CA GLY A 87 8.69 9.14 -6.45
C GLY A 87 7.84 10.37 -6.16
N GLU A 88 6.62 10.39 -6.70
CA GLU A 88 5.73 11.53 -6.52
C GLU A 88 4.29 11.04 -6.30
N ASN A 89 3.44 11.96 -5.86
CA ASN A 89 2.03 11.64 -5.60
C ASN A 89 1.12 12.58 -6.36
N ILE A 90 -0.09 12.10 -6.66
CA ILE A 90 -1.07 12.91 -7.38
C ILE A 90 -2.47 12.73 -6.80
N THR A 91 -3.25 13.80 -6.80
CA THR A 91 -4.61 13.76 -6.27
C THR A 91 -5.64 13.97 -7.39
N LEU A 92 -6.80 13.36 -7.22
CA LEU A 92 -7.87 13.48 -8.21
C LEU A 92 -9.23 13.62 -7.53
N ARG A 93 -10.10 14.45 -8.12
CA ARG A 93 -11.42 14.67 -7.57
C ARG A 93 -12.48 13.94 -8.40
N ILE A 94 -13.40 13.25 -7.72
CA ILE A 94 -14.46 12.51 -8.39
C ILE A 94 -15.80 12.76 -7.71
N VAL A 95 -16.86 12.22 -8.31
CA VAL A 95 -18.21 12.38 -7.77
C VAL A 95 -18.87 11.02 -7.55
N ALA A 96 -18.60 10.09 -8.46
CA ALA A 96 -19.18 8.75 -8.36
C ALA A 96 -18.87 8.12 -7.01
N ASN A 97 -19.89 7.51 -6.39
CA ASN A 97 -19.73 6.87 -5.10
C ASN A 97 -20.49 5.55 -5.04
N PRO A 98 -20.02 4.55 -5.80
CA PRO A 98 -20.65 3.24 -5.86
C PRO A 98 -20.48 2.46 -4.56
N ASN A 99 -21.47 1.65 -4.21
CA ASN A 99 -21.43 0.86 -3.00
C ASN A 99 -21.17 -0.62 -3.32
N ASP A 100 -19.94 -1.07 -3.10
CA ASP A 100 -19.57 -2.45 -3.37
C ASP A 100 -19.48 -3.24 -2.07
N ALA A 101 -19.65 -4.56 -2.17
CA ALA A 101 -19.59 -5.43 -1.01
C ALA A 101 -18.30 -5.22 -0.23
N ILE A 102 -18.37 -5.34 1.09
CA ILE A 102 -17.20 -5.17 1.94
C ILE A 102 -16.58 -6.52 2.31
N LYS A 103 -15.26 -6.59 2.25
CA LYS A 103 -14.55 -7.81 2.58
C LYS A 103 -13.82 -7.67 3.92
N VAL A 104 -13.78 -8.77 4.68
CA VAL A 104 -13.11 -8.76 5.97
C VAL A 104 -11.64 -8.39 5.83
N CYS A 105 -11.16 -7.56 6.75
CA CYS A 105 -9.76 -7.13 6.74
C CYS A 105 -9.15 -7.20 8.13
N GLU A 106 -7.93 -7.72 8.21
CA GLU A 106 -7.23 -7.86 9.48
C GLU A 106 -6.16 -6.78 9.63
N PRO A 13 17.32 -1.76 0.33
CA PRO A 13 16.11 -1.65 -0.50
C PRO A 13 16.43 -1.31 -1.95
N SER A 14 15.82 -2.03 -2.88
CA SER A 14 16.04 -1.79 -4.30
C SER A 14 14.78 -1.26 -4.97
N GLN A 15 14.79 -1.21 -6.30
CA GLN A 15 13.65 -0.71 -7.05
C GLN A 15 12.85 -1.87 -7.66
N THR A 16 11.72 -1.54 -8.27
CA THR A 16 10.86 -2.54 -8.89
C THR A 16 9.92 -1.91 -9.92
N SER A 17 9.22 -2.76 -10.66
CA SER A 17 8.29 -2.29 -11.68
C SER A 17 6.96 -1.86 -11.05
N PHE A 18 7.03 -0.92 -10.12
CA PHE A 18 5.83 -0.43 -9.44
C PHE A 18 5.89 1.09 -9.27
N LYS A 19 4.72 1.72 -9.31
CA LYS A 19 4.63 3.18 -9.16
C LYS A 19 3.94 3.55 -7.85
N PRO A 20 4.27 4.73 -7.33
CA PRO A 20 3.69 5.24 -6.08
C PRO A 20 2.21 5.60 -6.23
N LEU A 21 1.49 5.58 -5.12
CA LEU A 21 0.07 5.91 -5.14
C LEU A 21 -0.31 6.76 -3.93
N THR A 22 0.01 6.27 -2.73
CA THR A 22 -0.28 6.99 -1.50
C THR A 22 0.57 6.48 -0.35
N VAL A 23 0.55 7.21 0.77
CA VAL A 23 1.31 6.82 1.95
C VAL A 23 0.55 7.14 3.23
N VAL A 24 0.23 6.09 3.98
CA VAL A 24 -0.50 6.26 5.23
C VAL A 24 0.31 5.75 6.42
N ASP A 25 0.47 6.61 7.43
CA ASP A 25 1.23 6.24 8.62
C ASP A 25 2.73 6.31 8.35
N GLY A 26 3.09 6.58 7.10
CA GLY A 26 4.49 6.66 6.74
C GLY A 26 4.96 5.48 5.91
N VAL A 27 4.02 4.86 5.19
CA VAL A 27 4.34 3.70 4.36
C VAL A 27 4.03 3.99 2.89
N ALA A 28 5.09 4.17 2.10
CA ALA A 28 4.93 4.44 0.68
C ALA A 28 4.25 3.28 -0.04
N VAL A 29 2.95 3.41 -0.25
CA VAL A 29 2.18 2.36 -0.91
C VAL A 29 2.28 2.49 -2.43
N ASN A 30 2.81 1.46 -3.08
CA ASN A 30 2.95 1.46 -4.53
C ASN A 30 2.00 0.46 -5.17
N MET A 31 1.67 0.70 -6.44
CA MET A 31 0.77 -0.19 -7.17
C MET A 31 1.47 -0.77 -8.40
N PRO A 32 0.95 -1.90 -8.89
CA PRO A 32 1.50 -2.59 -10.06
C PRO A 32 1.26 -1.80 -11.35
N ASN A 33 2.28 -1.77 -12.20
CA ASN A 33 2.19 -1.05 -13.48
C ASN A 33 1.26 -1.78 -14.44
N ASN A 34 0.59 -1.01 -15.30
CA ASN A 34 -0.34 -1.59 -16.27
C ASN A 34 -1.57 -2.17 -15.58
N HIS A 35 -1.99 -1.52 -14.49
CA HIS A 35 -3.16 -1.98 -13.74
C HIS A 35 -4.20 -0.87 -13.63
N PRO A 36 -5.43 -1.25 -13.27
CA PRO A 36 -6.53 -0.29 -13.12
C PRO A 36 -6.36 0.61 -11.90
N ASP A 37 -6.89 1.82 -11.99
CA ASP A 37 -6.79 2.78 -10.89
C ASP A 37 -7.36 2.19 -9.61
N LEU A 38 -6.83 2.64 -8.48
CA LEU A 38 -7.29 2.15 -7.18
C LEU A 38 -7.82 3.29 -6.33
N SER A 39 -8.71 4.09 -6.91
CA SER A 39 -9.31 5.22 -6.22
C SER A 39 -10.29 4.75 -5.14
N ASN A 40 -11.14 3.80 -5.52
CA ASN A 40 -12.13 3.26 -4.59
C ASN A 40 -11.46 2.40 -3.53
N TRP A 41 -10.40 1.70 -3.91
CA TRP A 41 -9.67 0.85 -2.98
C TRP A 41 -8.69 1.67 -2.14
N LEU A 42 -8.31 2.83 -2.65
CA LEU A 42 -7.38 3.71 -1.94
C LEU A 42 -7.76 3.82 -0.47
N PRO A 43 -9.00 4.24 -0.21
CA PRO A 43 -9.51 4.41 1.15
C PRO A 43 -9.70 3.07 1.87
N SER A 44 -9.77 1.99 1.09
CA SER A 44 -9.95 0.67 1.65
C SER A 44 -8.63 0.12 2.19
N ILE A 45 -7.56 0.31 1.44
CA ILE A 45 -6.24 -0.16 1.84
C ILE A 45 -5.62 0.78 2.87
N GLU A 46 -5.62 2.07 2.57
CA GLU A 46 -5.05 3.07 3.46
C GLU A 46 -5.61 2.91 4.88
N LEU A 47 -6.85 2.44 4.97
CA LEU A 47 -7.49 2.23 6.27
C LEU A 47 -7.01 0.95 6.92
N CYS A 48 -7.09 -0.15 6.18
CA CYS A 48 -6.65 -1.46 6.68
C CYS A 48 -5.19 -1.41 7.11
N VAL A 49 -4.33 -0.93 6.22
CA VAL A 49 -2.91 -0.83 6.51
C VAL A 49 -2.65 -0.01 7.77
N LYS A 50 -3.53 0.95 8.03
CA LYS A 50 -3.40 1.82 9.20
C LYS A 50 -3.20 0.98 10.47
N LYS A 51 -3.91 -0.15 10.54
CA LYS A 51 -3.81 -1.04 11.69
C LYS A 51 -2.43 -1.70 11.75
N TYR A 52 -1.88 -2.03 10.59
CA TYR A 52 -0.57 -2.67 10.51
C TYR A 52 0.47 -1.87 11.29
N ASN A 53 0.35 -0.55 11.24
CA ASN A 53 1.28 0.33 11.95
C ASN A 53 1.42 -0.09 13.40
N GLU A 54 0.33 -0.57 13.99
CA GLU A 54 0.33 -1.00 15.37
C GLU A 54 0.66 -2.49 15.48
N LYS A 55 -0.03 -3.30 14.69
CA LYS A 55 0.20 -4.74 14.70
C LYS A 55 1.68 -5.06 14.51
N HIS A 56 2.37 -4.23 13.74
CA HIS A 56 3.79 -4.43 13.49
C HIS A 56 4.63 -3.62 14.47
N THR A 57 5.69 -4.22 14.99
CA THR A 57 6.58 -3.56 15.94
C THR A 57 7.92 -4.29 16.04
N GLY A 58 9.00 -3.54 15.83
CA GLY A 58 10.33 -4.12 15.90
C GLY A 58 10.87 -4.50 14.53
N GLY A 59 11.47 -3.53 13.86
CA GLY A 59 12.03 -3.79 12.53
C GLY A 59 11.03 -4.46 11.60
N LEU A 60 9.75 -4.19 11.82
CA LEU A 60 8.69 -4.78 11.00
C LEU A 60 8.12 -3.76 10.03
N LYS A 61 8.37 -2.48 10.31
CA LYS A 61 7.88 -1.40 9.47
C LYS A 61 8.22 -1.66 8.00
N PRO A 62 7.18 -1.98 7.21
CA PRO A 62 7.34 -2.25 5.77
C PRO A 62 7.69 -1.00 4.98
N ILE A 63 8.82 -1.04 4.30
CA ILE A 63 9.28 0.09 3.50
C ILE A 63 8.18 0.56 2.55
N GLU A 64 7.61 -0.38 1.80
CA GLU A 64 6.55 -0.05 0.86
C GLU A 64 5.48 -1.15 0.83
N VAL A 65 4.24 -0.76 0.58
CA VAL A 65 3.14 -1.71 0.52
C VAL A 65 2.59 -1.83 -0.88
N ILE A 66 2.82 -2.98 -1.51
CA ILE A 66 2.35 -3.22 -2.87
C ILE A 66 0.88 -3.64 -2.87
N ALA A 67 0.02 -2.74 -3.35
CA ALA A 67 -1.41 -3.01 -3.41
C ALA A 67 -1.86 -3.28 -4.84
N THR A 68 -2.62 -4.35 -5.02
CA THR A 68 -3.11 -4.72 -6.35
C THR A 68 -4.62 -4.92 -6.33
N GLY A 69 -5.16 -5.38 -7.46
CA GLY A 69 -6.59 -5.61 -7.56
C GLY A 69 -7.38 -4.33 -7.64
N GLY A 70 -7.67 -3.89 -8.86
CA GLY A 70 -8.42 -2.66 -9.05
C GLY A 70 -9.64 -2.85 -9.94
N GLN A 71 -9.53 -3.76 -10.90
CA GLN A 71 -10.63 -4.04 -11.81
C GLN A 71 -11.69 -4.91 -11.15
N ASN A 72 -11.28 -6.10 -10.70
CA ASN A 72 -12.19 -7.02 -10.05
C ASN A 72 -12.65 -6.48 -8.70
N ASN A 73 -13.84 -6.90 -8.27
CA ASN A 73 -14.39 -6.44 -7.01
C ASN A 73 -13.79 -7.22 -5.84
N GLN A 74 -12.51 -7.04 -5.61
CA GLN A 74 -11.80 -7.72 -4.53
C GLN A 74 -10.71 -6.84 -3.94
N LEU A 75 -10.13 -7.29 -2.83
CA LEU A 75 -9.08 -6.55 -2.16
C LEU A 75 -7.80 -7.39 -2.06
N THR A 76 -6.69 -6.83 -2.53
CA THR A 76 -5.41 -7.53 -2.47
C THR A 76 -4.29 -6.59 -2.04
N LEU A 77 -3.36 -7.12 -1.25
CA LEU A 77 -2.22 -6.32 -0.77
C LEU A 77 -0.99 -7.20 -0.58
N ASN A 78 0.16 -6.56 -0.41
CA ASN A 78 1.41 -7.28 -0.22
C ASN A 78 2.39 -6.45 0.60
N TYR A 79 2.90 -7.03 1.68
CA TYR A 79 3.85 -6.34 2.54
C TYR A 79 5.28 -6.54 2.06
N ILE A 80 5.90 -5.45 1.60
CA ILE A 80 7.27 -5.51 1.10
C ILE A 80 8.20 -4.64 1.94
N HIS A 81 9.40 -5.14 2.20
CA HIS A 81 10.38 -4.41 2.99
C HIS A 81 11.81 -4.69 2.49
N SER A 82 12.41 -3.69 1.86
CA SER A 82 13.76 -3.83 1.32
C SER A 82 13.79 -4.82 0.17
N PRO A 83 13.15 -4.45 -0.95
CA PRO A 83 13.09 -5.29 -2.14
C PRO A 83 14.44 -5.41 -2.84
N GLU A 84 14.51 -6.28 -3.84
CA GLU A 84 15.75 -6.49 -4.58
C GLU A 84 15.48 -6.55 -6.08
N VAL A 85 14.75 -7.58 -6.51
CA VAL A 85 14.42 -7.76 -7.92
C VAL A 85 13.79 -6.50 -8.49
N SER A 86 13.99 -6.29 -9.79
CA SER A 86 13.43 -5.12 -10.47
C SER A 86 12.23 -5.50 -11.32
N GLY A 87 12.49 -6.24 -12.40
CA GLY A 87 11.41 -6.65 -13.27
C GLY A 87 11.91 -7.33 -14.54
N GLU A 88 11.08 -8.18 -15.12
CA GLU A 88 11.45 -8.89 -16.34
C GLU A 88 11.24 -8.03 -17.57
N ASN A 89 10.06 -7.42 -17.66
CA ASN A 89 9.72 -6.56 -18.79
C ASN A 89 8.64 -5.56 -18.41
N ILE A 90 8.36 -4.62 -19.31
CA ILE A 90 7.35 -3.61 -19.07
C ILE A 90 6.42 -3.45 -20.27
N THR A 91 6.15 -4.57 -20.94
CA THR A 91 5.28 -4.56 -22.11
C THR A 91 3.95 -3.87 -21.81
N LEU A 92 3.60 -2.88 -22.61
CA LEU A 92 2.36 -2.14 -22.43
C LEU A 92 1.32 -2.55 -23.47
N ARG A 93 0.94 -3.82 -23.45
CA ARG A 93 -0.05 -4.34 -24.40
C ARG A 93 -1.06 -5.22 -23.68
N ILE A 94 -2.16 -5.52 -24.37
CA ILE A 94 -3.21 -6.35 -23.80
C ILE A 94 -2.68 -7.73 -23.43
N VAL A 95 -3.14 -8.25 -22.30
CA VAL A 95 -2.71 -9.57 -21.84
C VAL A 95 -3.50 -10.01 -20.61
N ALA A 96 -3.76 -11.30 -20.51
CA ALA A 96 -4.51 -11.85 -19.38
C ALA A 96 -3.73 -11.71 -18.09
N ASN A 97 -4.45 -11.63 -16.97
CA ASN A 97 -3.82 -11.48 -15.66
C ASN A 97 -4.10 -12.70 -14.79
N PRO A 98 -3.27 -12.89 -13.76
CA PRO A 98 -3.42 -14.02 -12.82
C PRO A 98 -4.65 -13.88 -11.94
N ASN A 99 -4.91 -14.91 -11.14
CA ASN A 99 -6.06 -14.91 -10.24
C ASN A 99 -5.75 -14.15 -8.96
N ASP A 100 -6.72 -13.38 -8.47
CA ASP A 100 -6.55 -12.62 -7.25
C ASP A 100 -7.26 -13.28 -6.08
N ALA A 101 -6.97 -12.81 -4.86
CA ALA A 101 -7.58 -13.36 -3.66
C ALA A 101 -8.11 -12.26 -2.76
N ILE A 102 -8.90 -12.64 -1.77
CA ILE A 102 -9.48 -11.68 -0.83
C ILE A 102 -9.02 -11.96 0.60
N LYS A 103 -8.78 -10.89 1.35
CA LYS A 103 -8.33 -11.02 2.73
C LYS A 103 -8.94 -9.93 3.60
N VAL A 104 -8.90 -10.12 4.92
CA VAL A 104 -9.44 -9.15 5.86
C VAL A 104 -8.33 -8.52 6.70
N CYS A 105 -8.58 -7.29 7.15
CA CYS A 105 -7.60 -6.58 7.96
C CYS A 105 -8.08 -6.48 9.40
N GLU A 106 -9.39 -6.32 9.59
CA GLU A 106 -9.96 -6.21 10.92
C GLU A 106 -10.98 -7.32 11.17
N PRO A 13 15.25 -6.23 -0.93
CA PRO A 13 15.06 -5.22 -1.96
C PRO A 13 15.35 -5.75 -3.37
N SER A 14 14.45 -5.44 -4.30
CA SER A 14 14.61 -5.89 -5.68
C SER A 14 13.73 -5.07 -6.62
N GLN A 15 14.29 -4.72 -7.78
CA GLN A 15 13.56 -3.93 -8.76
C GLN A 15 12.25 -4.60 -9.13
N THR A 16 11.23 -3.79 -9.39
CA THR A 16 9.91 -4.30 -9.74
C THR A 16 9.11 -3.28 -10.53
N SER A 17 8.20 -3.76 -11.38
CA SER A 17 7.38 -2.87 -12.19
C SER A 17 6.21 -2.33 -11.38
N PHE A 18 6.50 -1.44 -10.45
CA PHE A 18 5.47 -0.84 -9.59
C PHE A 18 5.69 0.66 -9.45
N LYS A 19 4.61 1.39 -9.17
CA LYS A 19 4.68 2.83 -9.01
C LYS A 19 3.99 3.27 -7.71
N PRO A 20 4.43 4.41 -7.17
CA PRO A 20 3.86 4.96 -5.93
C PRO A 20 2.44 5.48 -6.12
N LEU A 21 1.62 5.36 -5.08
CA LEU A 21 0.24 5.82 -5.13
C LEU A 21 -0.08 6.73 -3.95
N THR A 22 0.18 6.23 -2.74
CA THR A 22 -0.07 7.00 -1.52
C THR A 22 0.76 6.49 -0.37
N VAL A 23 0.49 7.01 0.83
CA VAL A 23 1.22 6.61 2.02
C VAL A 23 0.31 6.58 3.24
N VAL A 24 0.40 5.50 4.02
CA VAL A 24 -0.42 5.36 5.22
C VAL A 24 0.45 5.15 6.46
N ASP A 25 0.43 6.13 7.36
CA ASP A 25 1.21 6.05 8.59
C ASP A 25 2.69 6.29 8.30
N GLY A 26 3.02 6.49 7.03
CA GLY A 26 4.40 6.72 6.64
C GLY A 26 4.95 5.60 5.78
N VAL A 27 4.06 4.82 5.18
CA VAL A 27 4.46 3.72 4.33
C VAL A 27 4.00 3.94 2.88
N ALA A 28 4.94 4.27 2.01
CA ALA A 28 4.63 4.51 0.61
C ALA A 28 4.00 3.28 -0.03
N VAL A 29 2.67 3.28 -0.12
CA VAL A 29 1.94 2.17 -0.70
C VAL A 29 2.03 2.19 -2.22
N ASN A 30 2.80 1.26 -2.77
CA ASN A 30 2.98 1.17 -4.22
C ASN A 30 1.91 0.28 -4.85
N MET A 31 1.59 0.55 -6.10
CA MET A 31 0.58 -0.23 -6.82
C MET A 31 1.15 -0.78 -8.13
N PRO A 32 0.57 -1.89 -8.59
CA PRO A 32 0.99 -2.55 -9.83
C PRO A 32 0.65 -1.73 -11.07
N ASN A 33 1.62 -1.59 -11.97
CA ASN A 33 1.42 -0.83 -13.19
C ASN A 33 0.39 -1.50 -14.10
N ASN A 34 0.32 -2.82 -14.02
CA ASN A 34 -0.63 -3.59 -14.83
C ASN A 34 -2.00 -3.63 -14.16
N HIS A 35 -2.53 -2.46 -13.84
CA HIS A 35 -3.84 -2.36 -13.21
C HIS A 35 -4.45 -0.98 -13.42
N PRO A 36 -5.78 -0.89 -13.33
CA PRO A 36 -6.51 0.36 -13.51
C PRO A 36 -6.28 1.35 -12.37
N ASP A 37 -7.05 2.43 -12.34
CA ASP A 37 -6.92 3.44 -11.31
C ASP A 37 -7.54 2.96 -10.00
N LEU A 38 -6.80 3.12 -8.91
CA LEU A 38 -7.26 2.71 -7.60
C LEU A 38 -7.84 3.89 -6.82
N SER A 39 -8.66 4.69 -7.51
CA SER A 39 -9.28 5.86 -6.88
C SER A 39 -10.19 5.45 -5.73
N ASN A 40 -11.06 4.46 -5.99
CA ASN A 40 -11.98 3.98 -4.97
C ASN A 40 -11.26 3.06 -3.98
N TRP A 41 -10.22 2.38 -4.45
CA TRP A 41 -9.45 1.48 -3.62
C TRP A 41 -8.48 2.25 -2.72
N LEU A 42 -8.27 3.52 -3.05
CA LEU A 42 -7.36 4.36 -2.28
C LEU A 42 -7.74 4.38 -0.81
N PRO A 43 -8.99 4.81 -0.53
CA PRO A 43 -9.51 4.88 0.84
C PRO A 43 -9.75 3.50 1.44
N SER A 44 -10.09 2.55 0.59
CA SER A 44 -10.35 1.18 1.04
C SER A 44 -9.04 0.50 1.48
N ILE A 45 -7.97 0.75 0.74
CA ILE A 45 -6.68 0.17 1.07
C ILE A 45 -5.99 0.92 2.20
N GLU A 46 -5.94 2.24 2.07
CA GLU A 46 -5.33 3.08 3.09
C GLU A 46 -5.87 2.74 4.48
N LEU A 47 -7.12 2.31 4.53
CA LEU A 47 -7.76 1.96 5.79
C LEU A 47 -7.35 0.57 6.24
N CYS A 48 -7.16 -0.33 5.28
CA CYS A 48 -6.76 -1.70 5.57
C CYS A 48 -5.30 -1.76 5.98
N VAL A 49 -4.42 -1.19 5.16
CA VAL A 49 -3.00 -1.17 5.43
C VAL A 49 -2.71 -0.58 6.80
N LYS A 50 -3.57 0.33 7.24
CA LYS A 50 -3.41 0.99 8.54
C LYS A 50 -3.12 -0.04 9.63
N LYS A 51 -3.67 -1.25 9.46
CA LYS A 51 -3.45 -2.32 10.43
C LYS A 51 -1.97 -2.58 10.64
N TYR A 52 -1.20 -2.52 9.56
CA TYR A 52 0.23 -2.75 9.62
C TYR A 52 0.88 -1.91 10.71
N ASN A 53 0.37 -0.69 10.89
CA ASN A 53 0.89 0.22 11.89
C ASN A 53 0.79 -0.40 13.29
N GLU A 54 -0.23 -1.21 13.50
CA GLU A 54 -0.44 -1.87 14.79
C GLU A 54 0.18 -3.27 14.78
N LYS A 55 -0.34 -4.13 13.92
CA LYS A 55 0.15 -5.49 13.81
C LYS A 55 1.67 -5.53 13.68
N HIS A 56 2.18 -4.72 12.76
CA HIS A 56 3.63 -4.64 12.53
C HIS A 56 4.23 -3.42 13.24
N THR A 57 5.26 -3.67 14.03
CA THR A 57 5.92 -2.59 14.77
C THR A 57 7.30 -3.03 15.25
N GLY A 58 8.17 -2.07 15.50
CA GLY A 58 9.51 -2.37 15.97
C GLY A 58 10.23 -3.36 15.07
N GLY A 59 10.92 -2.86 14.06
CA GLY A 59 11.64 -3.72 13.15
C GLY A 59 10.76 -4.26 12.05
N LEU A 60 9.66 -4.90 12.44
CA LEU A 60 8.73 -5.48 11.48
C LEU A 60 8.18 -4.41 10.54
N LYS A 61 8.04 -3.19 11.06
CA LYS A 61 7.54 -2.08 10.26
C LYS A 61 8.29 -1.97 8.94
N PRO A 62 7.61 -2.33 7.84
CA PRO A 62 8.19 -2.28 6.49
C PRO A 62 8.41 -0.85 6.01
N ILE A 63 8.79 -0.71 4.75
CA ILE A 63 9.04 0.60 4.16
C ILE A 63 8.00 0.93 3.09
N GLU A 64 7.57 -0.09 2.37
CA GLU A 64 6.58 0.10 1.31
C GLU A 64 5.48 -0.97 1.40
N VAL A 65 4.37 -0.73 0.72
CA VAL A 65 3.25 -1.66 0.72
C VAL A 65 2.66 -1.82 -0.67
N ILE A 66 2.79 -3.01 -1.23
CA ILE A 66 2.26 -3.29 -2.57
C ILE A 66 0.78 -3.60 -2.52
N ALA A 67 -0.03 -2.63 -2.95
CA ALA A 67 -1.49 -2.79 -2.96
C ALA A 67 -1.99 -3.09 -4.36
N THR A 68 -2.74 -4.18 -4.51
CA THR A 68 -3.27 -4.58 -5.80
C THR A 68 -4.80 -4.68 -5.75
N GLY A 69 -5.42 -4.75 -6.92
CA GLY A 69 -6.87 -4.85 -6.99
C GLY A 69 -7.47 -3.80 -7.90
N GLY A 70 -7.87 -4.23 -9.10
CA GLY A 70 -8.47 -3.32 -10.05
C GLY A 70 -9.61 -3.95 -10.83
N GLN A 71 -9.27 -4.69 -11.87
CA GLN A 71 -10.27 -5.36 -12.70
C GLN A 71 -11.23 -6.18 -11.84
N ASN A 72 -10.71 -7.22 -11.20
CA ASN A 72 -11.52 -8.08 -10.34
C ASN A 72 -11.96 -7.34 -9.08
N ASN A 73 -12.87 -7.95 -8.33
CA ASN A 73 -13.38 -7.35 -7.11
C ASN A 73 -12.77 -8.03 -5.88
N GLN A 74 -11.46 -8.21 -5.89
CA GLN A 74 -10.75 -8.83 -4.78
C GLN A 74 -9.90 -7.82 -4.02
N LEU A 75 -9.31 -8.27 -2.92
CA LEU A 75 -8.47 -7.40 -2.11
C LEU A 75 -7.20 -8.14 -1.67
N THR A 76 -6.06 -7.75 -2.23
CA THR A 76 -4.79 -8.36 -1.90
C THR A 76 -3.74 -7.30 -1.58
N LEU A 77 -2.87 -7.61 -0.62
CA LEU A 77 -1.81 -6.69 -0.23
C LEU A 77 -0.51 -7.43 0.06
N ASN A 78 0.61 -6.70 0.03
CA ASN A 78 1.91 -7.30 0.29
C ASN A 78 2.84 -6.30 0.98
N TYR A 79 3.50 -6.74 2.03
CA TYR A 79 4.42 -5.89 2.77
C TYR A 79 5.85 -6.04 2.26
N ILE A 80 6.46 -4.91 1.91
CA ILE A 80 7.82 -4.91 1.39
C ILE A 80 8.67 -3.85 2.08
N HIS A 81 9.93 -4.19 2.36
CA HIS A 81 10.85 -3.27 3.00
C HIS A 81 12.15 -3.15 2.23
N SER A 82 12.56 -1.92 1.95
CA SER A 82 13.79 -1.68 1.20
C SER A 82 14.42 -0.35 1.62
N PRO A 83 15.14 -0.37 2.75
CA PRO A 83 15.81 0.83 3.28
C PRO A 83 16.99 1.27 2.42
N GLU A 84 16.70 2.05 1.38
CA GLU A 84 17.74 2.53 0.48
C GLU A 84 17.69 4.05 0.35
N VAL A 85 16.50 4.58 0.06
CA VAL A 85 16.32 6.02 -0.09
C VAL A 85 14.97 6.46 0.47
N SER A 86 14.95 7.62 1.10
CA SER A 86 13.72 8.15 1.68
C SER A 86 12.89 8.87 0.62
N GLY A 87 11.59 9.00 0.88
CA GLY A 87 10.71 9.67 -0.05
C GLY A 87 9.29 9.79 0.47
N GLU A 88 8.69 10.97 0.31
CA GLU A 88 7.34 11.21 0.77
C GLU A 88 6.43 11.62 -0.39
N ASN A 89 5.15 11.78 -0.10
CA ASN A 89 4.17 12.18 -1.12
C ASN A 89 2.87 12.63 -0.48
N ILE A 90 1.95 13.12 -1.30
CA ILE A 90 0.66 13.59 -0.82
C ILE A 90 -0.47 13.16 -1.75
N THR A 91 -1.63 12.89 -1.16
CA THR A 91 -2.79 12.47 -1.93
C THR A 91 -4.08 13.02 -1.33
N LEU A 92 -4.99 13.44 -2.20
CA LEU A 92 -6.27 13.99 -1.76
C LEU A 92 -7.24 12.88 -1.37
N ARG A 93 -8.18 13.20 -0.48
CA ARG A 93 -9.16 12.23 -0.02
C ARG A 93 -10.57 12.63 -0.46
N ILE A 94 -11.55 11.80 -0.14
CA ILE A 94 -12.93 12.07 -0.49
C ILE A 94 -13.09 12.25 -1.99
N VAL A 95 -12.90 11.16 -2.73
CA VAL A 95 -13.02 11.20 -4.19
C VAL A 95 -14.47 11.02 -4.62
N ALA A 96 -15.20 10.19 -3.87
CA ALA A 96 -16.61 9.93 -4.17
C ALA A 96 -17.29 9.22 -3.01
N ASN A 97 -18.60 9.45 -2.87
CA ASN A 97 -19.37 8.82 -1.80
C ASN A 97 -20.42 7.87 -2.37
N PRO A 98 -19.97 6.73 -2.88
CA PRO A 98 -20.86 5.71 -3.47
C PRO A 98 -21.72 5.03 -2.41
N ASN A 99 -22.54 4.07 -2.86
CA ASN A 99 -23.42 3.34 -1.95
C ASN A 99 -23.01 1.87 -1.87
N ASP A 100 -21.80 1.62 -1.40
CA ASP A 100 -21.30 0.26 -1.27
C ASP A 100 -20.91 -0.05 0.17
N ALA A 101 -20.89 -1.33 0.52
CA ALA A 101 -20.53 -1.76 1.86
C ALA A 101 -19.01 -1.85 2.03
N ILE A 102 -18.53 -1.46 3.21
CA ILE A 102 -17.10 -1.50 3.48
C ILE A 102 -16.80 -2.47 4.63
N LYS A 103 -17.02 -3.76 4.39
CA LYS A 103 -16.77 -4.78 5.39
C LYS A 103 -15.28 -4.84 5.75
N VAL A 104 -14.99 -5.09 7.02
CA VAL A 104 -13.62 -5.17 7.49
C VAL A 104 -12.83 -6.21 6.70
N CYS A 105 -11.58 -5.88 6.36
CA CYS A 105 -10.73 -6.79 5.61
C CYS A 105 -9.84 -7.60 6.55
N GLU A 106 -9.48 -8.81 6.12
CA GLU A 106 -8.64 -9.68 6.92
C GLU A 106 -7.25 -9.08 7.10
N PRO A 13 16.61 -3.99 -1.49
CA PRO A 13 15.81 -3.44 -2.59
C PRO A 13 16.31 -3.88 -3.96
N SER A 14 15.54 -3.57 -4.99
CA SER A 14 15.91 -3.95 -6.35
C SER A 14 14.93 -3.35 -7.36
N GLN A 15 15.25 -3.50 -8.64
CA GLN A 15 14.40 -2.98 -9.71
C GLN A 15 12.96 -3.45 -9.53
N THR A 16 12.04 -2.76 -10.20
CA THR A 16 10.62 -3.11 -10.12
C THR A 16 9.80 -2.29 -11.10
N SER A 17 8.64 -2.82 -11.49
CA SER A 17 7.76 -2.14 -12.42
C SER A 17 6.48 -1.68 -11.74
N PHE A 18 6.63 -0.88 -10.68
CA PHE A 18 5.50 -0.38 -9.93
C PHE A 18 5.55 1.14 -9.80
N LYS A 19 4.43 1.75 -9.46
CA LYS A 19 4.36 3.20 -9.30
C LYS A 19 3.70 3.57 -7.97
N PRO A 20 4.04 4.75 -7.45
CA PRO A 20 3.49 5.25 -6.19
C PRO A 20 2.02 5.61 -6.30
N LEU A 21 1.28 5.40 -5.21
CA LEU A 21 -0.14 5.70 -5.18
C LEU A 21 -0.50 6.55 -3.97
N THR A 22 -0.11 6.08 -2.79
CA THR A 22 -0.38 6.80 -1.55
C THR A 22 0.54 6.34 -0.42
N VAL A 23 0.46 7.02 0.71
CA VAL A 23 1.30 6.68 1.86
C VAL A 23 0.52 6.86 3.17
N VAL A 24 0.58 5.85 4.03
CA VAL A 24 -0.11 5.90 5.31
C VAL A 24 0.86 5.68 6.46
N ASP A 25 0.92 6.65 7.37
CA ASP A 25 1.82 6.56 8.53
C ASP A 25 3.27 6.42 8.08
N GLY A 26 3.54 6.81 6.85
CA GLY A 26 4.90 6.72 6.32
C GLY A 26 5.14 5.44 5.55
N VAL A 27 4.07 4.86 5.02
CA VAL A 27 4.17 3.62 4.26
C VAL A 27 3.90 3.87 2.77
N ALA A 28 4.95 4.11 2.01
CA ALA A 28 4.83 4.36 0.59
C ALA A 28 4.18 3.17 -0.12
N VAL A 29 2.87 3.26 -0.34
CA VAL A 29 2.14 2.19 -1.01
C VAL A 29 2.27 2.30 -2.52
N ASN A 30 2.79 1.25 -3.14
CA ASN A 30 2.97 1.23 -4.59
C ASN A 30 1.97 0.28 -5.24
N MET A 31 1.73 0.49 -6.54
CA MET A 31 0.79 -0.35 -7.27
C MET A 31 1.38 -0.79 -8.61
N PRO A 32 0.89 -1.92 -9.14
CA PRO A 32 1.36 -2.46 -10.43
C PRO A 32 0.94 -1.59 -11.61
N ASN A 33 1.92 -1.22 -12.44
CA ASN A 33 1.66 -0.40 -13.61
C ASN A 33 0.69 -1.08 -14.55
N ASN A 34 0.73 -2.42 -14.59
CA ASN A 34 -0.14 -3.20 -15.44
C ASN A 34 -1.50 -3.42 -14.78
N HIS A 35 -2.13 -2.33 -14.36
CA HIS A 35 -3.43 -2.41 -13.70
C HIS A 35 -4.13 -1.05 -13.72
N PRO A 36 -5.45 -1.06 -13.55
CA PRO A 36 -6.27 0.15 -13.55
C PRO A 36 -6.02 1.02 -12.31
N ASP A 37 -6.84 2.04 -12.13
CA ASP A 37 -6.72 2.94 -10.99
C ASP A 37 -7.43 2.38 -9.77
N LEU A 38 -6.87 2.63 -8.59
CA LEU A 38 -7.46 2.14 -7.35
C LEU A 38 -7.93 3.31 -6.47
N SER A 39 -8.75 4.17 -7.06
CA SER A 39 -9.28 5.33 -6.33
C SER A 39 -10.23 4.89 -5.23
N ASN A 40 -11.10 3.94 -5.55
CA ASN A 40 -12.08 3.44 -4.59
C ASN A 40 -11.39 2.61 -3.51
N TRP A 41 -10.33 1.89 -3.89
CA TRP A 41 -9.59 1.06 -2.96
C TRP A 41 -8.60 1.90 -2.16
N LEU A 42 -8.26 3.07 -2.68
CA LEU A 42 -7.32 3.97 -2.01
C LEU A 42 -7.64 4.08 -0.52
N PRO A 43 -8.89 4.48 -0.21
CA PRO A 43 -9.35 4.63 1.17
C PRO A 43 -9.50 3.29 1.88
N SER A 44 -9.55 2.22 1.11
CA SER A 44 -9.71 0.88 1.67
C SER A 44 -8.37 0.35 2.17
N ILE A 45 -7.32 0.56 1.37
CA ILE A 45 -5.98 0.11 1.73
C ILE A 45 -5.34 1.05 2.75
N GLU A 46 -5.49 2.35 2.52
CA GLU A 46 -4.91 3.35 3.42
C GLU A 46 -5.30 3.06 4.86
N LEU A 47 -6.52 2.57 5.06
CA LEU A 47 -7.01 2.26 6.40
C LEU A 47 -6.53 0.89 6.84
N CYS A 48 -6.45 -0.04 5.89
CA CYS A 48 -6.00 -1.40 6.18
C CYS A 48 -4.62 -1.40 6.81
N VAL A 49 -3.67 -0.72 6.16
CA VAL A 49 -2.31 -0.63 6.66
C VAL A 49 -2.24 0.18 7.95
N LYS A 50 -3.09 1.21 8.04
CA LYS A 50 -3.12 2.06 9.22
C LYS A 50 -3.22 1.23 10.49
N LYS A 51 -3.95 0.12 10.41
CA LYS A 51 -4.12 -0.77 11.55
C LYS A 51 -2.83 -1.54 11.85
N TYR A 52 -2.18 -2.00 10.80
CA TYR A 52 -0.94 -2.76 10.94
C TYR A 52 0.11 -1.94 11.69
N ASN A 53 0.09 -0.63 11.48
CA ASN A 53 1.03 0.26 12.14
C ASN A 53 0.81 0.27 13.65
N GLU A 54 -0.43 0.04 14.07
CA GLU A 54 -0.76 0.02 15.49
C GLU A 54 -0.04 -1.12 16.19
N LYS A 55 0.36 -2.13 15.43
CA LYS A 55 1.07 -3.28 15.99
C LYS A 55 2.53 -3.27 15.57
N HIS A 56 2.80 -2.74 14.38
CA HIS A 56 4.16 -2.67 13.87
C HIS A 56 4.69 -1.24 13.92
N THR A 57 5.13 -0.81 15.10
CA THR A 57 5.66 0.53 15.28
C THR A 57 7.15 0.50 15.62
N GLY A 58 7.80 1.65 15.51
CA GLY A 58 9.22 1.73 15.80
C GLY A 58 10.04 0.75 14.98
N GLY A 59 10.08 0.98 13.67
CA GLY A 59 10.84 0.09 12.79
C GLY A 59 10.00 -1.04 12.25
N LEU A 60 9.17 -1.63 13.11
CA LEU A 60 8.32 -2.74 12.70
C LEU A 60 7.51 -2.38 11.46
N LYS A 61 7.10 -1.12 11.37
CA LYS A 61 6.32 -0.65 10.23
C LYS A 61 7.01 -1.00 8.92
N PRO A 62 6.22 -1.47 7.94
CA PRO A 62 6.74 -1.85 6.62
C PRO A 62 7.20 -0.65 5.81
N ILE A 63 8.26 -0.84 5.04
CA ILE A 63 8.80 0.23 4.21
C ILE A 63 7.79 0.68 3.16
N GLU A 64 7.34 -0.26 2.34
CA GLU A 64 6.37 0.03 1.29
C GLU A 64 5.38 -1.11 1.13
N VAL A 65 4.13 -0.78 0.79
CA VAL A 65 3.09 -1.77 0.61
C VAL A 65 2.68 -1.86 -0.85
N ILE A 66 2.72 -3.08 -1.40
CA ILE A 66 2.34 -3.31 -2.79
C ILE A 66 0.88 -3.74 -2.91
N ALA A 67 0.02 -2.79 -3.26
CA ALA A 67 -1.40 -3.08 -3.41
C ALA A 67 -1.74 -3.44 -4.85
N THR A 68 -2.69 -4.36 -5.02
CA THR A 68 -3.11 -4.78 -6.36
C THR A 68 -4.60 -5.07 -6.40
N GLY A 69 -5.06 -5.62 -7.51
CA GLY A 69 -6.47 -5.95 -7.65
C GLY A 69 -7.27 -4.83 -8.30
N GLY A 70 -7.57 -4.98 -9.58
CA GLY A 70 -8.32 -3.96 -10.29
C GLY A 70 -9.54 -4.52 -10.99
N GLN A 71 -9.43 -5.76 -11.46
CA GLN A 71 -10.52 -6.41 -12.16
C GLN A 71 -11.23 -7.42 -11.24
N ASN A 72 -12.47 -7.76 -11.59
CA ASN A 72 -13.25 -8.71 -10.81
C ASN A 72 -13.35 -8.26 -9.35
N ASN A 73 -13.23 -6.95 -9.13
CA ASN A 73 -13.30 -6.39 -7.78
C ASN A 73 -12.42 -7.18 -6.83
N GLN A 74 -11.29 -7.66 -7.33
CA GLN A 74 -10.36 -8.43 -6.51
C GLN A 74 -9.45 -7.51 -5.70
N LEU A 75 -9.08 -7.95 -4.50
CA LEU A 75 -8.22 -7.17 -3.63
C LEU A 75 -7.07 -8.01 -3.08
N THR A 76 -5.85 -7.63 -3.41
CA THR A 76 -4.67 -8.36 -2.95
C THR A 76 -3.54 -7.40 -2.57
N LEU A 77 -3.11 -7.47 -1.32
CA LEU A 77 -2.04 -6.61 -0.83
C LEU A 77 -0.77 -7.41 -0.57
N ASN A 78 0.34 -6.71 -0.35
CA ASN A 78 1.62 -7.36 -0.08
C ASN A 78 2.52 -6.47 0.76
N TYR A 79 3.18 -7.07 1.75
CA TYR A 79 4.07 -6.33 2.63
C TYR A 79 5.51 -6.41 2.15
N ILE A 80 6.12 -5.26 1.92
CA ILE A 80 7.50 -5.20 1.46
C ILE A 80 8.32 -4.22 2.29
N HIS A 81 9.57 -4.58 2.57
CA HIS A 81 10.46 -3.74 3.36
C HIS A 81 11.76 -3.46 2.60
N SER A 82 11.70 -2.51 1.67
CA SER A 82 12.86 -2.14 0.87
C SER A 82 12.72 -0.73 0.31
N PRO A 83 13.35 0.25 0.99
CA PRO A 83 13.30 1.65 0.58
C PRO A 83 14.09 1.90 -0.71
N GLU A 84 13.37 2.19 -1.79
CA GLU A 84 14.01 2.45 -3.08
C GLU A 84 13.62 3.82 -3.61
N VAL A 85 12.36 4.20 -3.39
CA VAL A 85 11.86 5.49 -3.85
C VAL A 85 10.85 6.06 -2.87
N SER A 86 10.60 7.36 -2.98
CA SER A 86 9.66 8.04 -2.09
C SER A 86 9.15 9.33 -2.72
N GLY A 87 7.87 9.33 -3.09
CA GLY A 87 7.28 10.52 -3.70
C GLY A 87 7.66 10.65 -5.17
N GLU A 88 6.77 10.24 -6.05
CA GLU A 88 7.01 10.33 -7.49
C GLU A 88 5.71 10.43 -8.26
N ASN A 89 5.81 10.73 -9.56
CA ASN A 89 4.63 10.86 -10.41
C ASN A 89 4.98 10.54 -11.86
N ILE A 90 4.10 9.78 -12.52
CA ILE A 90 4.31 9.41 -13.91
C ILE A 90 3.11 8.65 -14.47
N THR A 91 2.73 8.99 -15.70
CA THR A 91 1.59 8.34 -16.35
C THR A 91 1.95 7.88 -17.75
N LEU A 92 2.07 6.57 -17.94
CA LEU A 92 2.41 6.01 -19.24
C LEU A 92 2.37 4.49 -19.20
N ARG A 93 2.13 3.88 -20.35
CA ARG A 93 2.06 2.42 -20.45
C ARG A 93 2.81 1.93 -21.68
N ILE A 94 3.30 0.69 -21.62
CA ILE A 94 4.04 0.11 -22.72
C ILE A 94 3.51 -1.29 -23.05
N VAL A 95 3.75 -2.23 -22.16
CA VAL A 95 3.29 -3.61 -22.35
C VAL A 95 2.74 -4.19 -21.06
N ALA A 96 1.80 -5.12 -21.19
CA ALA A 96 1.18 -5.75 -20.03
C ALA A 96 2.15 -6.71 -19.35
N ASN A 97 2.25 -6.60 -18.03
CA ASN A 97 3.16 -7.46 -17.26
C ASN A 97 2.38 -8.28 -16.24
N PRO A 98 3.00 -9.37 -15.76
CA PRO A 98 2.38 -10.28 -14.79
C PRO A 98 2.25 -9.62 -13.41
N ASN A 99 1.86 -10.42 -12.42
CA ASN A 99 1.69 -9.92 -11.07
C ASN A 99 1.45 -11.07 -10.09
N ASP A 100 2.17 -11.06 -8.97
CA ASP A 100 2.03 -12.10 -7.96
C ASP A 100 1.93 -11.49 -6.56
N ALA A 101 0.91 -11.91 -5.81
CA ALA A 101 0.69 -11.41 -4.46
C ALA A 101 0.45 -12.56 -3.48
N ILE A 102 1.44 -12.81 -2.63
CA ILE A 102 1.34 -13.88 -1.65
C ILE A 102 0.85 -13.34 -0.31
N LYS A 103 1.64 -12.47 0.30
CA LYS A 103 1.28 -11.87 1.58
C LYS A 103 -0.11 -11.27 1.54
N VAL A 104 -0.65 -10.94 2.71
CA VAL A 104 -1.98 -10.36 2.80
C VAL A 104 -2.05 -9.33 3.93
N CYS A 105 -2.90 -8.32 3.75
CA CYS A 105 -3.06 -7.27 4.75
C CYS A 105 -3.34 -7.88 6.13
N GLU A 106 -4.39 -8.70 6.21
CA GLU A 106 -4.75 -9.33 7.47
C GLU A 106 -4.06 -10.69 7.62
#